data_6WRA
# 
_entry.id   6WRA 
# 
_audit_conform.dict_name       mmcif_pdbx.dic 
_audit_conform.dict_version    5.380 
_audit_conform.dict_location   http://mmcif.pdb.org/dictionaries/ascii/mmcif_pdbx.dic 
# 
loop_
_database_2.database_id 
_database_2.database_code 
_database_2.pdbx_database_accession 
_database_2.pdbx_DOI 
PDB   6WRA         pdb_00006wra 10.2210/pdb6wra/pdb 
WWPDB D_1000248858 ?            ?                   
# 
_pdbx_database_status.status_code                     REL 
_pdbx_database_status.status_code_sf                  REL 
_pdbx_database_status.status_code_mr                  ? 
_pdbx_database_status.entry_id                        6WRA 
_pdbx_database_status.recvd_initial_deposition_date   2020-04-29 
_pdbx_database_status.SG_entry                        N 
_pdbx_database_status.deposit_site                    RCSB 
_pdbx_database_status.process_site                    RCSB 
_pdbx_database_status.status_code_cs                  ? 
_pdbx_database_status.status_code_nmr_data            ? 
_pdbx_database_status.methods_development_category    ? 
_pdbx_database_status.pdb_format_compatible           Y 
# 
loop_
_audit_author.name 
_audit_author.pdbx_ordinal 
_audit_author.identifier_ORCID 
'Simmons, C.R.'      1 0000-0002-2290-6132 
'MacCulloch, T.'     2 0000-0001-5875-3361 
'Stephanopoulos, N.' 3 0000-0001-7859-410X 
'Yan, H.'            4 0000-0001-7397-9852 
# 
_citation.abstract                  ? 
_citation.abstract_id_CAS           ? 
_citation.book_id_ISBN              ? 
_citation.book_publisher            ? 
_citation.book_publisher_city       ? 
_citation.book_title                ? 
_citation.coordinate_linkage        ? 
_citation.country                   UK 
_citation.database_id_Medline       ? 
_citation.details                   ? 
_citation.id                        primary 
_citation.journal_abbrev            'Nat Commun' 
_citation.journal_id_ASTM           ? 
_citation.journal_id_CSD            ? 
_citation.journal_id_ISSN           2041-1723 
_citation.journal_full              ? 
_citation.journal_issue             ? 
_citation.journal_volume            13 
_citation.language                  ? 
_citation.page_first                3112 
_citation.page_last                 3112 
_citation.title                     'The influence of Holliday junction sequence and dynamics on DNA crystal self-assembly.' 
_citation.year                      2022 
_citation.database_id_CSD           ? 
_citation.pdbx_database_id_DOI      10.1038/s41467-022-30779-6 
_citation.pdbx_database_id_PubMed   35662248 
_citation.unpublished_flag          ? 
# 
loop_
_citation_author.citation_id 
_citation_author.name 
_citation_author.ordinal 
_citation_author.identifier_ORCID 
primary 'Simmons, C.R.'      1  ?                   
primary 'MacCulloch, T.'     2  ?                   
primary 'Krepl, M.'          3  0000-0002-9833-4281 
primary 'Matthies, M.'       4  ?                   
primary 'Buchberger, A.'     5  ?                   
primary 'Crawford, I.'       6  ?                   
primary 'Sponer, J.'         7  0000-0001-6558-6186 
primary 'Sulc, P.'           8  0000-0003-1565-6769 
primary 'Stephanopoulos, N.' 9  0000-0001-7859-410X 
primary 'Yan, H.'            10 0000-0001-7397-9852 
# 
_cell.angle_alpha                  90.000 
_cell.angle_alpha_esd              ? 
_cell.angle_beta                   90.000 
_cell.angle_beta_esd               ? 
_cell.angle_gamma                  120.000 
_cell.angle_gamma_esd              ? 
_cell.entry_id                     6WRA 
_cell.details                      ? 
_cell.formula_units_Z              ? 
_cell.length_a                     68.810 
_cell.length_a_esd                 ? 
_cell.length_b                     68.810 
_cell.length_b_esd                 ? 
_cell.length_c                     59.712 
_cell.length_c_esd                 ? 
_cell.volume                       ? 
_cell.volume_esd                   ? 
_cell.Z_PDB                        3 
_cell.reciprocal_angle_alpha       ? 
_cell.reciprocal_angle_beta        ? 
_cell.reciprocal_angle_gamma       ? 
_cell.reciprocal_angle_alpha_esd   ? 
_cell.reciprocal_angle_beta_esd    ? 
_cell.reciprocal_angle_gamma_esd   ? 
_cell.reciprocal_length_a          ? 
_cell.reciprocal_length_b          ? 
_cell.reciprocal_length_c          ? 
_cell.reciprocal_length_a_esd      ? 
_cell.reciprocal_length_b_esd      ? 
_cell.reciprocal_length_c_esd      ? 
_cell.pdbx_unique_axis             ? 
# 
_symmetry.entry_id                         6WRA 
_symmetry.cell_setting                     ? 
_symmetry.Int_Tables_number                145 
_symmetry.space_group_name_Hall            ? 
_symmetry.space_group_name_H-M             'P 32' 
_symmetry.pdbx_full_space_group_name_H-M   ? 
# 
loop_
_entity.id 
_entity.type 
_entity.src_method 
_entity.pdbx_description 
_entity.formula_weight 
_entity.pdbx_number_of_molecules 
_entity.pdbx_ec 
_entity.pdbx_mutation 
_entity.pdbx_fragment 
_entity.details 
1 polymer     syn 
;DNA (5'-D(*GP*AP*GP*CP*AP*GP*AP*CP*AP*AP*GP*AP*CP*TP*CP*CP*AP*CP*TP*CP*A)-3')
;
6410.177 1 ? ? ? ? 
2 polymer     syn 
;DNA (5'-D(P*AP*GP*TP*CP*T)-3')
;
1495.023 1 ? ? ? ? 
3 polymer     syn 
;DNA (5'-D(*TP*CP*TP*GP*AP*GP*TP*GP*G)-3')
;
2786.833 1 ? ? ? ? 
4 polymer     syn 
;DNA (5'-D(P*TP*GP*TP*CP*TP*GP*C)-3')
;
2104.396 1 ? ? ? ? 
5 non-polymer syn 'MAGNESIUM ION'                                                                 24.305   2 ? ? ? ? 
# 
loop_
_entity_poly.entity_id 
_entity_poly.type 
_entity_poly.nstd_linkage 
_entity_poly.nstd_monomer 
_entity_poly.pdbx_seq_one_letter_code 
_entity_poly.pdbx_seq_one_letter_code_can 
_entity_poly.pdbx_strand_id 
_entity_poly.pdbx_target_identifier 
1 polydeoxyribonucleotide no no 
;(DG)(DA)(DG)(DC)(DA)(DG)(DA)(DC)(DA)(DA)(DG)(DA)(DC)(DT)(DC)(DC)(DA)(DC)(DT)(DC)
(DA)
;
GAGCAGACAAGACTCCACTCA A ? 
2 polydeoxyribonucleotide no no '(DA)(DG)(DT)(DC)(DT)'                                                                  AGTCT B ? 
3 polydeoxyribonucleotide no no '(DT)(DC)(DT)(DG)(DA)(DG)(DT)(DG)(DG)'                                                  TCTGAGTGG 
C ? 
4 polydeoxyribonucleotide no no '(DT)(DG)(DT)(DC)(DT)(DG)(DC)'                                                          TGTCTGC D 
? 
# 
loop_
_entity_poly_seq.entity_id 
_entity_poly_seq.num 
_entity_poly_seq.mon_id 
_entity_poly_seq.hetero 
1 1  DG n 
1 2  DA n 
1 3  DG n 
1 4  DC n 
1 5  DA n 
1 6  DG n 
1 7  DA n 
1 8  DC n 
1 9  DA n 
1 10 DA n 
1 11 DG n 
1 12 DA n 
1 13 DC n 
1 14 DT n 
1 15 DC n 
1 16 DC n 
1 17 DA n 
1 18 DC n 
1 19 DT n 
1 20 DC n 
1 21 DA n 
2 1  DA n 
2 2  DG n 
2 3  DT n 
2 4  DC n 
2 5  DT n 
3 1  DT n 
3 2  DC n 
3 3  DT n 
3 4  DG n 
3 5  DA n 
3 6  DG n 
3 7  DT n 
3 8  DG n 
3 9  DG n 
4 1  DT n 
4 2  DG n 
4 3  DT n 
4 4  DC n 
4 5  DT n 
4 6  DG n 
4 7  DC n 
# 
loop_
_pdbx_entity_src_syn.entity_id 
_pdbx_entity_src_syn.pdbx_src_id 
_pdbx_entity_src_syn.pdbx_alt_source_flag 
_pdbx_entity_src_syn.pdbx_beg_seq_num 
_pdbx_entity_src_syn.pdbx_end_seq_num 
_pdbx_entity_src_syn.organism_scientific 
_pdbx_entity_src_syn.organism_common_name 
_pdbx_entity_src_syn.ncbi_taxonomy_id 
_pdbx_entity_src_syn.details 
1 1 sample 1 21 'synthetic construct' ? 32630 ? 
2 1 sample 1 5  'synthetic construct' ? 32630 ? 
3 1 sample 1 9  'synthetic construct' ? 32630 ? 
4 1 sample 1 7  'synthetic construct' ? 32630 ? 
# 
loop_
_struct_ref.id 
_struct_ref.db_name 
_struct_ref.db_code 
_struct_ref.pdbx_db_accession 
_struct_ref.pdbx_db_isoform 
_struct_ref.entity_id 
_struct_ref.pdbx_seq_one_letter_code 
_struct_ref.pdbx_align_begin 
1 PDB 6WRA 6WRA ? 1 ? 1 
2 PDB 6WRA 6WRA ? 2 ? 1 
3 PDB 6WRA 6WRA ? 3 ? 1 
4 PDB 6WRA 6WRA ? 4 ? 1 
# 
loop_
_struct_ref_seq.align_id 
_struct_ref_seq.ref_id 
_struct_ref_seq.pdbx_PDB_id_code 
_struct_ref_seq.pdbx_strand_id 
_struct_ref_seq.seq_align_beg 
_struct_ref_seq.pdbx_seq_align_beg_ins_code 
_struct_ref_seq.seq_align_end 
_struct_ref_seq.pdbx_seq_align_end_ins_code 
_struct_ref_seq.pdbx_db_accession 
_struct_ref_seq.db_align_beg 
_struct_ref_seq.pdbx_db_align_beg_ins_code 
_struct_ref_seq.db_align_end 
_struct_ref_seq.pdbx_db_align_end_ins_code 
_struct_ref_seq.pdbx_auth_seq_align_beg 
_struct_ref_seq.pdbx_auth_seq_align_end 
1 1 6WRA A 1 ? 21 ? 6WRA 1  ? 21 ? 1  21 
2 2 6WRA B 1 ? 5  ? 6WRA 1  ? 5  ? 1  5  
3 3 6WRA C 1 ? 9  ? 6WRA 1  ? 9  ? 1  9  
4 4 6WRA D 1 ? 7  ? 6WRA 10 ? 16 ? 10 16 
# 
loop_
_chem_comp.id 
_chem_comp.type 
_chem_comp.mon_nstd_flag 
_chem_comp.name 
_chem_comp.pdbx_synonyms 
_chem_comp.formula 
_chem_comp.formula_weight 
DA 'DNA linking' y "2'-DEOXYADENOSINE-5'-MONOPHOSPHATE" ? 'C10 H14 N5 O6 P' 331.222 
DC 'DNA linking' y "2'-DEOXYCYTIDINE-5'-MONOPHOSPHATE"  ? 'C9 H14 N3 O7 P'  307.197 
DG 'DNA linking' y "2'-DEOXYGUANOSINE-5'-MONOPHOSPHATE" ? 'C10 H14 N5 O7 P' 347.221 
DT 'DNA linking' y "THYMIDINE-5'-MONOPHOSPHATE"         ? 'C10 H15 N2 O8 P' 322.208 
MG non-polymer   . 'MAGNESIUM ION'                      ? 'Mg 2'            24.305  
# 
_exptl.absorpt_coefficient_mu     ? 
_exptl.absorpt_correction_T_max   ? 
_exptl.absorpt_correction_T_min   ? 
_exptl.absorpt_correction_type    ? 
_exptl.absorpt_process_details    ? 
_exptl.entry_id                   6WRA 
_exptl.crystals_number            1 
_exptl.details                    ? 
_exptl.method                     'X-RAY DIFFRACTION' 
_exptl.method_details             ? 
# 
_exptl_crystal.colour                      ? 
_exptl_crystal.density_diffrn              ? 
_exptl_crystal.density_Matthews            6.38 
_exptl_crystal.density_method              ? 
_exptl_crystal.density_percent_sol         80.71 
_exptl_crystal.description                 ? 
_exptl_crystal.F_000                       ? 
_exptl_crystal.id                          1 
_exptl_crystal.preparation                 ? 
_exptl_crystal.size_max                    ? 
_exptl_crystal.size_mid                    ? 
_exptl_crystal.size_min                    ? 
_exptl_crystal.size_rad                    ? 
_exptl_crystal.colour_lustre               ? 
_exptl_crystal.colour_modifier             ? 
_exptl_crystal.colour_primary              ? 
_exptl_crystal.density_meas                ? 
_exptl_crystal.density_meas_esd            ? 
_exptl_crystal.density_meas_gt             ? 
_exptl_crystal.density_meas_lt             ? 
_exptl_crystal.density_meas_temp           ? 
_exptl_crystal.density_meas_temp_esd       ? 
_exptl_crystal.density_meas_temp_gt        ? 
_exptl_crystal.density_meas_temp_lt        ? 
_exptl_crystal.pdbx_crystal_image_url      ? 
_exptl_crystal.pdbx_crystal_image_format   ? 
_exptl_crystal.pdbx_mosaicity              ? 
_exptl_crystal.pdbx_mosaicity_esd          ? 
# 
_exptl_crystal_grow.apparatus       ? 
_exptl_crystal_grow.atmosphere      ? 
_exptl_crystal_grow.crystal_id      1 
_exptl_crystal_grow.details         ? 
_exptl_crystal_grow.method          'VAPOR DIFFUSION, SITTING DROP' 
_exptl_crystal_grow.method_ref      ? 
_exptl_crystal_grow.pH              ? 
_exptl_crystal_grow.pressure        ? 
_exptl_crystal_grow.pressure_esd    ? 
_exptl_crystal_grow.seeding         ? 
_exptl_crystal_grow.seeding_ref     ? 
_exptl_crystal_grow.temp            298 
_exptl_crystal_grow.temp_details    'temperature gradient generated from 60 to 25 C at 0.3 degrees per hour' 
_exptl_crystal_grow.temp_esd        ? 
_exptl_crystal_grow.time            ? 
_exptl_crystal_grow.pdbx_details    
;0.5 mL of 0.05 M HEPES pH 7.5 with 20 mM MgCl2, 1.0 mM spermine, and 5% PEG 8000
 was added to the reservoir with 2 uL added to the drop containing 4 uL of DNA stock
;
_exptl_crystal_grow.pdbx_pH_range   ? 
# 
_diffrn.ambient_environment              ? 
_diffrn.ambient_temp                     100 
_diffrn.ambient_temp_details             ? 
_diffrn.ambient_temp_esd                 ? 
_diffrn.crystal_id                       1 
_diffrn.crystal_support                  ? 
_diffrn.crystal_treatment                ? 
_diffrn.details                          ? 
_diffrn.id                               1 
_diffrn.ambient_pressure                 ? 
_diffrn.ambient_pressure_esd             ? 
_diffrn.ambient_pressure_gt              ? 
_diffrn.ambient_pressure_lt              ? 
_diffrn.ambient_temp_gt                  ? 
_diffrn.ambient_temp_lt                  ? 
_diffrn.pdbx_serial_crystal_experiment   N 
# 
_diffrn_detector.details                      ? 
_diffrn_detector.detector                     PIXEL 
_diffrn_detector.diffrn_id                    1 
_diffrn_detector.type                         'DECTRIS PILATUS3 6M' 
_diffrn_detector.area_resol_mean              ? 
_diffrn_detector.dtime                        ? 
_diffrn_detector.pdbx_frames_total            ? 
_diffrn_detector.pdbx_collection_time_total   ? 
_diffrn_detector.pdbx_collection_date         2017-10-15 
_diffrn_detector.pdbx_frequency               ? 
# 
_diffrn_radiation.collimation                      ? 
_diffrn_radiation.diffrn_id                        1 
_diffrn_radiation.filter_edge                      ? 
_diffrn_radiation.inhomogeneity                    ? 
_diffrn_radiation.monochromator                    ? 
_diffrn_radiation.polarisn_norm                    ? 
_diffrn_radiation.polarisn_ratio                   ? 
_diffrn_radiation.probe                            ? 
_diffrn_radiation.type                             ? 
_diffrn_radiation.xray_symbol                      ? 
_diffrn_radiation.wavelength_id                    1 
_diffrn_radiation.pdbx_monochromatic_or_laue_m_l   M 
_diffrn_radiation.pdbx_wavelength_list             ? 
_diffrn_radiation.pdbx_wavelength                  ? 
_diffrn_radiation.pdbx_diffrn_protocol             'SINGLE WAVELENGTH' 
_diffrn_radiation.pdbx_analyzer                    ? 
_diffrn_radiation.pdbx_scattering_type             x-ray 
# 
_diffrn_radiation_wavelength.id           1 
_diffrn_radiation_wavelength.wavelength   0.98 
_diffrn_radiation_wavelength.wt           1.0 
# 
_diffrn_source.current                     ? 
_diffrn_source.details                     ? 
_diffrn_source.diffrn_id                   1 
_diffrn_source.power                       ? 
_diffrn_source.size                        ? 
_diffrn_source.source                      SYNCHROTRON 
_diffrn_source.target                      ? 
_diffrn_source.type                        'APS BEAMLINE 19-ID' 
_diffrn_source.voltage                     ? 
_diffrn_source.take-off_angle              ? 
_diffrn_source.pdbx_wavelength_list        0.98 
_diffrn_source.pdbx_wavelength             ? 
_diffrn_source.pdbx_synchrotron_beamline   19-ID 
_diffrn_source.pdbx_synchrotron_site       APS 
# 
_reflns.B_iso_Wilson_estimate            ? 
_reflns.entry_id                         6WRA 
_reflns.data_reduction_details           ? 
_reflns.data_reduction_method            ? 
_reflns.d_resolution_high                3.000 
_reflns.d_resolution_low                 50.000 
_reflns.details                          ? 
_reflns.limit_h_max                      ? 
_reflns.limit_h_min                      ? 
_reflns.limit_k_max                      ? 
_reflns.limit_k_min                      ? 
_reflns.limit_l_max                      ? 
_reflns.limit_l_min                      ? 
_reflns.number_all                       ? 
_reflns.number_obs                       6287 
_reflns.observed_criterion               ? 
_reflns.observed_criterion_F_max         ? 
_reflns.observed_criterion_F_min         ? 
_reflns.observed_criterion_I_max         ? 
_reflns.observed_criterion_I_min         ? 
_reflns.observed_criterion_sigma_F       ? 
_reflns.observed_criterion_sigma_I       ? 
_reflns.percent_possible_obs             99.400 
_reflns.R_free_details                   ? 
_reflns.Rmerge_F_all                     ? 
_reflns.Rmerge_F_obs                     ? 
_reflns.Friedel_coverage                 ? 
_reflns.number_gt                        ? 
_reflns.threshold_expression             ? 
_reflns.pdbx_redundancy                  5.800 
_reflns.pdbx_Rmerge_I_obs                0.131 
_reflns.pdbx_Rmerge_I_all                ? 
_reflns.pdbx_Rsym_value                  ? 
_reflns.pdbx_netI_over_av_sigmaI         ? 
_reflns.pdbx_netI_over_sigmaI            8.800 
_reflns.pdbx_res_netI_over_av_sigmaI_2   ? 
_reflns.pdbx_res_netI_over_sigmaI_2      ? 
_reflns.pdbx_chi_squared                 1.742 
_reflns.pdbx_scaling_rejects             ? 
_reflns.pdbx_d_res_high_opt              ? 
_reflns.pdbx_d_res_low_opt               ? 
_reflns.pdbx_d_res_opt_method            ? 
_reflns.phase_calculation_details        ? 
_reflns.pdbx_Rrim_I_all                  0.144 
_reflns.pdbx_Rpim_I_all                  0.059 
_reflns.pdbx_d_opt                       ? 
_reflns.pdbx_number_measured_all         ? 
_reflns.pdbx_diffrn_id                   1 
_reflns.pdbx_ordinal                     1 
_reflns.pdbx_CC_half                     0.911 
_reflns.pdbx_CC_star                     ? 
_reflns.pdbx_R_split                     ? 
# 
loop_
_reflns_shell.d_res_high 
_reflns_shell.d_res_low 
_reflns_shell.meanI_over_sigI_all 
_reflns_shell.meanI_over_sigI_obs 
_reflns_shell.number_measured_all 
_reflns_shell.number_measured_obs 
_reflns_shell.number_possible 
_reflns_shell.number_unique_all 
_reflns_shell.number_unique_obs 
_reflns_shell.percent_possible_all 
_reflns_shell.percent_possible_obs 
_reflns_shell.Rmerge_F_all 
_reflns_shell.Rmerge_F_obs 
_reflns_shell.Rmerge_I_all 
_reflns_shell.Rmerge_I_obs 
_reflns_shell.meanI_over_sigI_gt 
_reflns_shell.meanI_over_uI_all 
_reflns_shell.meanI_over_uI_gt 
_reflns_shell.number_measured_gt 
_reflns_shell.number_unique_gt 
_reflns_shell.percent_possible_gt 
_reflns_shell.Rmerge_F_gt 
_reflns_shell.Rmerge_I_gt 
_reflns_shell.pdbx_redundancy 
_reflns_shell.pdbx_Rsym_value 
_reflns_shell.pdbx_chi_squared 
_reflns_shell.pdbx_netI_over_sigmaI_all 
_reflns_shell.pdbx_netI_over_sigmaI_obs 
_reflns_shell.pdbx_Rrim_I_all 
_reflns_shell.pdbx_Rpim_I_all 
_reflns_shell.pdbx_rejects 
_reflns_shell.pdbx_ordinal 
_reflns_shell.pdbx_diffrn_id 
_reflns_shell.pdbx_CC_half 
_reflns_shell.pdbx_CC_star 
_reflns_shell.pdbx_R_split 
3.000 3.050  ? ? ? ? ? ? 281 95.600  ? ? ? ? 0.747 ? ? ? ? ? ? ? ? 4.700 ? 0.518 ? ? 0.825 0.343 ? 1  1 0.915 ? ? 
3.050 3.110  ? ? ? ? ? ? 309 96.600  ? ? ? ? 0.318 ? ? ? ? ? ? ? ? 4.900 ? 0.603 ? ? 0.351 0.145 ? 2  1 0.980 ? ? 
3.110 3.170  ? ? ? ? ? ? 300 97.700  ? ? ? ? 0.202 ? ? ? ? ? ? ? ? 4.900 ? 0.790 ? ? 0.222 0.091 ? 3  1 0.992 ? ? 
3.170 3.230  ? ? ? ? ? ? 330 100.000 ? ? ? ? 0.131 ? ? ? ? ? ? ? ? 4.800 ? 1.135 ? ? 0.148 0.067 ? 4  1 0.989 ? ? 
3.230 3.300  ? ? ? ? ? ? 322 99.400  ? ? ? ? 0.163 ? ? ? ? ? ? ? ? 5.000 ? 1.314 ? ? 0.187 0.089 ? 5  1 0.980 ? ? 
3.300 3.380  ? ? ? ? ? ? 304 100.000 ? ? ? ? 0.160 ? ? ? ? ? ? ? ? 6.000 ? 1.224 ? ? 0.174 0.069 ? 6  1 0.990 ? ? 
3.380 3.460  ? ? ? ? ? ? 311 100.000 ? ? ? ? 0.178 ? ? ? ? ? ? ? ? 5.900 ? 2.321 ? ? 0.197 0.084 ? 7  1 0.988 ? ? 
3.460 3.560  ? ? ? ? ? ? 330 100.000 ? ? ? ? 0.156 ? ? ? ? ? ? ? ? 6.200 ? 1.139 ? ? 0.170 0.067 ? 8  1 0.994 ? ? 
3.560 3.660  ? ? ? ? ? ? 316 100.000 ? ? ? ? 0.224 ? ? ? ? ? ? ? ? 6.000 ? 1.660 ? ? 0.245 0.100 ? 9  1 0.991 ? ? 
3.660 3.780  ? ? ? ? ? ? 310 100.000 ? ? ? ? 0.181 ? ? ? ? ? ? ? ? 6.100 ? 1.379 ? ? 0.198 0.079 ? 10 1 0.988 ? ? 
3.780 3.910  ? ? ? ? ? ? 337 100.000 ? ? ? ? 0.200 ? ? ? ? ? ? ? ? 5.800 ? 2.393 ? ? 0.218 0.087 ? 11 1 0.990 ? ? 
3.910 4.070  ? ? ? ? ? ? 304 100.000 ? ? ? ? 0.125 ? ? ? ? ? ? ? ? 5.500 ? 1.983 ? ? 0.138 0.058 ? 12 1 0.990 ? ? 
4.070 4.260  ? ? ? ? ? ? 327 100.000 ? ? ? ? 0.118 ? ? ? ? ? ? ? ? 6.300 ? 2.058 ? ? 0.129 0.051 ? 13 1 0.988 ? ? 
4.260 4.480  ? ? ? ? ? ? 298 100.000 ? ? ? ? 0.113 ? ? ? ? ? ? ? ? 6.300 ? 2.295 ? ? 0.123 0.048 ? 14 1 0.991 ? ? 
4.480 4.760  ? ? ? ? ? ? 333 99.700  ? ? ? ? 0.102 ? ? ? ? ? ? ? ? 6.200 ? 2.060 ? ? 0.111 0.044 ? 15 1 0.991 ? ? 
4.760 5.130  ? ? ? ? ? ? 307 100.000 ? ? ? ? 0.101 ? ? ? ? ? ? ? ? 6.000 ? 2.739 ? ? 0.111 0.046 ? 16 1 0.986 ? ? 
5.130 5.640  ? ? ? ? ? ? 332 100.000 ? ? ? ? 0.090 ? ? ? ? ? ? ? ? 5.900 ? 3.062 ? ? 0.098 0.039 ? 17 1 0.993 ? ? 
5.640 6.460  ? ? ? ? ? ? 293 100.000 ? ? ? ? 0.098 ? ? ? ? ? ? ? ? 6.400 ? 2.149 ? ? 0.106 0.041 ? 18 1 0.989 ? ? 
6.460 8.130  ? ? ? ? ? ? 319 99.400  ? ? ? ? 0.088 ? ? ? ? ? ? ? ? 5.900 ? 2.601 ? ? 0.097 0.040 ? 19 1 0.989 ? ? 
8.130 50.000 ? ? ? ? ? ? 324 98.800  ? ? ? ? 0.138 ? ? ? ? ? ? ? ? 6.000 ? 0.329 ? ? 0.152 0.063 ? 20 1 0.938 ? ? 
# 
_refine.aniso_B[1][1]                            -2.8800 
_refine.aniso_B[1][2]                            -1.4400 
_refine.aniso_B[1][3]                            0.0000 
_refine.aniso_B[2][2]                            -2.8800 
_refine.aniso_B[2][3]                            0.0000 
_refine.aniso_B[3][3]                            9.3300 
_refine.B_iso_max                                239.080 
_refine.B_iso_mean                               96.4770 
_refine.B_iso_min                                41.260 
_refine.correlation_coeff_Fo_to_Fc               0.9600 
_refine.correlation_coeff_Fo_to_Fc_free          0.9640 
_refine.details                                  
'HYDROGENS HAVE BEEN ADDED IN THE RIDING POSITIONS U VALUES      : REFINED INDIVIDUALLY' 
_refine.diff_density_max                         ? 
_refine.diff_density_max_esd                     ? 
_refine.diff_density_min                         ? 
_refine.diff_density_min_esd                     ? 
_refine.diff_density_rms                         ? 
_refine.diff_density_rms_esd                     ? 
_refine.entry_id                                 6WRA 
_refine.pdbx_refine_id                           'X-RAY DIFFRACTION' 
_refine.ls_abs_structure_details                 ? 
_refine.ls_abs_structure_Flack                   ? 
_refine.ls_abs_structure_Flack_esd               ? 
_refine.ls_abs_structure_Rogers                  ? 
_refine.ls_abs_structure_Rogers_esd              ? 
_refine.ls_d_res_high                            3.0000 
_refine.ls_d_res_low                             50 
_refine.ls_extinction_coef                       ? 
_refine.ls_extinction_coef_esd                   ? 
_refine.ls_extinction_expression                 ? 
_refine.ls_extinction_method                     ? 
_refine.ls_goodness_of_fit_all                   ? 
_refine.ls_goodness_of_fit_all_esd               ? 
_refine.ls_goodness_of_fit_obs                   ? 
_refine.ls_goodness_of_fit_obs_esd               ? 
_refine.ls_hydrogen_treatment                    ? 
_refine.ls_matrix_type                           ? 
_refine.ls_number_constraints                    ? 
_refine.ls_number_parameters                     ? 
_refine.ls_number_reflns_all                     ? 
_refine.ls_number_reflns_obs                     5787 
_refine.ls_number_reflns_R_free                  311 
_refine.ls_number_reflns_R_work                  ? 
_refine.ls_number_restraints                     ? 
_refine.ls_percent_reflns_obs                    96.5800 
_refine.ls_percent_reflns_R_free                 5.1000 
_refine.ls_R_factor_all                          ? 
_refine.ls_R_factor_obs                          0.2079 
_refine.ls_R_factor_R_free                       0.2351 
_refine.ls_R_factor_R_free_error                 ? 
_refine.ls_R_factor_R_free_error_details         ? 
_refine.ls_R_factor_R_work                       0.2064 
_refine.ls_R_Fsqd_factor_obs                     ? 
_refine.ls_R_I_factor_obs                        ? 
_refine.ls_redundancy_reflns_all                 ? 
_refine.ls_redundancy_reflns_obs                 ? 
_refine.ls_restrained_S_all                      ? 
_refine.ls_restrained_S_obs                      ? 
_refine.ls_shift_over_esd_max                    ? 
_refine.ls_shift_over_esd_mean                   ? 
_refine.ls_structure_factor_coef                 ? 
_refine.ls_weighting_details                     ? 
_refine.ls_weighting_scheme                      ? 
_refine.ls_wR_factor_all                         ? 
_refine.ls_wR_factor_obs                         ? 
_refine.ls_wR_factor_R_free                      ? 
_refine.ls_wR_factor_R_work                      ? 
_refine.occupancy_max                            ? 
_refine.occupancy_min                            ? 
_refine.solvent_model_details                    ? 
_refine.solvent_model_param_bsol                 ? 
_refine.solvent_model_param_ksol                 ? 
_refine.pdbx_R_complete                          ? 
_refine.ls_R_factor_gt                           ? 
_refine.ls_goodness_of_fit_gt                    ? 
_refine.ls_goodness_of_fit_ref                   ? 
_refine.ls_shift_over_su_max                     ? 
_refine.ls_shift_over_su_max_lt                  ? 
_refine.ls_shift_over_su_mean                    ? 
_refine.ls_shift_over_su_mean_lt                 ? 
_refine.pdbx_ls_sigma_I                          ? 
_refine.pdbx_ls_sigma_F                          0.000 
_refine.pdbx_ls_sigma_Fsqd                       ? 
_refine.pdbx_data_cutoff_high_absF               ? 
_refine.pdbx_data_cutoff_high_rms_absF           ? 
_refine.pdbx_data_cutoff_low_absF                ? 
_refine.pdbx_isotropic_thermal_model             ? 
_refine.pdbx_ls_cross_valid_method               THROUGHOUT 
_refine.pdbx_method_to_determine_struct          'MOLECULAR REPLACEMENT' 
_refine.pdbx_starting_model                      5KEK 
_refine.pdbx_stereochemistry_target_values       ? 
_refine.pdbx_R_Free_selection_details            RANDOM 
_refine.pdbx_stereochem_target_val_spec_case     ? 
_refine.pdbx_overall_ESU_R                       0.3840 
_refine.pdbx_overall_ESU_R_Free                  0.2800 
_refine.pdbx_solvent_vdw_probe_radii             1.2000 
_refine.pdbx_solvent_ion_probe_radii             0.8000 
_refine.pdbx_solvent_shrinkage_radii             0.8000 
_refine.pdbx_real_space_R                        ? 
_refine.pdbx_density_correlation                 ? 
_refine.pdbx_pd_number_of_powder_patterns        ? 
_refine.pdbx_pd_number_of_points                 ? 
_refine.pdbx_pd_meas_number_of_points            ? 
_refine.pdbx_pd_proc_ls_prof_R_factor            ? 
_refine.pdbx_pd_proc_ls_prof_wR_factor           ? 
_refine.pdbx_pd_Marquardt_correlation_coeff      ? 
_refine.pdbx_pd_Fsqrd_R_factor                   ? 
_refine.pdbx_pd_ls_matrix_band_width             ? 
_refine.pdbx_overall_phase_error                 ? 
_refine.pdbx_overall_SU_R_free_Cruickshank_DPI   ? 
_refine.pdbx_overall_SU_R_free_Blow_DPI          ? 
_refine.pdbx_overall_SU_R_Blow_DPI               ? 
_refine.pdbx_TLS_residual_ADP_flag               ? 
_refine.pdbx_diffrn_id                           1 
_refine.overall_SU_B                             13.7840 
_refine.overall_SU_ML                            0.2460 
_refine.overall_SU_R_Cruickshank_DPI             ? 
_refine.overall_SU_R_free                        ? 
_refine.overall_FOM_free_R_set                   ? 
_refine.overall_FOM_work_R_set                   ? 
_refine.pdbx_average_fsc_overall                 ? 
_refine.pdbx_average_fsc_work                    ? 
_refine.pdbx_average_fsc_free                    ? 
# 
_refine_hist.pdbx_refine_id                   'X-RAY DIFFRACTION' 
_refine_hist.cycle_id                         final 
_refine_hist.details                          ? 
_refine_hist.d_res_high                       3.0000 
_refine_hist.d_res_low                        50 
_refine_hist.number_atoms_solvent             0 
_refine_hist.number_atoms_total               857 
_refine_hist.number_reflns_all                ? 
_refine_hist.number_reflns_obs                ? 
_refine_hist.number_reflns_R_free             ? 
_refine_hist.number_reflns_R_work             ? 
_refine_hist.R_factor_all                     ? 
_refine_hist.R_factor_obs                     ? 
_refine_hist.R_factor_R_free                  ? 
_refine_hist.R_factor_R_work                  ? 
_refine_hist.pdbx_number_residues_total       42 
_refine_hist.pdbx_B_iso_mean_ligand           74.24 
_refine_hist.pdbx_B_iso_mean_solvent          ? 
_refine_hist.pdbx_number_atoms_protein        0 
_refine_hist.pdbx_number_atoms_nucleic_acid   855 
_refine_hist.pdbx_number_atoms_ligand         2 
_refine_hist.pdbx_number_atoms_lipid          ? 
_refine_hist.pdbx_number_atoms_carb           ? 
_refine_hist.pdbx_pseudo_atom_details         ? 
# 
_refine_ls_shell.pdbx_refine_id                   'X-RAY DIFFRACTION' 
_refine_ls_shell.d_res_high                       3.0010 
_refine_ls_shell.d_res_low                        3.0790 
_refine_ls_shell.number_reflns_all                418 
_refine_ls_shell.number_reflns_obs                ? 
_refine_ls_shell.number_reflns_R_free             22 
_refine_ls_shell.number_reflns_R_work             396 
_refine_ls_shell.percent_reflns_obs               94.1400 
_refine_ls_shell.percent_reflns_R_free            ? 
_refine_ls_shell.R_factor_all                     ? 
_refine_ls_shell.R_factor_obs                     ? 
_refine_ls_shell.R_factor_R_free                  0.4170 
_refine_ls_shell.R_factor_R_free_error            0.0000 
_refine_ls_shell.R_factor_R_work                  0.3240 
_refine_ls_shell.redundancy_reflns_all            ? 
_refine_ls_shell.redundancy_reflns_obs            ? 
_refine_ls_shell.wR_factor_all                    ? 
_refine_ls_shell.wR_factor_obs                    ? 
_refine_ls_shell.wR_factor_R_free                 ? 
_refine_ls_shell.wR_factor_R_work                 ? 
_refine_ls_shell.pdbx_R_complete                  ? 
_refine_ls_shell.pdbx_total_number_of_bins_used   20 
_refine_ls_shell.pdbx_phase_error                 ? 
_refine_ls_shell.pdbx_fsc_work                    ? 
_refine_ls_shell.pdbx_fsc_free                    ? 
# 
_struct.entry_id                     6WRA 
_struct.title                        
'Self-assembly of a 3D DNA crystal lattice (4x5 duplex version) containing the J34 immobile Holliday junction' 
_struct.pdbx_model_details           ? 
_struct.pdbx_formula_weight          ? 
_struct.pdbx_formula_weight_method   ? 
_struct.pdbx_model_type_details      ? 
_struct.pdbx_CASP_flag               N 
# 
_struct_keywords.entry_id        6WRA 
_struct_keywords.text            
'Structural DNA nanotechnology, immobile Holliday junctions, 3D DNA self-assembly, designer DNA crystals, DNA' 
_struct_keywords.pdbx_keywords   DNA 
# 
loop_
_struct_asym.id 
_struct_asym.pdbx_blank_PDB_chainid_flag 
_struct_asym.pdbx_modified 
_struct_asym.entity_id 
_struct_asym.details 
A N N 1 ? 
B N N 2 ? 
C N N 3 ? 
D N N 4 ? 
E N N 5 ? 
F N N 5 ? 
# 
loop_
_struct_conn.id 
_struct_conn.conn_type_id 
_struct_conn.pdbx_leaving_atom_flag 
_struct_conn.pdbx_PDB_id 
_struct_conn.ptnr1_label_asym_id 
_struct_conn.ptnr1_label_comp_id 
_struct_conn.ptnr1_label_seq_id 
_struct_conn.ptnr1_label_atom_id 
_struct_conn.pdbx_ptnr1_label_alt_id 
_struct_conn.pdbx_ptnr1_PDB_ins_code 
_struct_conn.pdbx_ptnr1_standard_comp_id 
_struct_conn.ptnr1_symmetry 
_struct_conn.ptnr2_label_asym_id 
_struct_conn.ptnr2_label_comp_id 
_struct_conn.ptnr2_label_seq_id 
_struct_conn.ptnr2_label_atom_id 
_struct_conn.pdbx_ptnr2_label_alt_id 
_struct_conn.pdbx_ptnr2_PDB_ins_code 
_struct_conn.ptnr1_auth_asym_id 
_struct_conn.ptnr1_auth_comp_id 
_struct_conn.ptnr1_auth_seq_id 
_struct_conn.ptnr2_auth_asym_id 
_struct_conn.ptnr2_auth_comp_id 
_struct_conn.ptnr2_auth_seq_id 
_struct_conn.ptnr2_symmetry 
_struct_conn.pdbx_ptnr3_label_atom_id 
_struct_conn.pdbx_ptnr3_label_seq_id 
_struct_conn.pdbx_ptnr3_label_comp_id 
_struct_conn.pdbx_ptnr3_label_asym_id 
_struct_conn.pdbx_ptnr3_label_alt_id 
_struct_conn.pdbx_ptnr3_PDB_ins_code 
_struct_conn.details 
_struct_conn.pdbx_dist_value 
_struct_conn.pdbx_value_order 
_struct_conn.pdbx_role 
hydrog1  hydrog ? ? A DG 3  O6 ? ? ? 1_555 D DC 7 N4 ? ? A DG 3  D DC 16 1_555 ? ? ? ? ? ? 'DG-DC PAIR' ? ? ? 
hydrog2  hydrog ? ? A DC 4  N3 ? ? ? 1_555 D DG 6 N1 ? ? A DC 4  D DG 15 1_555 ? ? ? ? ? ? WATSON-CRICK ? ? ? 
hydrog3  hydrog ? ? A DC 4  N4 ? ? ? 1_555 D DG 6 O6 ? ? A DC 4  D DG 15 1_555 ? ? ? ? ? ? WATSON-CRICK ? ? ? 
hydrog4  hydrog ? ? A DC 4  O2 ? ? ? 1_555 D DG 6 N2 ? ? A DC 4  D DG 15 1_555 ? ? ? ? ? ? WATSON-CRICK ? ? ? 
hydrog5  hydrog ? ? A DA 5  N1 ? ? ? 1_555 D DT 5 N3 ? ? A DA 5  D DT 14 1_555 ? ? ? ? ? ? WATSON-CRICK ? ? ? 
hydrog6  hydrog ? ? A DA 5  N6 ? ? ? 1_555 D DT 5 O4 ? ? A DA 5  D DT 14 1_555 ? ? ? ? ? ? WATSON-CRICK ? ? ? 
hydrog7  hydrog ? ? A DG 6  N1 ? ? ? 1_555 D DC 4 N3 ? ? A DG 6  D DC 13 1_555 ? ? ? ? ? ? WATSON-CRICK ? ? ? 
hydrog8  hydrog ? ? A DG 6  N2 ? ? ? 1_555 D DC 4 O2 ? ? A DG 6  D DC 13 1_555 ? ? ? ? ? ? WATSON-CRICK ? ? ? 
hydrog9  hydrog ? ? A DG 6  O6 ? ? ? 1_555 D DC 4 N4 ? ? A DG 6  D DC 13 1_555 ? ? ? ? ? ? WATSON-CRICK ? ? ? 
hydrog10 hydrog ? ? A DA 7  N1 ? ? ? 1_555 D DT 3 N3 ? ? A DA 7  D DT 12 1_555 ? ? ? ? ? ? WATSON-CRICK ? ? ? 
hydrog11 hydrog ? ? A DA 7  N6 ? ? ? 1_555 D DT 3 O4 ? ? A DA 7  D DT 12 1_555 ? ? ? ? ? ? WATSON-CRICK ? ? ? 
hydrog12 hydrog ? ? A DC 8  N3 ? ? ? 1_555 D DG 2 N1 ? ? A DC 8  D DG 11 1_555 ? ? ? ? ? ? WATSON-CRICK ? ? ? 
hydrog13 hydrog ? ? A DC 8  N4 ? ? ? 1_555 D DG 2 O6 ? ? A DC 8  D DG 11 1_555 ? ? ? ? ? ? WATSON-CRICK ? ? ? 
hydrog14 hydrog ? ? A DC 8  O2 ? ? ? 1_555 D DG 2 N2 ? ? A DC 8  D DG 11 1_555 ? ? ? ? ? ? WATSON-CRICK ? ? ? 
hydrog15 hydrog ? ? A DA 9  N1 ? ? ? 1_555 D DT 1 N3 ? ? A DA 9  D DT 10 1_555 ? ? ? ? ? ? WATSON-CRICK ? ? ? 
hydrog16 hydrog ? ? A DA 9  N6 ? ? ? 1_555 D DT 1 O4 ? ? A DA 9  D DT 10 1_555 ? ? ? ? ? ? WATSON-CRICK ? ? ? 
hydrog17 hydrog ? ? A DA 10 N1 ? ? ? 1_555 B DT 5 N3 ? ? A DA 10 B DT 5  1_555 ? ? ? ? ? ? WATSON-CRICK ? ? ? 
hydrog18 hydrog ? ? A DA 10 N6 ? ? ? 1_555 B DT 5 O4 ? ? A DA 10 B DT 5  1_555 ? ? ? ? ? ? WATSON-CRICK ? ? ? 
hydrog19 hydrog ? ? A DG 11 N1 ? ? ? 1_555 B DC 4 N3 ? ? A DG 11 B DC 4  1_555 ? ? ? ? ? ? WATSON-CRICK ? ? ? 
hydrog20 hydrog ? ? A DG 11 N2 ? ? ? 1_555 B DC 4 O2 ? ? A DG 11 B DC 4  1_555 ? ? ? ? ? ? WATSON-CRICK ? ? ? 
hydrog21 hydrog ? ? A DG 11 O6 ? ? ? 1_555 B DC 4 N4 ? ? A DG 11 B DC 4  1_555 ? ? ? ? ? ? WATSON-CRICK ? ? ? 
hydrog22 hydrog ? ? A DA 12 N1 ? ? ? 1_555 B DT 3 N3 ? ? A DA 12 B DT 3  1_555 ? ? ? ? ? ? WATSON-CRICK ? ? ? 
hydrog23 hydrog ? ? A DA 12 N6 ? ? ? 1_555 B DT 3 O4 ? ? A DA 12 B DT 3  1_555 ? ? ? ? ? ? WATSON-CRICK ? ? ? 
hydrog24 hydrog ? ? A DC 13 N3 ? ? ? 1_555 B DG 2 N1 ? ? A DC 13 B DG 2  1_555 ? ? ? ? ? ? WATSON-CRICK ? ? ? 
hydrog25 hydrog ? ? A DC 13 N4 ? ? ? 1_555 B DG 2 O6 ? ? A DC 13 B DG 2  1_555 ? ? ? ? ? ? WATSON-CRICK ? ? ? 
hydrog26 hydrog ? ? A DC 13 O2 ? ? ? 1_555 B DG 2 N2 ? ? A DC 13 B DG 2  1_555 ? ? ? ? ? ? WATSON-CRICK ? ? ? 
hydrog27 hydrog ? ? A DT 14 N3 ? ? ? 1_555 B DA 1 N1 ? ? A DT 14 B DA 1  1_555 ? ? ? ? ? ? WATSON-CRICK ? ? ? 
hydrog28 hydrog ? ? A DT 14 O4 ? ? ? 1_555 B DA 1 N6 ? ? A DT 14 B DA 1  1_555 ? ? ? ? ? ? WATSON-CRICK ? ? ? 
hydrog29 hydrog ? ? A DC 15 N3 ? ? ? 1_555 C DG 9 N1 ? ? A DC 15 C DG 9  1_555 ? ? ? ? ? ? WATSON-CRICK ? ? ? 
hydrog30 hydrog ? ? A DC 15 N4 ? ? ? 1_555 C DG 9 O6 ? ? A DC 15 C DG 9  1_555 ? ? ? ? ? ? WATSON-CRICK ? ? ? 
hydrog31 hydrog ? ? A DC 15 O2 ? ? ? 1_555 C DG 9 N2 ? ? A DC 15 C DG 9  1_555 ? ? ? ? ? ? WATSON-CRICK ? ? ? 
hydrog32 hydrog ? ? A DC 16 N3 ? ? ? 1_555 C DG 8 N1 ? ? A DC 16 C DG 8  1_555 ? ? ? ? ? ? WATSON-CRICK ? ? ? 
hydrog33 hydrog ? ? A DC 16 N4 ? ? ? 1_555 C DG 8 O6 ? ? A DC 16 C DG 8  1_555 ? ? ? ? ? ? WATSON-CRICK ? ? ? 
hydrog34 hydrog ? ? A DC 16 O2 ? ? ? 1_555 C DG 8 N2 ? ? A DC 16 C DG 8  1_555 ? ? ? ? ? ? WATSON-CRICK ? ? ? 
hydrog35 hydrog ? ? A DA 17 N1 ? ? ? 1_555 C DT 7 N3 ? ? A DA 17 C DT 7  1_555 ? ? ? ? ? ? WATSON-CRICK ? ? ? 
hydrog36 hydrog ? ? A DA 17 N6 ? ? ? 1_555 C DT 7 O4 ? ? A DA 17 C DT 7  1_555 ? ? ? ? ? ? WATSON-CRICK ? ? ? 
hydrog37 hydrog ? ? A DC 18 N3 ? ? ? 1_555 C DG 6 N1 ? ? A DC 18 C DG 6  1_555 ? ? ? ? ? ? WATSON-CRICK ? ? ? 
hydrog38 hydrog ? ? A DC 18 N4 ? ? ? 1_555 C DG 6 O6 ? ? A DC 18 C DG 6  1_555 ? ? ? ? ? ? WATSON-CRICK ? ? ? 
hydrog39 hydrog ? ? A DC 18 O2 ? ? ? 1_555 C DG 6 N2 ? ? A DC 18 C DG 6  1_555 ? ? ? ? ? ? WATSON-CRICK ? ? ? 
hydrog40 hydrog ? ? A DT 19 N3 ? ? ? 1_555 C DA 5 N1 ? ? A DT 19 C DA 5  1_555 ? ? ? ? ? ? WATSON-CRICK ? ? ? 
hydrog41 hydrog ? ? A DT 19 O4 ? ? ? 1_555 C DA 5 N6 ? ? A DT 19 C DA 5  1_555 ? ? ? ? ? ? WATSON-CRICK ? ? ? 
hydrog42 hydrog ? ? A DC 20 N3 ? ? ? 1_555 C DG 4 N1 ? ? A DC 20 C DG 4  1_555 ? ? ? ? ? ? WATSON-CRICK ? ? ? 
hydrog43 hydrog ? ? A DC 20 N4 ? ? ? 1_555 C DG 4 O6 ? ? A DC 20 C DG 4  1_555 ? ? ? ? ? ? WATSON-CRICK ? ? ? 
hydrog44 hydrog ? ? A DC 20 O2 ? ? ? 1_555 C DG 4 N2 ? ? A DC 20 C DG 4  1_555 ? ? ? ? ? ? WATSON-CRICK ? ? ? 
hydrog45 hydrog ? ? A DA 21 N1 ? ? ? 1_555 C DT 3 N3 ? ? A DA 21 C DT 3  1_555 ? ? ? ? ? ? WATSON-CRICK ? ? ? 
hydrog46 hydrog ? ? A DA 21 N6 ? ? ? 1_555 C DT 3 O4 ? ? A DA 21 C DT 3  1_555 ? ? ? ? ? ? WATSON-CRICK ? ? ? 
# 
_struct_conn_type.id          hydrog 
_struct_conn_type.criteria    ? 
_struct_conn_type.reference   ? 
# 
_atom_sites.entry_id                    6WRA 
_atom_sites.Cartn_transf_matrix[1][1]   ? 
_atom_sites.Cartn_transf_matrix[1][2]   ? 
_atom_sites.Cartn_transf_matrix[1][3]   ? 
_atom_sites.Cartn_transf_matrix[2][1]   ? 
_atom_sites.Cartn_transf_matrix[2][2]   ? 
_atom_sites.Cartn_transf_matrix[2][3]   ? 
_atom_sites.Cartn_transf_matrix[3][1]   ? 
_atom_sites.Cartn_transf_matrix[3][2]   ? 
_atom_sites.Cartn_transf_matrix[3][3]   ? 
_atom_sites.Cartn_transf_vector[1]      ? 
_atom_sites.Cartn_transf_vector[2]      ? 
_atom_sites.Cartn_transf_vector[3]      ? 
_atom_sites.fract_transf_matrix[1][1]   -0.01618180 
_atom_sites.fract_transf_matrix[1][2]   -0.00035527 
_atom_sites.fract_transf_matrix[1][3]   0.00443172 
_atom_sites.fract_transf_matrix[2][1]   -0.01088593 
_atom_sites.fract_transf_matrix[2][2]   -0.00932768 
_atom_sites.fract_transf_matrix[2][3]   -0.00872311 
_atom_sites.fract_transf_matrix[3][1]   0.00305145 
_atom_sites.fract_transf_matrix[3][2]   -0.01300594 
_atom_sites.fract_transf_matrix[3][3]   0.01009931 
_atom_sites.fract_transf_vector[1]      0.058457 
_atom_sites.fract_transf_vector[2]      -0.029324 
_atom_sites.fract_transf_vector[3]      -0.118683 
_atom_sites.solution_primary            ? 
_atom_sites.solution_secondary          ? 
_atom_sites.solution_hydrogens          ? 
_atom_sites.special_details             ? 
# 
loop_
_atom_type.symbol 
C  
MG 
N  
O  
P  
# 
loop_
_atom_site.group_PDB 
_atom_site.id 
_atom_site.type_symbol 
_atom_site.label_atom_id 
_atom_site.label_alt_id 
_atom_site.label_comp_id 
_atom_site.label_asym_id 
_atom_site.label_entity_id 
_atom_site.label_seq_id 
_atom_site.pdbx_PDB_ins_code 
_atom_site.Cartn_x 
_atom_site.Cartn_y 
_atom_site.Cartn_z 
_atom_site.occupancy 
_atom_site.B_iso_or_equiv 
_atom_site.pdbx_formal_charge 
_atom_site.auth_seq_id 
_atom_site.auth_comp_id 
_atom_site.auth_asym_id 
_atom_site.auth_atom_id 
_atom_site.pdbx_PDB_model_num 
ATOM   1   O  "O5'" . DG A 1 1  ? -30.696 -18.649 -8.352  1.00 192.26 ? 1   DG A "O5'" 1 
ATOM   2   C  "C5'" . DG A 1 1  ? -29.944 -17.447 -8.752  1.00 195.75 ? 1   DG A "C5'" 1 
ATOM   3   C  "C4'" . DG A 1 1  ? -30.938 -16.431 -9.291  1.00 200.54 ? 1   DG A "C4'" 1 
ATOM   4   O  "O4'" . DG A 1 1  ? -31.863 -16.078 -8.221  1.00 180.16 ? 1   DG A "O4'" 1 
ATOM   5   C  "C3'" . DG A 1 1  ? -30.308 -15.117 -9.780  1.00 206.76 ? 1   DG A "C3'" 1 
ATOM   6   O  "O3'" . DG A 1 1  ? -30.795 -14.735 -11.079 1.00 232.49 ? 1   DG A "O3'" 1 
ATOM   7   C  "C2'" . DG A 1 1  ? -30.640 -14.143 -8.669  1.00 186.51 ? 1   DG A "C2'" 1 
ATOM   8   C  "C1'" . DG A 1 1  ? -31.958 -14.670 -8.156  1.00 160.89 ? 1   DG A "C1'" 1 
ATOM   9   N  N9    . DG A 1 1  ? -32.115 -14.282 -6.766  1.00 135.16 ? 1   DG A N9    1 
ATOM   10  C  C8    . DG A 1 1  ? -31.633 -14.909 -5.640  1.00 122.49 ? 1   DG A C8    1 
ATOM   11  N  N7    . DG A 1 1  ? -31.854 -14.233 -4.544  1.00 101.02 ? 1   DG A N7    1 
ATOM   12  C  C5    . DG A 1 1  ? -32.476 -13.071 -4.981  1.00 118.55 ? 1   DG A C5    1 
ATOM   13  C  C6    . DG A 1 1  ? -32.972 -11.960 -4.248  1.00 141.27 ? 1   DG A C6    1 
ATOM   14  O  O6    . DG A 1 1  ? -32.938 -11.765 -3.026  1.00 151.91 ? 1   DG A O6    1 
ATOM   15  N  N1    . DG A 1 1  ? -33.537 -11.001 -5.089  1.00 137.91 ? 1   DG A N1    1 
ATOM   16  C  C2    . DG A 1 1  ? -33.621 -11.102 -6.459  1.00 129.82 ? 1   DG A C2    1 
ATOM   17  N  N2    . DG A 1 1  ? -34.191 -10.070 -7.097  1.00 130.01 ? 1   DG A N2    1 
ATOM   18  N  N3    . DG A 1 1  ? -33.175 -12.139 -7.151  1.00 120.37 ? 1   DG A N3    1 
ATOM   19  C  C4    . DG A 1 1  ? -32.620 -13.077 -6.353  1.00 122.29 ? 1   DG A C4    1 
ATOM   20  P  P     . DA A 1 2  ? -30.853 -13.183 -11.552 1.00 239.08 ? 2   DA A P     1 
ATOM   21  O  OP1   . DA A 1 2  ? -32.071 -12.567 -10.949 1.00 232.83 ? 2   DA A OP1   1 
ATOM   22  O  OP2   . DA A 1 2  ? -30.679 -13.145 -13.026 1.00 234.69 ? 2   DA A OP2   1 
ATOM   23  O  "O5'" . DA A 1 2  ? -29.512 -12.542 -10.970 1.00 175.27 ? 2   DA A "O5'" 1 
ATOM   24  C  "C5'" . DA A 1 2  ? -28.986 -11.310 -11.517 1.00 157.38 ? 2   DA A "C5'" 1 
ATOM   25  C  "C4'" . DA A 1 2  ? -29.933 -10.154 -11.277 1.00 142.53 ? 2   DA A "C4'" 1 
ATOM   26  O  "O4'" . DA A 1 2  ? -30.646 -10.380 -10.042 1.00 136.68 ? 2   DA A "O4'" 1 
ATOM   27  C  "C3'" . DA A 1 2  ? -29.245 -8.800  -11.105 1.00 142.07 ? 2   DA A "C3'" 1 
ATOM   28  O  "O3'" . DA A 1 2  ? -30.036 -7.681  -11.505 1.00 153.79 ? 2   DA A "O3'" 1 
ATOM   29  C  "C2'" . DA A 1 2  ? -29.073 -8.686  -9.606  1.00 130.54 ? 2   DA A "C2'" 1 
ATOM   30  C  "C1'" . DA A 1 2  ? -30.271 -9.428  -9.060  1.00 127.38 ? 2   DA A "C1'" 1 
ATOM   31  N  N9    . DA A 1 2  ? -29.968 -10.149 -7.828  1.00 128.09 ? 2   DA A N9    1 
ATOM   32  C  C8    . DA A 1 2  ? -29.270 -11.323 -7.665  1.00 124.69 ? 2   DA A C8    1 
ATOM   33  N  N7    . DA A 1 2  ? -29.147 -11.696 -6.413  1.00 119.48 ? 2   DA A N7    1 
ATOM   34  C  C5    . DA A 1 2  ? -29.793 -10.693 -5.702  1.00 114.24 ? 2   DA A C5    1 
ATOM   35  C  C6    . DA A 1 2  ? -30.015 -10.500 -4.326  1.00 114.29 ? 2   DA A C6    1 
ATOM   36  N  N6    . DA A 1 2  ? -29.585 -11.343 -3.385  1.00 121.36 ? 2   DA A N6    1 
ATOM   37  N  N1    . DA A 1 2  ? -30.700 -9.396  -3.945  1.00 114.24 ? 2   DA A N1    1 
ATOM   38  C  C2    . DA A 1 2  ? -31.120 -8.542  -4.895  1.00 120.77 ? 2   DA A C2    1 
ATOM   39  N  N3    . DA A 1 2  ? -30.972 -8.615  -6.219  1.00 120.22 ? 2   DA A N3    1 
ATOM   40  C  C4    . DA A 1 2  ? -30.295 -9.729  -6.561  1.00 125.94 ? 2   DA A C4    1 
ATOM   41  P  P     . DG A 1 3  ? -29.328 -6.247  -11.769 1.00 158.75 ? 3   DG A P     1 
ATOM   42  O  OP1   . DG A 1 3  ? -30.279 -5.379  -12.502 1.00 170.97 ? 3   DG A OP1   1 
ATOM   43  O  OP2   . DG A 1 3  ? -27.967 -6.476  -12.315 1.00 157.14 ? 3   DG A OP2   1 
ATOM   44  O  "O5'" . DG A 1 3  ? -29.196 -5.602  -10.325 1.00 129.36 ? 3   DG A "O5'" 1 
ATOM   45  C  "C5'" . DG A 1 3  ? -28.822 -4.221  -10.209 1.00 134.68 ? 3   DG A "C5'" 1 
ATOM   46  C  "C4'" . DG A 1 3  ? -29.213 -3.717  -8.843  1.00 143.06 ? 3   DG A "C4'" 1 
ATOM   47  O  "O4'" . DG A 1 3  ? -29.430 -4.854  -7.962  1.00 139.13 ? 3   DG A "O4'" 1 
ATOM   48  C  "C3'" . DG A 1 3  ? -28.141 -2.871  -8.161  1.00 139.63 ? 3   DG A "C3'" 1 
ATOM   49  O  "O3'" . DG A 1 3  ? -28.798 -1.912  -7.327  1.00 156.85 ? 3   DG A "O3'" 1 
ATOM   50  C  "C2'" . DG A 1 3  ? -27.401 -3.911  -7.350  1.00 132.92 ? 3   DG A "C2'" 1 
ATOM   51  C  "C1'" . DG A 1 3  ? -28.571 -4.728  -6.841  1.00 124.19 ? 3   DG A "C1'" 1 
ATOM   52  N  N9    . DG A 1 3  ? -28.180 -6.064  -6.399  1.00 118.03 ? 3   DG A N9    1 
ATOM   53  C  C8    . DG A 1 3  ? -27.674 -7.084  -7.172  1.00 120.36 ? 3   DG A C8    1 
ATOM   54  N  N7    . DG A 1 3  ? -27.348 -8.141  -6.477  1.00 94.69  ? 3   DG A N7    1 
ATOM   55  C  C5    . DG A 1 3  ? -27.614 -7.783  -5.162  1.00 83.91  ? 3   DG A C5    1 
ATOM   56  C  C6    . DG A 1 3  ? -27.441 -8.515  -3.957  1.00 85.90  ? 3   DG A C6    1 
ATOM   57  O  O6    . DG A 1 3  ? -27.021 -9.669  -3.812  1.00 94.51  ? 3   DG A O6    1 
ATOM   58  N  N1    . DG A 1 3  ? -27.840 -7.776  -2.844  1.00 81.73  ? 3   DG A N1    1 
ATOM   59  C  C2    . DG A 1 3  ? -28.332 -6.490  -2.887  1.00 97.68  ? 3   DG A C2    1 
ATOM   60  N  N2    . DG A 1 3  ? -28.653 -5.939  -1.703  1.00 113.91 ? 3   DG A N2    1 
ATOM   61  N  N3    . DG A 1 3  ? -28.498 -5.795  -4.007  1.00 78.68  ? 3   DG A N3    1 
ATOM   62  C  C4    . DG A 1 3  ? -28.121 -6.498  -5.096  1.00 90.84  ? 3   DG A C4    1 
ATOM   63  P  P     . DC A 1 4  ? -27.957 -0.891  -6.420  1.00 172.27 ? 4   DC A P     1 
ATOM   64  O  OP1   . DC A 1 4  ? -28.314 0.495   -6.836  1.00 154.53 ? 4   DC A OP1   1 
ATOM   65  O  OP2   . DC A 1 4  ? -26.529 -1.304  -6.444  1.00 160.59 ? 4   DC A OP2   1 
ATOM   66  O  "O5'" . DC A 1 4  ? -28.563 -1.127  -4.963  1.00 172.46 ? 4   DC A "O5'" 1 
ATOM   67  C  "C5'" . DC A 1 4  ? -28.232 -2.294  -4.176  1.00 167.21 ? 4   DC A "C5'" 1 
ATOM   68  C  "C4'" . DC A 1 4  ? -27.587 -1.911  -2.861  1.00 165.35 ? 4   DC A "C4'" 1 
ATOM   69  O  "O4'" . DC A 1 4  ? -27.000 -3.096  -2.280  1.00 142.44 ? 4   DC A "O4'" 1 
ATOM   70  C  "C3'" . DC A 1 4  ? -26.422 -0.929  -2.942  1.00 159.38 ? 4   DC A "C3'" 1 
ATOM   71  O  "O3'" . DC A 1 4  ? -26.153 -0.408  -1.632  1.00 168.35 ? 4   DC A "O3'" 1 
ATOM   72  C  "C2'" . DC A 1 4  ? -25.283 -1.840  -3.344  1.00 137.62 ? 4   DC A "C2'" 1 
ATOM   73  C  "C1'" . DC A 1 4  ? -25.591 -3.079  -2.502  1.00 117.15 ? 4   DC A "C1'" 1 
ATOM   74  N  N1    . DC A 1 4  ? -25.206 -4.390  -3.053  1.00 94.65  ? 4   DC A N1    1 
ATOM   75  C  C2    . DC A 1 4  ? -25.054 -5.462  -2.159  1.00 94.16  ? 4   DC A C2    1 
ATOM   76  O  O2    . DC A 1 4  ? -25.251 -5.267  -0.950  1.00 103.37 ? 4   DC A O2    1 
ATOM   77  N  N3    . DC A 1 4  ? -24.699 -6.680  -2.636  1.00 83.27  ? 4   DC A N3    1 
ATOM   78  C  C4    . DC A 1 4  ? -24.481 -6.845  -3.943  1.00 90.09  ? 4   DC A C4    1 
ATOM   79  N  N4    . DC A 1 4  ? -24.116 -8.056  -4.368  1.00 102.22 ? 4   DC A N4    1 
ATOM   80  C  C5    . DC A 1 4  ? -24.638 -5.773  -4.878  1.00 89.69  ? 4   DC A C5    1 
ATOM   81  C  C6    . DC A 1 4  ? -24.997 -4.575  -4.393  1.00 88.72  ? 4   DC A C6    1 
ATOM   82  P  P     . DA A 1 5  ? -25.417 1.006   -1.451  1.00 163.22 ? 5   DA A P     1 
ATOM   83  O  OP1   . DA A 1 5  ? -26.439 2.032   -1.127  1.00 155.84 ? 5   DA A OP1   1 
ATOM   84  O  OP2   . DA A 1 5  ? -24.499 1.197   -2.606  1.00 164.81 ? 5   DA A OP2   1 
ATOM   85  O  "O5'" . DA A 1 5  ? -24.567 0.812   -0.122  1.00 138.79 ? 5   DA A "O5'" 1 
ATOM   86  C  "C5'" . DA A 1 5  ? -25.139 0.234   1.060   1.00 138.76 ? 5   DA A "C5'" 1 
ATOM   87  C  "C4'" . DA A 1 5  ? -24.167 -0.767  1.635   1.00 142.85 ? 5   DA A "C4'" 1 
ATOM   88  O  "O4'" . DA A 1 5  ? -23.902 -1.820  0.692   1.00 129.62 ? 5   DA A "O4'" 1 
ATOM   89  C  "C3'" . DA A 1 5  ? -22.802 -0.176  1.981   1.00 144.40 ? 5   DA A "C3'" 1 
ATOM   90  O  "O3'" . DA A 1 5  ? -22.763 -0.061  3.399   1.00 152.24 ? 5   DA A "O3'" 1 
ATOM   91  C  "C2'" . DA A 1 5  ? -21.781 -1.137  1.374   1.00 130.03 ? 5   DA A "C2'" 1 
ATOM   92  C  "C1'" . DA A 1 5  ? -22.610 -2.333  0.958   1.00 119.07 ? 5   DA A "C1'" 1 
ATOM   93  N  N9    . DA A 1 5  ? -22.202 -3.076  -0.229  1.00 107.09 ? 5   DA A N9    1 
ATOM   94  C  C8    . DA A 1 5  ? -22.248 -2.680  -1.545  1.00 102.56 ? 5   DA A C8    1 
ATOM   95  N  N7    . DA A 1 5  ? -21.929 -3.628  -2.394  1.00 92.80  ? 5   DA A N7    1 
ATOM   96  C  C5    . DA A 1 5  ? -21.702 -4.734  -1.587  1.00 93.52  ? 5   DA A C5    1 
ATOM   97  C  C6    . DA A 1 5  ? -21.349 -6.063  -1.880  1.00 97.53  ? 5   DA A C6    1 
ATOM   98  N  N6    . DA A 1 5  ? -21.131 -6.511  -3.116  1.00 97.14  ? 5   DA A N6    1 
ATOM   99  N  N1    . DA A 1 5  ? -21.208 -6.922  -0.845  1.00 104.75 ? 5   DA A N1    1 
ATOM   100 C  C2    . DA A 1 5  ? -21.413 -6.463  0.401   1.00 114.86 ? 5   DA A C2    1 
ATOM   101 N  N3    . DA A 1 5  ? -21.756 -5.237  0.802   1.00 107.60 ? 5   DA A N3    1 
ATOM   102 C  C4    . DA A 1 5  ? -21.891 -4.414  -0.253  1.00 100.46 ? 5   DA A C4    1 
ATOM   103 P  P     . DG A 1 6  ? -21.660 0.824   4.065   1.00 141.29 ? 6   DG A P     1 
ATOM   104 O  OP1   . DG A 1 6  ? -22.159 1.260   5.400   1.00 131.63 ? 6   DG A OP1   1 
ATOM   105 O  OP2   . DG A 1 6  ? -21.240 1.841   3.069   1.00 144.42 ? 6   DG A OP2   1 
ATOM   106 O  "O5'" . DG A 1 6  ? -20.501 -0.240  4.280   1.00 117.05 ? 6   DG A "O5'" 1 
ATOM   107 C  "C5'" . DG A 1 6  ? -20.635 -1.192  5.326   1.00 102.11 ? 6   DG A "C5'" 1 
ATOM   108 C  "C4'" . DG A 1 6  ? -19.763 -2.384  5.032   1.00 114.03 ? 6   DG A "C4'" 1 
ATOM   109 O  "O4'" . DG A 1 6  ? -19.830 -2.743  3.645   1.00 111.03 ? 6   DG A "O4'" 1 
ATOM   110 C  "C3'" . DG A 1 6  ? -18.276 -2.182  5.300   1.00 113.28 ? 6   DG A "C3'" 1 
ATOM   111 O  "O3'" . DG A 1 6  ? -17.997 -2.624  6.627   1.00 125.86 ? 6   DG A "O3'" 1 
ATOM   112 C  "C2'" . DG A 1 6  ? -17.597 -3.001  4.208   1.00 108.88 ? 6   DG A "C2'" 1 
ATOM   113 C  "C1'" . DG A 1 6  ? -18.750 -3.627  3.458   1.00 104.76 ? 6   DG A "C1'" 1 
ATOM   114 N  N9    . DG A 1 6  ? -18.595 -3.814  2.029   1.00 96.78  ? 6   DG A N9    1 
ATOM   115 C  C8    . DG A 1 6  ? -18.824 -2.874  1.055   1.00 100.83 ? 6   DG A C8    1 
ATOM   116 N  N7    . DG A 1 6  ? -18.698 -3.349  -0.154  1.00 100.14 ? 6   DG A N7    1 
ATOM   117 C  C5    . DG A 1 6  ? -18.409 -4.693  0.034   1.00 86.83  ? 6   DG A C5    1 
ATOM   118 C  C6    . DG A 1 6  ? -18.183 -5.717  -0.912  1.00 89.78  ? 6   DG A C6    1 
ATOM   119 O  O6    . DG A 1 6  ? -18.186 -5.637  -2.145  1.00 91.44  ? 6   DG A O6    1 
ATOM   120 N  N1    . DG A 1 6  ? -17.935 -6.941  -0.296  1.00 84.40  ? 6   DG A N1    1 
ATOM   121 C  C2    . DG A 1 6  ? -17.903 -7.147  1.060   1.00 101.13 ? 6   DG A C2    1 
ATOM   122 N  N2    . DG A 1 6  ? -17.642 -8.403  1.458   1.00 101.69 ? 6   DG A N2    1 
ATOM   123 N  N3    . DG A 1 6  ? -18.113 -6.193  1.960   1.00 92.48  ? 6   DG A N3    1 
ATOM   124 C  C4    . DG A 1 6  ? -18.361 -5.001  1.377   1.00 91.80  ? 6   DG A C4    1 
ATOM   125 P  P     . DA A 1 7  ? -16.545 -2.451  7.244   1.00 157.43 ? 7   DA A P     1 
ATOM   126 O  OP1   . DA A 1 7  ? -16.683 -2.480  8.720   1.00 152.05 ? 7   DA A OP1   1 
ATOM   127 O  OP2   . DA A 1 7  ? -15.893 -1.283  6.599   1.00 144.33 ? 7   DA A OP2   1 
ATOM   128 O  "O5'" . DA A 1 7  ? -15.816 -3.775  6.749   1.00 142.83 ? 7   DA A "O5'" 1 
ATOM   129 C  "C5'" . DA A 1 7  ? -16.459 -5.051  6.883   1.00 125.66 ? 7   DA A "C5'" 1 
ATOM   130 C  "C4'" . DA A 1 7  ? -15.572 -6.120  6.295   1.00 131.56 ? 7   DA A "C4'" 1 
ATOM   131 O  "O4'" . DA A 1 7  ? -15.762 -6.188  4.859   1.00 126.75 ? 7   DA A "O4'" 1 
ATOM   132 C  "C3'" . DA A 1 7  ? -14.079 -5.872  6.509   1.00 137.71 ? 7   DA A "C3'" 1 
ATOM   133 O  "O3'" . DA A 1 7  ? -13.482 -7.116  6.878   1.00 151.88 ? 7   DA A "O3'" 1 
ATOM   134 C  "C2'" . DA A 1 7  ? -13.621 -5.353  5.155   1.00 135.41 ? 7   DA A "C2'" 1 
ATOM   135 C  "C1'" . DA A 1 7  ? -14.495 -6.165  4.226   1.00 124.20 ? 7   DA A "C1'" 1 
ATOM   136 N  N9    . DA A 1 7  ? -14.686 -5.627  2.882   1.00 109.43 ? 7   DA A N9    1 
ATOM   137 C  C8    . DA A 1 7  ? -15.152 -4.380  2.547   1.00 100.59 ? 7   DA A C8    1 
ATOM   138 N  N7    . DA A 1 7  ? -15.258 -4.185  1.256   1.00 87.14  ? 7   DA A N7    1 
ATOM   139 C  C5    . DA A 1 7  ? -14.854 -5.391  0.701   1.00 83.78  ? 7   DA A C5    1 
ATOM   140 C  C6    . DA A 1 7  ? -14.742 -5.828  -0.634  1.00 82.19  ? 7   DA A C6    1 
ATOM   141 N  N6    . DA A 1 7  ? -15.052 -5.068  -1.679  1.00 72.99  ? 7   DA A N6    1 
ATOM   142 N  N1    . DA A 1 7  ? -14.301 -7.090  -0.855  1.00 82.33  ? 7   DA A N1    1 
ATOM   143 C  C2    . DA A 1 7  ? -13.982 -7.847  0.208   1.00 95.69  ? 7   DA A C2    1 
ATOM   144 N  N3    . DA A 1 7  ? -14.042 -7.545  1.512   1.00 89.69  ? 7   DA A N3    1 
ATOM   145 C  C4    . DA A 1 7  ? -14.498 -6.289  1.691   1.00 95.64  ? 7   DA A C4    1 
ATOM   146 P  P     . DC A 1 8  ? -11.930 -7.200  7.254   1.00 157.43 ? 8   DC A P     1 
ATOM   147 O  OP1   . DC A 1 8  ? -11.765 -8.283  8.250   1.00 167.87 ? 8   DC A OP1   1 
ATOM   148 O  OP2   . DC A 1 8  ? -11.449 -5.833  7.579   1.00 153.09 ? 8   DC A OP2   1 
ATOM   149 O  "O5'" . DC A 1 8  ? -11.267 -7.709  5.901   1.00 123.07 ? 8   DC A "O5'" 1 
ATOM   150 C  "C5'" . DC A 1 8  ? -11.292 -9.100  5.577   1.00 111.02 ? 8   DC A "C5'" 1 
ATOM   151 C  "C4'" . DC A 1 8  ? -10.571 -9.326  4.272   1.00 122.03 ? 8   DC A "C4'" 1 
ATOM   152 O  "O4'" . DC A 1 8  ? -11.184 -8.540  3.218   1.00 127.05 ? 8   DC A "O4'" 1 
ATOM   153 C  "C3'" . DC A 1 8  ? -9.091  -8.939  4.287   1.00 124.14 ? 8   DC A "C3'" 1 
ATOM   154 O  "O3'" . DC A 1 8  ? -8.326  -10.054 3.812   1.00 124.94 ? 8   DC A "O3'" 1 
ATOM   155 C  "C2'" . DC A 1 8  ? -9.044  -7.717  3.385   1.00 124.76 ? 8   DC A "C2'" 1 
ATOM   156 C  "C1'" . DC A 1 8  ? -10.154 -8.029  2.397   1.00 109.62 ? 8   DC A "C1'" 1 
ATOM   157 N  N1    . DC A 1 8  ? -10.681 -6.856  1.655   1.00 96.83  ? 8   DC A N1    1 
ATOM   158 C  C2    . DC A 1 8  ? -10.715 -6.855  0.241   1.00 88.88  ? 8   DC A C2    1 
ATOM   159 O  O2    . DC A 1 8  ? -10.310 -7.855  -0.378  1.00 79.55  ? 8   DC A O2    1 
ATOM   160 N  N3    . DC A 1 8  ? -11.184 -5.760  -0.407  1.00 63.22  ? 8   DC A N3    1 
ATOM   161 C  C4    . DC A 1 8  ? -11.616 -4.708  0.294   1.00 77.65  ? 8   DC A C4    1 
ATOM   162 N  N4    . DC A 1 8  ? -12.078 -3.656  -0.374  1.00 76.51  ? 8   DC A N4    1 
ATOM   163 C  C5    . DC A 1 8  ? -11.599 -4.688  1.722   1.00 89.85  ? 8   DC A C5    1 
ATOM   164 C  C6    . DC A 1 8  ? -11.122 -5.767  2.354   1.00 90.07  ? 8   DC A C6    1 
ATOM   165 P  P     . DA A 1 9  ? -6.846  -9.840  3.278   1.00 134.26 ? 9   DA A P     1 
ATOM   166 O  OP1   . DA A 1 9  ? -6.177  -11.167 3.153   1.00 131.96 ? 9   DA A OP1   1 
ATOM   167 O  OP2   . DA A 1 9  ? -6.237  -8.761  4.093   1.00 122.63 ? 9   DA A OP2   1 
ATOM   168 O  "O5'" . DA A 1 9  ? -7.098  -9.384  1.778   1.00 116.60 ? 9   DA A "O5'" 1 
ATOM   169 C  "C5'" . DA A 1 9  ? -7.778  -10.273 0.884   1.00 114.46 ? 9   DA A "C5'" 1 
ATOM   170 C  "C4'" . DA A 1 9  ? -6.941  -10.532 -0.343  1.00 118.25 ? 9   DA A "C4'" 1 
ATOM   171 O  "O4'" . DA A 1 9  ? -7.294  -9.591  -1.387  1.00 127.04 ? 9   DA A "O4'" 1 
ATOM   172 C  "C3'" . DA A 1 9  ? -5.436  -10.385 -0.176  1.00 107.78 ? 9   DA A "C3'" 1 
ATOM   173 O  "O3'" . DA A 1 9  ? -4.942  -11.341 -1.118  1.00 104.43 ? 9   DA A "O3'" 1 
ATOM   174 C  "C2'" . DA A 1 9  ? -5.224  -8.905  -0.458  1.00 107.11 ? 9   DA A "C2'" 1 
ATOM   175 C  "C1'" . DA A 1 9  ? -6.295  -8.583  -1.515  1.00 101.59 ? 9   DA A "C1'" 1 
ATOM   176 N  N9    . DA A 1 9  ? -6.961  -7.269  -1.420  1.00 92.16  ? 9   DA A N9    1 
ATOM   177 C  C8    . DA A 1 9  ? -7.384  -6.629  -0.276  1.00 87.78  ? 9   DA A C8    1 
ATOM   178 N  N7    . DA A 1 9  ? -7.953  -5.466  -0.497  1.00 64.89  ? 9   DA A N7    1 
ATOM   179 C  C5    . DA A 1 9  ? -7.920  -5.339  -1.877  1.00 59.61  ? 9   DA A C5    1 
ATOM   180 C  C6    . DA A 1 9  ? -8.393  -4.340  -2.732  1.00 64.62  ? 9   DA A C6    1 
ATOM   181 N  N6    . DA A 1 9  ? -9.008  -3.238  -2.295  1.00 58.23  ? 9   DA A N6    1 
ATOM   182 N  N1    . DA A 1 9  ? -8.196  -4.501  -4.063  1.00 64.16  ? 9   DA A N1    1 
ATOM   183 C  C2    . DA A 1 9  ? -7.578  -5.617  -4.490  1.00 73.78  ? 9   DA A C2    1 
ATOM   184 N  N3    . DA A 1 9  ? -7.108  -6.645  -3.778  1.00 79.33  ? 9   DA A N3    1 
ATOM   185 C  C4    . DA A 1 9  ? -7.310  -6.439  -2.462  1.00 74.46  ? 9   DA A C4    1 
ATOM   186 P  P     . DA A 1 10 ? -3.595  -11.085 -1.908  1.00 126.74 ? 10  DA A P     1 
ATOM   187 O  OP1   . DA A 1 10 ? -3.177  -12.369 -2.530  1.00 132.46 ? 10  DA A OP1   1 
ATOM   188 O  OP2   . DA A 1 10 ? -2.679  -10.316 -1.013  1.00 105.69 ? 10  DA A OP2   1 
ATOM   189 O  "O5'" . DA A 1 10 ? -4.030  -10.133 -3.102  1.00 106.84 ? 10  DA A "O5'" 1 
ATOM   190 C  "C5'" . DA A 1 10 ? -4.696  -10.631 -4.258  1.00 95.19  ? 10  DA A "C5'" 1 
ATOM   191 C  "C4'" . DA A 1 10 ? -3.964  -10.178 -5.498  1.00 96.21  ? 10  DA A "C4'" 1 
ATOM   192 O  "O4'" . DA A 1 10 ? -4.234  -8.784  -5.779  1.00 114.52 ? 10  DA A "O4'" 1 
ATOM   193 C  "C3'" . DA A 1 10 ? -2.448  -10.274 -5.456  1.00 86.50  ? 10  DA A "C3'" 1 
ATOM   194 O  "O3'" . DA A 1 10 ? -2.111  -10.393 -6.838  1.00 93.85  ? 10  DA A "O3'" 1 
ATOM   195 C  "C2'" . DA A 1 10 ? -2.042  -8.919  -4.913  1.00 90.29  ? 10  DA A "C2'" 1 
ATOM   196 C  "C1'" . DA A 1 10 ? -3.076  -7.981  -5.542  1.00 89.02  ? 10  DA A "C1'" 1 
ATOM   197 N  N9    . DA A 1 10 ? -3.506  -6.824  -4.743  1.00 78.87  ? 10  DA A N9    1 
ATOM   198 C  C8    . DA A 1 10 ? -3.602  -6.734  -3.375  1.00 76.61  ? 10  DA A C8    1 
ATOM   199 N  N7    . DA A 1 10 ? -4.075  -5.587  -2.951  1.00 69.89  ? 10  DA A N7    1 
ATOM   200 C  C5    . DA A 1 10 ? -4.338  -4.887  -4.118  1.00 70.96  ? 10  DA A C5    1 
ATOM   201 C  C6    . DA A 1 10 ? -4.863  -3.613  -4.346  1.00 78.72  ? 10  DA A C6    1 
ATOM   202 N  N6    . DA A 1 10 ? -5.228  -2.790  -3.367  1.00 81.98  ? 10  DA A N6    1 
ATOM   203 N  N1    . DA A 1 10 ? -4.986  -3.201  -5.627  1.00 83.03  ? 10  DA A N1    1 
ATOM   204 C  C2    . DA A 1 10 ? -4.612  -4.035  -6.607  1.00 76.24  ? 10  DA A C2    1 
ATOM   205 N  N3    . DA A 1 10 ? -4.125  -5.272  -6.518  1.00 77.41  ? 10  DA A N3    1 
ATOM   206 C  C4    . DA A 1 10 ? -4.016  -5.644  -5.230  1.00 74.45  ? 10  DA A C4    1 
ATOM   207 P  P     . DG A 1 11 ? -0.619  -10.669 -7.282  1.00 112.92 ? 11  DG A P     1 
ATOM   208 O  OP1   . DG A 1 11 ? -0.638  -11.609 -8.442  1.00 91.20  ? 11  DG A OP1   1 
ATOM   209 O  OP2   . DG A 1 11 ? 0.186   -10.928 -6.058  1.00 113.82 ? 11  DG A OP2   1 
ATOM   210 O  "O5'" . DG A 1 11 ? -0.151  -9.287  -7.895  1.00 107.97 ? 11  DG A "O5'" 1 
ATOM   211 C  "C5'" . DG A 1 11 ? -0.639  -8.905  -9.181  1.00 101.87 ? 11  DG A "C5'" 1 
ATOM   212 C  "C4'" . DG A 1 11 ? -0.356  -7.438  -9.367  1.00 99.88  ? 11  DG A "C4'" 1 
ATOM   213 O  "O4'" . DG A 1 11 ? -0.899  -6.688  -8.258  1.00 102.18 ? 11  DG A "O4'" 1 
ATOM   214 C  "C3'" . DG A 1 11 ? 1.135   -7.126  -9.395  1.00 93.58  ? 11  DG A "C3'" 1 
ATOM   215 O  "O3'" . DG A 1 11 ? 1.390   -6.580  -10.677 1.00 99.87  ? 11  DG A "O3'" 1 
ATOM   216 C  "C2'" . DG A 1 11 ? 1.349   -6.187  -8.217  1.00 91.54  ? 11  DG A "C2'" 1 
ATOM   217 C  "C1'" . DG A 1 11 ? -0.031  -5.619  -7.993  1.00 84.61  ? 11  DG A "C1'" 1 
ATOM   218 N  N9    . DG A 1 11 ? -0.318  -5.165  -6.645  1.00 78.00  ? 11  DG A N9    1 
ATOM   219 C  C8    . DG A 1 11 ? -0.181  -5.890  -5.488  1.00 82.75  ? 11  DG A C8    1 
ATOM   220 N  N7    . DG A 1 11 ? -0.564  -5.235  -4.422  1.00 69.57  ? 11  DG A N7    1 
ATOM   221 C  C5    . DG A 1 11 ? -0.996  -4.012  -4.911  1.00 64.15  ? 11  DG A C5    1 
ATOM   222 C  C6    . DG A 1 11 ? -1.551  -2.913  -4.234  1.00 76.55  ? 11  DG A C6    1 
ATOM   223 O  O6    . DG A 1 11 ? -1.746  -2.782  -3.020  1.00 79.79  ? 11  DG A O6    1 
ATOM   224 N  N1    . DG A 1 11 ? -1.870  -1.880  -5.108  1.00 72.86  ? 11  DG A N1    1 
ATOM   225 C  C2    . DG A 1 11 ? -1.702  -1.921  -6.467  1.00 81.90  ? 11  DG A C2    1 
ATOM   226 N  N2    . DG A 1 11 ? -2.083  -0.830  -7.141  1.00 99.69  ? 11  DG A N2    1 
ATOM   227 N  N3    . DG A 1 11 ? -1.200  -2.956  -7.119  1.00 75.40  ? 11  DG A N3    1 
ATOM   228 C  C4    . DG A 1 11 ? -0.867  -3.958  -6.283  1.00 74.40  ? 11  DG A C4    1 
ATOM   229 P  P     . DA A 1 12 ? 2.849   -6.164  -11.056 1.00 122.18 ? 12  DA A P     1 
ATOM   230 O  OP1   . DA A 1 12 ? 3.051   -6.455  -12.501 1.00 91.86  ? 12  DA A OP1   1 
ATOM   231 O  OP2   . DA A 1 12 ? 3.773   -6.708  -10.024 1.00 111.71 ? 12  DA A OP2   1 
ATOM   232 O  "O5'" . DA A 1 12 ? 2.797   -4.600  -10.808 1.00 119.77 ? 12  DA A "O5'" 1 
ATOM   233 C  "C5'" . DA A 1 12 ? 1.769   -3.801  -11.410 1.00 123.44 ? 12  DA A "C5'" 1 
ATOM   234 C  "C4'" . DA A 1 12 ? 1.925   -2.379  -10.934 1.00 123.45 ? 12  DA A "C4'" 1 
ATOM   235 O  "O4'" . DA A 1 12 ? 1.387   -2.289  -9.590  1.00 103.45 ? 12  DA A "O4'" 1 
ATOM   236 C  "C3'" . DA A 1 12 ? 3.390   -1.928  -10.840 1.00 126.28 ? 12  DA A "C3'" 1 
ATOM   237 O  "O3'" . DA A 1 12 ? 3.617   -0.666  -11.477 1.00 133.13 ? 12  DA A "O3'" 1 
ATOM   238 C  "C2'" . DA A 1 12 ? 3.652   -1.928  -9.345  1.00 115.60 ? 12  DA A "C2'" 1 
ATOM   239 C  "C1'" . DA A 1 12 ? 2.293   -1.544  -8.819  1.00 89.11  ? 12  DA A "C1'" 1 
ATOM   240 N  N9    . DA A 1 12 ? 2.097   -1.892  -7.422  1.00 79.16  ? 12  DA A N9    1 
ATOM   241 C  C8    . DA A 1 12 ? 2.454   -3.042  -6.760  1.00 76.13  ? 12  DA A C8    1 
ATOM   242 N  N7    . DA A 1 12 ? 2.192   -3.012  -5.477  1.00 73.77  ? 12  DA A N7    1 
ATOM   243 C  C5    . DA A 1 12 ? 1.614   -1.764  -5.285  1.00 61.70  ? 12  DA A C5    1 
ATOM   244 C  C6    . DA A 1 12 ? 1.126   -1.121  -4.145  1.00 62.40  ? 12  DA A C6    1 
ATOM   245 N  N6    . DA A 1 12 ? 1.111   -1.678  -2.942  1.00 64.88  ? 12  DA A N6    1 
ATOM   246 N  N1    . DA A 1 12 ? 0.652   0.134   -4.281  1.00 70.67  ? 12  DA A N1    1 
ATOM   247 C  C2    . DA A 1 12 ? 0.692   0.702   -5.490  1.00 75.65  ? 12  DA A C2    1 
ATOM   248 N  N3    . DA A 1 12 ? 1.134   0.199   -6.640  1.00 64.85  ? 12  DA A N3    1 
ATOM   249 C  C4    . DA A 1 12 ? 1.586   -1.052  -6.466  1.00 65.71  ? 12  DA A C4    1 
ATOM   250 P  P     . DC A 1 13 ? 4.996   0.139   -11.232 1.00 123.67 ? 13  DC A P     1 
ATOM   251 O  OP1   . DC A 1 13 ? 5.190   1.015   -12.406 1.00 127.95 ? 13  DC A OP1   1 
ATOM   252 O  OP2   . DC A 1 13 ? 6.066   -0.835  -10.871 1.00 106.44 ? 13  DC A OP2   1 
ATOM   253 O  "O5'" . DC A 1 13 ? 4.582   1.102   -10.033 1.00 109.61 ? 13  DC A "O5'" 1 
ATOM   254 C  "C5'" . DC A 1 13 ? 3.330   1.841   -10.195 1.00 116.78 ? 13  DC A "C5'" 1 
ATOM   255 C  "C4'" . DC A 1 13 ? 3.160   2.870   -9.104  1.00 99.12  ? 13  DC A "C4'" 1 
ATOM   256 O  "O4'" . DC A 1 13 ? 2.784   2.148   -7.909  1.00 106.43 ? 13  DC A "O4'" 1 
ATOM   257 C  "C3'" . DC A 1 13 ? 4.446   3.632   -8.758  1.00 103.56 ? 13  DC A "C3'" 1 
ATOM   258 O  "O3'" . DC A 1 13 ? 4.332   5.018   -8.406  1.00 116.19 ? 13  DC A "O3'" 1 
ATOM   259 C  "C2'" . DC A 1 13 ? 4.920   2.935   -7.509  1.00 92.32  ? 13  DC A "C2'" 1 
ATOM   260 C  "C1'" . DC A 1 13 ? 3.607   2.594   -6.861  1.00 79.67  ? 13  DC A "C1'" 1 
ATOM   261 N  N1    . DC A 1 13 ? 3.813   1.511   -5.913  1.00 62.78  ? 13  DC A N1    1 
ATOM   262 C  C2    . DC A 1 13 ? 3.496   1.722   -4.571  1.00 65.89  ? 13  DC A C2    1 
ATOM   263 O  O2    . DC A 1 13 ? 2.861   2.739   -4.259  1.00 75.12  ? 13  DC A O2    1 
ATOM   264 N  N3    . DC A 1 13 ? 3.832   0.786   -3.658  1.00 59.07  ? 13  DC A N3    1 
ATOM   265 C  C4    . DC A 1 13 ? 4.462   -0.322  -4.045  1.00 58.96  ? 13  DC A C4    1 
ATOM   266 N  N4    . DC A 1 13 ? 4.729   -1.244  -3.126  1.00 73.51  ? 13  DC A N4    1 
ATOM   267 C  C5    . DC A 1 13 ? 4.820   -0.549  -5.402  1.00 58.41  ? 13  DC A C5    1 
ATOM   268 C  C6    . DC A 1 13 ? 4.512   0.399   -6.289  1.00 57.46  ? 13  DC A C6    1 
ATOM   269 P  P     . DT A 1 14 ? 5.668   5.912   -8.087  1.00 125.37 ? 14  DT A P     1 
ATOM   270 O  OP1   . DT A 1 14 ? 5.607   7.093   -8.992  1.00 119.10 ? 14  DT A OP1   1 
ATOM   271 O  OP2   . DT A 1 14 ? 6.914   5.027   -8.006  1.00 85.29  ? 14  DT A OP2   1 
ATOM   272 O  "O5'" . DT A 1 14 ? 5.409   6.420   -6.603  1.00 95.74  ? 14  DT A "O5'" 1 
ATOM   273 C  "C5'" . DT A 1 14 ? 4.066   6.356   -6.096  1.00 97.20  ? 14  DT A "C5'" 1 
ATOM   274 C  "C4'" . DT A 1 14 ? 4.023   7.033   -4.750  1.00 100.40 ? 14  DT A "C4'" 1 
ATOM   275 O  "O4'" . DT A 1 14 ? 4.044   6.026   -3.709  1.00 101.51 ? 14  DT A "O4'" 1 
ATOM   276 C  "C3'" . DT A 1 14 ? 5.211   7.943   -4.465  1.00 94.59  ? 14  DT A "C3'" 1 
ATOM   277 O  "O3'" . DT A 1 14 ? 4.723   8.925   -3.564  1.00 101.81 ? 14  DT A "O3'" 1 
ATOM   278 C  "C2'" . DT A 1 14 ? 6.176   7.014   -3.764  1.00 99.87  ? 14  DT A "C2'" 1 
ATOM   279 C  "C1'" . DT A 1 14 ? 5.237   6.121   -2.953  1.00 82.32  ? 14  DT A "C1'" 1 
ATOM   280 N  N1    . DT A 1 14 ? 5.735   4.752   -2.694  1.00 66.97  ? 14  DT A N1    1 
ATOM   281 C  C2    . DT A 1 14 ? 5.669   4.239   -1.415  1.00 71.01  ? 14  DT A C2    1 
ATOM   282 O  O2    . DT A 1 14 ? 5.190   4.844   -0.474  1.00 74.18  ? 14  DT A O2    1 
ATOM   283 N  N3    . DT A 1 14 ? 6.210   2.987   -1.274  1.00 75.90  ? 14  DT A N3    1 
ATOM   284 C  C4    . DT A 1 14 ? 6.774   2.207   -2.265  1.00 69.82  ? 14  DT A C4    1 
ATOM   285 O  O4    . DT A 1 14 ? 7.185   1.083   -2.004  1.00 67.96  ? 14  DT A O4    1 
ATOM   286 C  C5    . DT A 1 14 ? 6.816   2.807   -3.569  1.00 63.02  ? 14  DT A C5    1 
ATOM   287 C  C7    . DT A 1 14 ? 7.414   2.032   -4.695  1.00 65.23  ? 14  DT A C7    1 
ATOM   288 C  C6    . DT A 1 14 ? 6.298   4.032   -3.722  1.00 63.87  ? 14  DT A C6    1 
ATOM   289 P  P     . DC A 1 15 ? 5.535   10.242  -3.246  1.00 86.67  ? 15  DC A P     1 
ATOM   290 O  OP1   . DC A 1 15 ? 4.550   11.364  -3.281  1.00 84.19  ? 15  DC A OP1   1 
ATOM   291 O  OP2   . DC A 1 15 ? 6.784   10.236  -4.055  1.00 90.72  ? 15  DC A OP2   1 
ATOM   292 O  "O5'" . DC A 1 15 ? 5.914   10.063  -1.717  1.00 79.49  ? 15  DC A "O5'" 1 
ATOM   293 C  "C5'" . DC A 1 15 ? 5.353   8.975   -0.998  1.00 83.67  ? 15  DC A "C5'" 1 
ATOM   294 C  "C4'" . DC A 1 15 ? 5.359   9.213   0.489   1.00 83.49  ? 15  DC A "C4'" 1 
ATOM   295 O  "O4'" . DC A 1 15 ? 5.665   7.957   1.125   1.00 85.46  ? 15  DC A "O4'" 1 
ATOM   296 C  "C3'" . DC A 1 15 ? 6.417   10.172  0.986   1.00 85.32  ? 15  DC A "C3'" 1 
ATOM   297 O  "O3'" . DC A 1 15 ? 6.016   10.765  2.214   1.00 92.78  ? 15  DC A "O3'" 1 
ATOM   298 C  "C2'" . DC A 1 15 ? 7.615   9.271   1.173   1.00 80.72  ? 15  DC A "C2'" 1 
ATOM   299 C  "C1'" . DC A 1 15 ? 6.998   7.936   1.556   1.00 65.97  ? 15  DC A "C1'" 1 
ATOM   300 N  N1    . DC A 1 15 ? 7.642   6.762   0.958   1.00 53.55  ? 15  DC A N1    1 
ATOM   301 C  C2    . DC A 1 15 ? 8.017   5.720   1.805   1.00 59.07  ? 15  DC A C2    1 
ATOM   302 O  O2    . DC A 1 15 ? 7.754   5.810   3.010   1.00 69.87  ? 15  DC A O2    1 
ATOM   303 N  N3    . DC A 1 15 ? 8.644   4.639   1.294   1.00 58.64  ? 15  DC A N3    1 
ATOM   304 C  C4    . DC A 1 15 ? 8.927   4.588   -0.009  1.00 62.70  ? 15  DC A C4    1 
ATOM   305 N  N4    . DC A 1 15 ? 9.563   3.508   -0.470  1.00 59.24  ? 15  DC A N4    1 
ATOM   306 C  C5    . DC A 1 15 ? 8.568   5.644   -0.899  1.00 56.27  ? 15  DC A C5    1 
ATOM   307 C  C6    . DC A 1 15 ? 7.927   6.700   -0.377  1.00 52.81  ? 15  DC A C6    1 
ATOM   308 P  P     . DC A 1 16 ? 6.810   12.020  2.699   1.00 87.84  ? 16  DC A P     1 
ATOM   309 O  OP1   . DC A 1 16 ? 5.932   12.798  3.600   1.00 89.17  ? 16  DC A OP1   1 
ATOM   310 O  OP2   . DC A 1 16 ? 7.500   12.605  1.513   1.00 68.76  ? 16  DC A OP2   1 
ATOM   311 O  "O5'" . DC A 1 16 ? 7.869   11.376  3.664   1.00 73.36  ? 16  DC A "O5'" 1 
ATOM   312 C  "C5'" . DC A 1 16 ? 7.425   10.945  4.939   1.00 80.38  ? 16  DC A "C5'" 1 
ATOM   313 C  "C4'" . DC A 1 16 ? 8.622   10.314  5.591   1.00 91.71  ? 16  DC A "C4'" 1 
ATOM   314 O  "O4'" . DC A 1 16 ? 9.088   9.181   4.812   1.00 98.07  ? 16  DC A "O4'" 1 
ATOM   315 C  "C3'" . DC A 1 16 ? 9.796   11.283  5.611   1.00 88.45  ? 16  DC A "C3'" 1 
ATOM   316 O  "O3'" . DC A 1 16 ? 10.408  10.993  6.841   1.00 90.40  ? 16  DC A "O3'" 1 
ATOM   317 C  "C2'" . DC A 1 16 ? 10.643  10.835  4.434   1.00 77.80  ? 16  DC A "C2'" 1 
ATOM   318 C  "C1'" . DC A 1 16 ? 10.475  9.360   4.625   1.00 82.16  ? 16  DC A "C1'" 1 
ATOM   319 N  N1    . DC A 1 16 ? 10.917  8.446   3.583   1.00 73.52  ? 16  DC A N1    1 
ATOM   320 C  C2    . DC A 1 16 ? 11.313  7.169   3.975   1.00 74.36  ? 16  DC A C2    1 
ATOM   321 O  O2    . DC A 1 16 ? 11.259  6.869   5.175   1.00 79.80  ? 16  DC A O2    1 
ATOM   322 N  N3    . DC A 1 16 ? 11.749  6.295   3.043   1.00 71.20  ? 16  DC A N3    1 
ATOM   323 C  C4    . DC A 1 16 ? 11.763  6.648   1.758   1.00 69.06  ? 16  DC A C4    1 
ATOM   324 N  N4    . DC A 1 16 ? 12.178  5.743   0.867   1.00 73.90  ? 16  DC A N4    1 
ATOM   325 C  C5    . DC A 1 16 ? 11.374  7.949   1.329   1.00 61.66  ? 16  DC A C5    1 
ATOM   326 C  C6    . DC A 1 16 ? 10.975  8.814   2.271   1.00 72.12  ? 16  DC A C6    1 
ATOM   327 P  P     . DA A 1 17 ? 10.841  12.144  7.725   1.00 106.15 ? 17  DA A P     1 
ATOM   328 O  OP1   . DA A 1 17 ? 9.624   12.714  8.351   1.00 99.02  ? 17  DA A OP1   1 
ATOM   329 O  OP2   . DA A 1 17 ? 11.730  12.993  6.901   1.00 106.84 ? 17  DA A OP2   1 
ATOM   330 O  "O5'" . DA A 1 17 ? 11.569  11.355  8.887   1.00 88.98  ? 17  DA A "O5'" 1 
ATOM   331 C  "C5'" . DA A 1 17 ? 10.765  10.515  9.716   1.00 86.91  ? 17  DA A "C5'" 1 
ATOM   332 C  "C4'" . DA A 1 17 ? 11.600  9.340   10.145  1.00 81.23  ? 17  DA A "C4'" 1 
ATOM   333 O  "O4'" . DA A 1 17 ? 12.152  8.684   8.984   1.00 96.98  ? 17  DA A "O4'" 1 
ATOM   334 C  "C3'" . DA A 1 17 ? 12.798  9.718   11.000  1.00 76.51  ? 17  DA A "C3'" 1 
ATOM   335 O  "O3'" . DA A 1 17 ? 12.881  8.682   11.970  1.00 77.59  ? 17  DA A "O3'" 1 
ATOM   336 C  "C2'" . DA A 1 17 ? 13.937  9.806   9.990   1.00 80.10  ? 17  DA A "C2'" 1 
ATOM   337 C  "C1'" . DA A 1 17 ? 13.574  8.768   8.959   1.00 75.85  ? 17  DA A "C1'" 1 
ATOM   338 N  N9    . DA A 1 17 ? 13.936  9.043   7.577   1.00 70.16  ? 17  DA A N9    1 
ATOM   339 C  C8    . DA A 1 17 ? 13.757  10.207  6.871   1.00 77.86  ? 17  DA A C8    1 
ATOM   340 N  N7    . DA A 1 17 ? 14.037  10.096  5.593   1.00 69.49  ? 17  DA A N7    1 
ATOM   341 C  C5    . DA A 1 17 ? 14.340  8.752   5.435   1.00 58.09  ? 17  DA A C5    1 
ATOM   342 C  C6    . DA A 1 17 ? 14.708  7.994   4.311   1.00 59.76  ? 17  DA A C6    1 
ATOM   343 N  N6    . DA A 1 17 ? 14.845  8.508   3.092   1.00 64.96  ? 17  DA A N6    1 
ATOM   344 N  N1    . DA A 1 17 ? 14.961  6.679   4.491   1.00 61.20  ? 17  DA A N1    1 
ATOM   345 C  C2    . DA A 1 17 ? 14.837  6.170   5.727   1.00 75.03  ? 17  DA A C2    1 
ATOM   346 N  N3    . DA A 1 17 ? 14.476  6.779   6.863   1.00 66.46  ? 17  DA A N3    1 
ATOM   347 C  C4    . DA A 1 17 ? 14.244  8.084   6.644   1.00 62.09  ? 17  DA A C4    1 
ATOM   348 P  P     . DC A 1 18 ? 14.045  8.683   13.017  1.00 94.18  ? 18  DC A P     1 
ATOM   349 O  OP1   . DC A 1 18 ? 13.728  7.747   14.126  1.00 79.42  ? 18  DC A OP1   1 
ATOM   350 O  OP2   . DC A 1 18 ? 14.424  10.083  13.262  1.00 109.66 ? 18  DC A OP2   1 
ATOM   351 O  "O5'" . DC A 1 18 ? 15.256  8.102   12.199  1.00 82.18  ? 18  DC A "O5'" 1 
ATOM   352 C  "C5'" . DC A 1 18 ? 15.997  7.029   12.707  1.00 78.73  ? 18  DC A "C5'" 1 
ATOM   353 C  "C4'" . DC A 1 18 ? 16.537  6.358   11.477  1.00 80.09  ? 18  DC A "C4'" 1 
ATOM   354 O  "O4'" . DC A 1 18 ? 16.381  7.201   10.321  1.00 68.48  ? 18  DC A "O4'" 1 
ATOM   355 C  "C3'" . DC A 1 18 ? 18.023  6.101   11.508  1.00 83.42  ? 18  DC A "C3'" 1 
ATOM   356 O  "O3'" . DC A 1 18 ? 18.256  5.036   12.416  1.00 96.22  ? 18  DC A "O3'" 1 
ATOM   357 C  "C2'" . DC A 1 18 ? 18.347  5.908   10.034  1.00 71.79  ? 18  DC A "C2'" 1 
ATOM   358 C  "C1'" . DC A 1 18 ? 17.139  6.519   9.324   1.00 69.53  ? 18  DC A "C1'" 1 
ATOM   359 N  N1    . DC A 1 18 ? 17.360  7.425   8.182   1.00 64.93  ? 18  DC A N1    1 
ATOM   360 C  C2    . DC A 1 18 ? 17.751  6.864   6.963   1.00 66.43  ? 18  DC A C2    1 
ATOM   361 O  O2    . DC A 1 18 ? 17.955  5.650   6.904   1.00 75.78  ? 18  DC A O2    1 
ATOM   362 N  N3    . DC A 1 18 ? 17.857  7.652   5.871   1.00 65.63  ? 18  DC A N3    1 
ATOM   363 C  C4    . DC A 1 18 ? 17.597  8.957   5.967   1.00 73.74  ? 18  DC A C4    1 
ATOM   364 N  N4    . DC A 1 18 ? 17.745  9.704   4.873   1.00 78.87  ? 18  DC A N4    1 
ATOM   365 C  C5    . DC A 1 18 ? 17.178  9.554   7.193   1.00 67.73  ? 18  DC A C5    1 
ATOM   366 C  C6    . DC A 1 18 ? 17.041  8.752   8.256   1.00 68.78  ? 18  DC A C6    1 
ATOM   367 P  P     . DT A 1 19 ? 19.681  4.898   13.045  1.00 118.94 ? 19  DT A P     1 
ATOM   368 O  OP1   . DT A 1 19 ? 19.652  3.751   13.991  1.00 128.77 ? 19  DT A OP1   1 
ATOM   369 O  OP2   . DT A 1 19 ? 20.103  6.240   13.507  1.00 110.96 ? 19  DT A OP2   1 
ATOM   370 O  "O5'" . DT A 1 19 ? 20.526  4.428   11.788  1.00 93.26  ? 19  DT A "O5'" 1 
ATOM   371 C  "C5'" . DT A 1 19 ? 20.211  3.137   11.284  1.00 88.72  ? 19  DT A "C5'" 1 
ATOM   372 C  "C4'" . DT A 1 19 ? 20.906  2.948   9.967   1.00 87.39  ? 19  DT A "C4'" 1 
ATOM   373 O  "O4'" . DT A 1 19 ? 20.651  4.114   9.182   1.00 82.46  ? 19  DT A "O4'" 1 
ATOM   374 C  "C3'" . DT A 1 19 ? 22.424  2.846   10.072  1.00 91.70  ? 19  DT A "C3'" 1 
ATOM   375 O  "O3'" . DT A 1 19 ? 22.829  1.579   9.583   1.00 88.59  ? 19  DT A "O3'" 1 
ATOM   376 C  "C2'" . DT A 1 19 ? 22.939  3.984   9.200   1.00 101.95 ? 19  DT A "C2'" 1 
ATOM   377 C  "C1'" . DT A 1 19 ? 21.749  4.267   8.320   1.00 89.00  ? 19  DT A "C1'" 1 
ATOM   378 N  N1    . DT A 1 19 ? 21.640  5.606   7.700   1.00 87.98  ? 19  DT A N1    1 
ATOM   379 C  C2    . DT A 1 19 ? 21.760  5.669   6.332   1.00 87.86  ? 19  DT A C2    1 
ATOM   380 O  O2    . DT A 1 19 ? 22.025  4.696   5.642   1.00 115.52 ? 19  DT A O2    1 
ATOM   381 N  N3    . DT A 1 19 ? 21.571  6.921   5.798   1.00 75.59  ? 19  DT A N3    1 
ATOM   382 C  C4    . DT A 1 19 ? 21.236  8.078   6.476   1.00 82.47  ? 19  DT A C4    1 
ATOM   383 O  O4    . DT A 1 19 ? 21.075  9.127   5.857   1.00 81.74  ? 19  DT A O4    1 
ATOM   384 C  C5    . DT A 1 19 ? 21.113  7.938   7.906   1.00 81.28  ? 19  DT A C5    1 
ATOM   385 C  C7    . DT A 1 19 ? 20.764  9.143   8.719   1.00 70.99  ? 19  DT A C7    1 
ATOM   386 C  C6    . DT A 1 19 ? 21.308  6.723   8.441   1.00 92.37  ? 19  DT A C6    1 
ATOM   387 P  P     . DC A 1 20 ? 24.286  1.057   9.915   1.00 126.63 ? 20  DC A P     1 
ATOM   388 O  OP1   . DC A 1 20 ? 24.135  -0.213  10.662  1.00 124.42 ? 20  DC A OP1   1 
ATOM   389 O  OP2   . DC A 1 20 ? 25.069  2.173   10.514  1.00 105.90 ? 20  DC A OP2   1 
ATOM   390 O  "O5'" . DC A 1 20 ? 24.890  0.731   8.479   1.00 109.62 ? 20  DC A "O5'" 1 
ATOM   391 C  "C5'" . DC A 1 20 ? 24.287  1.213   7.270   1.00 119.83 ? 20  DC A "C5'" 1 
ATOM   392 C  "C4'" . DC A 1 20 ? 25.312  1.975   6.467   1.00 122.51 ? 20  DC A "C4'" 1 
ATOM   393 O  "O4'" . DC A 1 20 ? 24.959  3.374   6.331   1.00 124.04 ? 20  DC A "O4'" 1 
ATOM   394 C  "C3'" . DC A 1 20 ? 26.722  1.973   7.052   1.00 128.93 ? 20  DC A "C3'" 1 
ATOM   395 O  "O3'" . DC A 1 20 ? 27.608  1.768   5.953   1.00 142.88 ? 20  DC A "O3'" 1 
ATOM   396 C  "C2'" . DC A 1 20 ? 26.870  3.374   7.617   1.00 126.95 ? 20  DC A "C2'" 1 
ATOM   397 C  "C1'" . DC A 1 20 ? 26.137  4.137   6.538   1.00 117.14 ? 20  DC A "C1'" 1 
ATOM   398 N  N1    . DC A 1 20 ? 25.747  5.544   6.772   1.00 102.25 ? 20  DC A N1    1 
ATOM   399 C  C2    . DC A 1 20 ? 25.512  6.363   5.652   1.00 92.72  ? 20  DC A C2    1 
ATOM   400 O  O2    . DC A 1 20 ? 25.638  5.879   4.520   1.00 103.99 ? 20  DC A O2    1 
ATOM   401 N  N3    . DC A 1 20 ? 25.140  7.652   5.838   1.00 84.38  ? 20  DC A N3    1 
ATOM   402 C  C4    . DC A 1 20 ? 24.973  8.125   7.080   1.00 106.48 ? 20  DC A C4    1 
ATOM   403 N  N4    . DC A 1 20 ? 24.588  9.396   7.221   1.00 106.81 ? 20  DC A N4    1 
ATOM   404 C  C5    . DC A 1 20 ? 25.213  7.316   8.236   1.00 90.47  ? 20  DC A C5    1 
ATOM   405 C  C6    . DC A 1 20 ? 25.599  6.046   8.038   1.00 96.24  ? 20  DC A C6    1 
ATOM   406 P  P     . DA A 1 21 ? 28.946  0.986   6.189   1.00 139.74 ? 21  DA A P     1 
ATOM   407 O  OP1   . DA A 1 21 ? 28.612  -0.465  6.231   1.00 137.43 ? 21  DA A OP1   1 
ATOM   408 O  OP2   . DA A 1 21 ? 29.605  1.623   7.362   1.00 120.11 ? 21  DA A OP2   1 
ATOM   409 O  "O5'" . DA A 1 21 ? 29.780  1.282   4.861   1.00 129.81 ? 21  DA A "O5'" 1 
ATOM   410 C  "C5'" . DA A 1 21 ? 29.437  0.714   3.577   1.00 117.15 ? 21  DA A "C5'" 1 
ATOM   411 C  "C4'" . DA A 1 21 ? 29.125  1.830   2.608   1.00 130.85 ? 21  DA A "C4'" 1 
ATOM   412 O  "O4'" . DA A 1 21 ? 28.637  2.983   3.338   1.00 144.44 ? 21  DA A "O4'" 1 
ATOM   413 C  "C3'" . DA A 1 21 ? 30.308  2.355   1.796   1.00 134.19 ? 21  DA A "C3'" 1 
ATOM   414 O  "O3'" . DA A 1 21 ? 29.833  2.848   0.538   1.00 130.69 ? 21  DA A "O3'" 1 
ATOM   415 C  "C2'" . DA A 1 21 ? 30.789  3.529   2.626   1.00 130.76 ? 21  DA A "C2'" 1 
ATOM   416 C  "C1'" . DA A 1 21 ? 29.464  4.105   3.055   1.00 127.55 ? 21  DA A "C1'" 1 
ATOM   417 N  N9    . DA A 1 21 ? 29.477  4.956   4.239   1.00 124.10 ? 21  DA A N9    1 
ATOM   418 C  C8    . DA A 1 21 ? 29.780  4.629   5.539   1.00 115.79 ? 21  DA A C8    1 
ATOM   419 N  N7    . DA A 1 21 ? 29.643  5.627   6.379   1.00 110.85 ? 21  DA A N7    1 
ATOM   420 C  C5    . DA A 1 21 ? 29.198  6.673   5.584   1.00 107.65 ? 21  DA A C5    1 
ATOM   421 C  C6    . DA A 1 21 ? 28.844  8.004   5.877   1.00 117.48 ? 21  DA A C6    1 
ATOM   422 N  N6    . DA A 1 21 ? 28.908  8.531   7.102   1.00 115.45 ? 21  DA A N6    1 
ATOM   423 N  N1    . DA A 1 21 ? 28.427  8.787   4.854   1.00 108.51 ? 21  DA A N1    1 
ATOM   424 C  C2    . DA A 1 21 ? 28.386  8.261   3.621   1.00 113.98 ? 21  DA A C2    1 
ATOM   425 N  N3    . DA A 1 21 ? 28.692  7.025   3.220   1.00 107.35 ? 21  DA A N3    1 
ATOM   426 C  C4    . DA A 1 21 ? 29.088  6.273   4.264   1.00 115.15 ? 21  DA A C4    1 
ATOM   427 P  P     . DA B 2 1  ? 3.653   -3.657  7.157   1.00 78.77  ? 1   DA B P     1 
ATOM   428 O  OP1   . DA B 2 1  ? 3.222   -3.837  8.564   1.00 58.31  ? 1   DA B OP1   1 
ATOM   429 O  OP2   . DA B 2 1  ? 4.236   -4.821  6.388   1.00 60.15  ? 1   DA B OP2   1 
ATOM   430 O  "O5'" . DA B 2 1  ? 4.849   -2.630  7.382   1.00 63.55  ? 1   DA B "O5'" 1 
ATOM   431 C  "C5'" . DA B 2 1  ? 4.817   -1.761  8.535   1.00 73.98  ? 1   DA B "C5'" 1 
ATOM   432 C  "C4'" . DA B 2 1  ? 4.910   -0.314  8.114   1.00 61.22  ? 1   DA B "C4'" 1 
ATOM   433 O  "O4'" . DA B 2 1  ? 5.974   -0.215  7.173   1.00 53.91  ? 1   DA B "O4'" 1 
ATOM   434 C  "C3'" . DA B 2 1  ? 3.726   0.213   7.335   1.00 57.24  ? 1   DA B "C3'" 1 
ATOM   435 O  "O3'" . DA B 2 1  ? 2.738   0.697   8.186   1.00 59.68  ? 1   DA B "O3'" 1 
ATOM   436 C  "C2'" . DA B 2 1  ? 4.331   1.381   6.603   1.00 49.55  ? 1   DA B "C2'" 1 
ATOM   437 C  "C1'" . DA B 2 1  ? 5.672   0.817   6.253   1.00 45.89  ? 1   DA B "C1'" 1 
ATOM   438 N  N9    . DA B 2 1  ? 5.789   0.249   4.946   1.00 41.26  ? 1   DA B N9    1 
ATOM   439 C  C8    . DA B 2 1  ? 6.236   -0.988  4.562   1.00 54.69  ? 1   DA B C8    1 
ATOM   440 N  N7    . DA B 2 1  ? 6.363   -1.126  3.263   1.00 48.42  ? 1   DA B N7    1 
ATOM   441 C  C5    . DA B 2 1  ? 5.990   0.108   2.768   1.00 44.88  ? 1   DA B C5    1 
ATOM   442 C  C6    . DA B 2 1  ? 5.922   0.608   1.475   1.00 54.96  ? 1   DA B C6    1 
ATOM   443 N  N6    . DA B 2 1  ? 6.197   -0.118  0.388   1.00 62.33  ? 1   DA B N6    1 
ATOM   444 N  N1    . DA B 2 1  ? 5.595   1.906   1.323   1.00 56.21  ? 1   DA B N1    1 
ATOM   445 C  C2    . DA B 2 1  ? 5.299   2.623   2.415   1.00 69.75  ? 1   DA B C2    1 
ATOM   446 N  N3    . DA B 2 1  ? 5.310   2.252   3.694   1.00 45.67  ? 1   DA B N3    1 
ATOM   447 C  C4    . DA B 2 1  ? 5.666   0.971   3.797   1.00 43.36  ? 1   DA B C4    1 
ATOM   448 P  P     . DG B 2 2  ? 1.220   0.589   7.764   1.00 74.71  ? 2   DG B P     1 
ATOM   449 O  OP1   . DG B 2 2  ? 0.445   1.150   8.920   1.00 65.65  ? 2   DG B OP1   1 
ATOM   450 O  OP2   . DG B 2 2  ? 0.962   -0.786  7.235   1.00 64.12  ? 2   DG B OP2   1 
ATOM   451 O  "O5'" . DG B 2 2  ? 1.142   1.584   6.540   1.00 48.75  ? 2   DG B "O5'" 1 
ATOM   452 C  "C5'" . DG B 2 2  ? 0.878   2.957   6.830   1.00 53.74  ? 2   DG B "C5'" 1 
ATOM   453 C  "C4'" . DG B 2 2  ? 1.071   3.694   5.534   1.00 63.27  ? 2   DG B "C4'" 1 
ATOM   454 O  "O4'" . DG B 2 2  ? 1.888   2.806   4.762   1.00 65.05  ? 2   DG B "O4'" 1 
ATOM   455 C  "C3'" . DG B 2 2  ? -0.168  3.860   4.678   1.00 66.91  ? 2   DG B "C3'" 1 
ATOM   456 O  "O3'" . DG B 2 2  ? -0.787  5.129   4.806   1.00 83.51  ? 2   DG B "O3'" 1 
ATOM   457 C  "C2'" . DG B 2 2  ? 0.343   3.656   3.256   1.00 69.25  ? 2   DG B "C2'" 1 
ATOM   458 C  "C1'" . DG B 2 2  ? 1.747   3.122   3.411   1.00 56.99  ? 2   DG B "C1'" 1 
ATOM   459 N  N9    . DG B 2 2  ? 2.025   1.903   2.692   1.00 55.17  ? 2   DG B N9    1 
ATOM   460 C  C8    . DG B 2 2  ? 2.201   0.656   3.248   1.00 53.60  ? 2   DG B C8    1 
ATOM   461 N  N7    . DG B 2 2  ? 2.610   -0.234  2.385   1.00 53.60  ? 2   DG B N7    1 
ATOM   462 C  C5    . DG B 2 2  ? 2.670   0.457   1.184   1.00 48.42  ? 2   DG B C5    1 
ATOM   463 C  C6    . DG B 2 2  ? 2.984   -0.001  -0.111  1.00 57.97  ? 2   DG B C6    1 
ATOM   464 O  O6    . DG B 2 2  ? 3.244   -1.162  -0.472  1.00 52.56  ? 2   DG B O6    1 
ATOM   465 N  N1    . DG B 2 2  ? 2.961   1.037   -1.042  1.00 58.77  ? 2   DG B N1    1 
ATOM   466 C  C2    . DG B 2 2  ? 2.656   2.347   -0.752  1.00 64.87  ? 2   DG B C2    1 
ATOM   467 N  N2    . DG B 2 2  ? 2.701   3.202   -1.782  1.00 66.44  ? 2   DG B N2    1 
ATOM   468 N  N3    . DG B 2 2  ? 2.330   2.781   0.458   1.00 49.65  ? 2   DG B N3    1 
ATOM   469 C  C4    . DG B 2 2  ? 2.324   1.782   1.361   1.00 49.09  ? 2   DG B C4    1 
ATOM   470 P  P     . DT B 2 3  ? -2.208  5.336   4.113   1.00 101.62 ? 3   DT B P     1 
ATOM   471 O  OP1   . DT B 2 3  ? -2.737  6.660   4.531   1.00 87.88  ? 3   DT B OP1   1 
ATOM   472 O  OP2   . DT B 2 3  ? -3.001  4.095   4.302   1.00 102.57 ? 3   DT B OP2   1 
ATOM   473 O  "O5'" . DT B 2 3  ? -1.860  5.389   2.566   1.00 68.44  ? 3   DT B "O5'" 1 
ATOM   474 C  "C5'" . DT B 2 3  ? -1.775  6.670   1.979   1.00 66.70  ? 3   DT B "C5'" 1 
ATOM   475 C  "C4'" . DT B 2 3  ? -1.503  6.454   0.522   1.00 64.17  ? 3   DT B "C4'" 1 
ATOM   476 O  "O4'" . DT B 2 3  ? -0.942  5.148   0.430   1.00 61.45  ? 3   DT B "O4'" 1 
ATOM   477 C  "C3'" . DT B 2 3  ? -2.750  6.406   -0.350  1.00 67.95  ? 3   DT B "C3'" 1 
ATOM   478 O  "O3'" . DT B 2 3  ? -2.764  7.610   -1.091  1.00 70.45  ? 3   DT B "O3'" 1 
ATOM   479 C  "C2'" . DT B 2 3  ? -2.526  5.213   -1.270  1.00 67.59  ? 3   DT B "C2'" 1 
ATOM   480 C  "C1'" . DT B 2 3  ? -1.150  4.720   -0.901  1.00 66.56  ? 3   DT B "C1'" 1 
ATOM   481 N  N1    . DT B 2 3  ? -0.979  3.269   -0.922  1.00 56.38  ? 3   DT B N1    1 
ATOM   482 C  C2    . DT B 2 3  ? -0.508  2.665   -2.065  1.00 62.98  ? 3   DT B C2    1 
ATOM   483 O  O2    . DT B 2 3  ? -0.304  3.267   -3.106  1.00 73.05  ? 3   DT B O2    1 
ATOM   484 N  N3    . DT B 2 3  ? -0.294  1.315   -1.950  1.00 66.16  ? 3   DT B N3    1 
ATOM   485 C  C4    . DT B 2 3  ? -0.505  0.532   -0.830  1.00 68.91  ? 3   DT B C4    1 
ATOM   486 O  O4    . DT B 2 3  ? -0.331  -0.687  -0.889  1.00 54.84  ? 3   DT B O4    1 
ATOM   487 C  C5    . DT B 2 3  ? -0.968  1.240   0.340   1.00 59.49  ? 3   DT B C5    1 
ATOM   488 C  C7    . DT B 2 3  ? -1.210  0.474   1.601   1.00 58.93  ? 3   DT B C7    1 
ATOM   489 C  C6    . DT B 2 3  ? -1.176  2.555   0.237   1.00 54.57  ? 3   DT B C6    1 
ATOM   490 P  P     . DC B 2 4  ? -4.019  7.933   -1.920  1.00 75.61  ? 4   DC B P     1 
ATOM   491 O  OP1   . DC B 2 4  ? -3.813  9.242   -2.580  1.00 71.96  ? 4   DC B OP1   1 
ATOM   492 O  OP2   . DC B 2 4  ? -5.177  7.743   -1.009  1.00 73.42  ? 4   DC B OP2   1 
ATOM   493 O  "O5'" . DC B 2 4  ? -3.856  6.896   -3.107  1.00 61.71  ? 4   DC B "O5'" 1 
ATOM   494 C  "C5'" . DC B 2 4  ? -3.200  7.367   -4.282  1.00 65.01  ? 4   DC B "C5'" 1 
ATOM   495 C  "C4'" . DC B 2 4  ? -3.162  6.311   -5.360  1.00 60.05  ? 4   DC B "C4'" 1 
ATOM   496 O  "O4'" . DC B 2 4  ? -2.899  5.039   -4.774  1.00 61.20  ? 4   DC B "O4'" 1 
ATOM   497 C  "C3'" . DC B 2 4  ? -4.453  6.149   -6.156  1.00 57.18  ? 4   DC B "C3'" 1 
ATOM   498 O  "O3'" . DC B 2 4  ? -4.249  6.635   -7.478  1.00 52.86  ? 4   DC B "O3'" 1 
ATOM   499 C  "C2'" . DC B 2 4  ? -4.760  4.660   -6.102  1.00 64.01  ? 4   DC B "C2'" 1 
ATOM   500 C  "C1'" . DC B 2 4  ? -3.497  4.038   -5.564  1.00 60.99  ? 4   DC B "C1'" 1 
ATOM   501 N  N1    . DC B 2 4  ? -3.629  2.859   -4.705  1.00 56.50  ? 4   DC B N1    1 
ATOM   502 C  C2    . DC B 2 4  ? -3.238  1.606   -5.187  1.00 62.51  ? 4   DC B C2    1 
ATOM   503 O  O2    . DC B 2 4  ? -2.960  1.483   -6.391  1.00 65.01  ? 4   DC B O2    1 
ATOM   504 N  N3    . DC B 2 4  ? -3.208  0.554   -4.341  1.00 60.59  ? 4   DC B N3    1 
ATOM   505 C  C4    . DC B 2 4  ? -3.521  0.728   -3.055  1.00 69.85  ? 4   DC B C4    1 
ATOM   506 N  N4    . DC B 2 4  ? -3.510  -0.339  -2.260  1.00 91.05  ? 4   DC B N4    1 
ATOM   507 C  C5    . DC B 2 4  ? -3.881  2.002   -2.531  1.00 62.35  ? 4   DC B C5    1 
ATOM   508 C  C6    . DC B 2 4  ? -3.923  3.029   -3.382  1.00 53.28  ? 4   DC B C6    1 
ATOM   509 P  P     . DT B 2 5  ? -5.441  6.659   -8.401  1.00 67.98  ? 5   DT B P     1 
ATOM   510 O  OP1   . DT B 2 5  ? -5.086  7.333   -9.699  1.00 53.00  ? 5   DT B OP1   1 
ATOM   511 O  OP2   . DT B 2 5  ? -6.582  7.163   -7.575  1.00 64.10  ? 5   DT B OP2   1 
ATOM   512 O  "O5'" . DT B 2 5  ? -5.534  5.123   -8.776  1.00 51.98  ? 5   DT B "O5'" 1 
ATOM   513 C  "C5'" . DT B 2 5  ? -5.039  4.781   -10.070 1.00 58.76  ? 5   DT B "C5'" 1 
ATOM   514 C  "C4'" . DT B 2 5  ? -5.288  3.319   -10.319 1.00 53.09  ? 5   DT B "C4'" 1 
ATOM   515 O  "O4'" . DT B 2 5  ? -5.267  2.646   -9.038  1.00 64.76  ? 5   DT B "O4'" 1 
ATOM   516 C  "C3'" . DT B 2 5  ? -6.672  3.072   -10.882 1.00 53.10  ? 5   DT B "C3'" 1 
ATOM   517 O  "O3'" . DT B 2 5  ? -6.545  2.384   -12.121 1.00 41.29  ? 5   DT B "O3'" 1 
ATOM   518 C  "C2'" . DT B 2 5  ? -7.378  2.351   -9.734  1.00 66.78  ? 5   DT B "C2'" 1 
ATOM   519 C  "C1'" . DT B 2 5  ? -6.230  1.643   -9.089  1.00 54.48  ? 5   DT B "C1'" 1 
ATOM   520 N  N1    . DT B 2 5  ? -6.396  1.097   -7.727  1.00 54.66  ? 5   DT B N1    1 
ATOM   521 C  C2    . DT B 2 5  ? -6.112  -0.237  -7.583  1.00 57.92  ? 5   DT B C2    1 
ATOM   522 O  O2    . DT B 2 5  ? -5.768  -0.939  -8.511  1.00 66.79  ? 5   DT B O2    1 
ATOM   523 N  N3    . DT B 2 5  ? -6.217  -0.712  -6.302  1.00 53.23  ? 5   DT B N3    1 
ATOM   524 C  C4    . DT B 2 5  ? -6.558  0.008   -5.177  1.00 57.14  ? 5   DT B C4    1 
ATOM   525 O  O4    . DT B 2 5  ? -6.598  -0.540  -4.086  1.00 72.46  ? 5   DT B O4    1 
ATOM   526 C  C5    . DT B 2 5  ? -6.843  1.390   -5.395  1.00 52.32  ? 5   DT B C5    1 
ATOM   527 C  C7    . DT B 2 5  ? -7.219  2.232   -4.218  1.00 59.90  ? 5   DT B C7    1 
ATOM   528 C  C6    . DT B 2 5  ? -6.728  1.875   -6.641  1.00 51.58  ? 5   DT B C6    1 
ATOM   529 O  "O5'" . DT C 3 1  ? 32.115  15.717  14.790  1.00 120.97 ? 1   DT C "O5'" 1 
ATOM   530 C  "C5'" . DT C 3 1  ? 30.952  16.572  14.701  1.00 136.57 ? 1   DT C "C5'" 1 
ATOM   531 C  "C4'" . DT C 3 1  ? 31.122  17.524  13.539  1.00 141.51 ? 1   DT C "C4'" 1 
ATOM   532 O  "O4'" . DT C 3 1  ? 32.143  16.987  12.664  1.00 150.40 ? 1   DT C "O4'" 1 
ATOM   533 C  "C3'" . DT C 3 1  ? 29.881  17.748  12.673  1.00 136.42 ? 1   DT C "C3'" 1 
ATOM   534 O  "O3'" . DT C 3 1  ? 29.677  19.121  12.342  1.00 159.28 ? 1   DT C "O3'" 1 
ATOM   535 C  "C2'" . DT C 3 1  ? 30.175  16.993  11.393  1.00 124.47 ? 1   DT C "C2'" 1 
ATOM   536 C  "C1'" . DT C 3 1  ? 31.684  16.942  11.326  1.00 137.09 ? 1   DT C "C1'" 1 
ATOM   537 N  N1    . DT C 3 1  ? 32.178  15.693  10.704  1.00 143.13 ? 1   DT C N1    1 
ATOM   538 C  C2    . DT C 3 1  ? 32.211  15.651  9.327   1.00 142.94 ? 1   DT C C2    1 
ATOM   539 O  O2    . DT C 3 1  ? 31.877  16.592  8.625   1.00 140.37 ? 1   DT C O2    1 
ATOM   540 N  N3    . DT C 3 1  ? 32.634  14.455  8.799   1.00 134.55 ? 1   DT C N3    1 
ATOM   541 C  C4    . DT C 3 1  ? 33.008  13.320  9.497   1.00 129.41 ? 1   DT C C4    1 
ATOM   542 O  O4    . DT C 3 1  ? 33.356  12.315  8.885   1.00 116.23 ? 1   DT C O4    1 
ATOM   543 C  C5    . DT C 3 1  ? 32.946  13.432  10.938  1.00 118.15 ? 1   DT C C5    1 
ATOM   544 C  C7    . DT C 3 1  ? 33.331  12.252  11.773  1.00 105.94 ? 1   DT C C7    1 
ATOM   545 C  C6    . DT C 3 1  ? 32.532  14.593  11.463  1.00 131.36 ? 1   DT C C6    1 
ATOM   546 P  P     . DC C 3 2  ? 28.275  19.602  11.723  1.00 188.75 ? 2   DC C P     1 
ATOM   547 O  OP1   . DC C 3 2  ? 28.123  21.051  12.011  1.00 214.28 ? 2   DC C OP1   1 
ATOM   548 O  OP2   . DC C 3 2  ? 27.217  18.660  12.152  1.00 193.91 ? 2   DC C OP2   1 
ATOM   549 O  "O5'" . DC C 3 2  ? 28.462  19.412  10.154  1.00 160.43 ? 2   DC C "O5'" 1 
ATOM   550 C  "C5'" . DC C 3 2  ? 27.943  20.426  9.270   1.00 154.19 ? 2   DC C "C5'" 1 
ATOM   551 C  "C4'" . DC C 3 2  ? 28.024  19.973  7.830   1.00 139.03 ? 2   DC C "C4'" 1 
ATOM   552 O  "O4'" . DC C 3 2  ? 28.888  18.815  7.708   1.00 121.79 ? 2   DC C "O4'" 1 
ATOM   553 C  "C3'" . DC C 3 2  ? 26.687  19.580  7.200   1.00 122.31 ? 2   DC C "C3'" 1 
ATOM   554 O  "O3'" . DC C 3 2  ? 26.567  20.317  5.978   1.00 140.82 ? 2   DC C "O3'" 1 
ATOM   555 C  "C2'" . DC C 3 2  ? 26.801  18.069  7.087   1.00 127.14 ? 2   DC C "C2'" 1 
ATOM   556 C  "C1'" . DC C 3 2  ? 28.286  17.881  6.848   1.00 115.37 ? 2   DC C "C1'" 1 
ATOM   557 N  N1    . DC C 3 2  ? 28.770  16.551  7.235   1.00 133.92 ? 2   DC C N1    1 
ATOM   558 C  C2    . DC C 3 2  ? 29.220  15.655  6.254   1.00 141.39 ? 2   DC C C2    1 
ATOM   559 O  O2    . DC C 3 2  ? 29.221  16.015  5.065   1.00 136.92 ? 2   DC C O2    1 
ATOM   560 N  N3    . DC C 3 2  ? 29.641  14.421  6.630   1.00 127.66 ? 2   DC C N3    1 
ATOM   561 C  C4    . DC C 3 2  ? 29.613  14.071  7.921   1.00 117.43 ? 2   DC C C4    1 
ATOM   562 N  N4    . DC C 3 2  ? 30.046  12.855  8.254   1.00 106.51 ? 2   DC C N4    1 
ATOM   563 C  C5    . DC C 3 2  ? 29.143  14.958  8.931   1.00 127.59 ? 2   DC C C5    1 
ATOM   564 C  C6    . DC C 3 2  ? 28.740  16.176  8.549   1.00 134.03 ? 2   DC C C6    1 
ATOM   565 P  P     . DT C 3 3  ? 25.800  19.703  4.717   1.00 173.92 ? 3   DT C P     1 
ATOM   566 O  OP1   . DT C 3 3  ? 25.952  20.649  3.583   1.00 176.11 ? 3   DT C OP1   1 
ATOM   567 O  OP2   . DT C 3 3  ? 24.431  19.322  5.158   1.00 188.70 ? 3   DT C OP2   1 
ATOM   568 O  "O5'" . DT C 3 3  ? 26.649  18.391  4.401   1.00 154.48 ? 3   DT C "O5'" 1 
ATOM   569 C  "C5'" . DT C 3 3  ? 27.691  18.383  3.417   1.00 148.01 ? 3   DT C "C5'" 1 
ATOM   570 C  "C4'" . DT C 3 3  ? 27.236  17.568  2.230   1.00 152.35 ? 3   DT C "C4'" 1 
ATOM   571 O  "O4'" . DT C 3 3  ? 27.485  16.164  2.457   1.00 151.59 ? 3   DT C "O4'" 1 
ATOM   572 C  "C3'" . DT C 3 3  ? 25.751  17.660  1.908   1.00 146.51 ? 3   DT C "C3'" 1 
ATOM   573 O  "O3'" . DT C 3 3  ? 25.755  17.573  0.495   1.00 152.38 ? 3   DT C "O3'" 1 
ATOM   574 C  "C2'" . DT C 3 3  ? 25.157  16.467  2.641   1.00 131.14 ? 3   DT C "C2'" 1 
ATOM   575 C  "C1'" . DT C 3 3  ? 26.264  15.434  2.495   1.00 130.80 ? 3   DT C "C1'" 1 
ATOM   576 N  N1    . DT C 3 3  ? 26.405  14.398  3.549   1.00 123.35 ? 3   DT C N1    1 
ATOM   577 C  C2    . DT C 3 3  ? 26.957  13.190  3.170   1.00 126.31 ? 3   DT C C2    1 
ATOM   578 O  O2    . DT C 3 3  ? 27.278  12.931  2.019   1.00 130.66 ? 3   DT C O2    1 
ATOM   579 N  N3    . DT C 3 3  ? 27.117  12.285  4.193   1.00 116.15 ? 3   DT C N3    1 
ATOM   580 C  C4    . DT C 3 3  ? 26.803  12.470  5.528   1.00 105.32 ? 3   DT C C4    1 
ATOM   581 O  O4    . DT C 3 3  ? 27.020  11.573  6.338   1.00 87.55  ? 3   DT C O4    1 
ATOM   582 C  C5    . DT C 3 3  ? 26.235  13.760  5.856   1.00 95.57  ? 3   DT C C5    1 
ATOM   583 C  C7    . DT C 3 3  ? 25.861  14.043  7.276   1.00 91.61  ? 3   DT C C7    1 
ATOM   584 C  C6    . DT C 3 3  ? 26.086  14.655  4.868   1.00 103.29 ? 3   DT C C6    1 
ATOM   585 P  P     . DG C 3 4  ? 24.415  17.486  -0.282  1.00 170.58 ? 4   DG C P     1 
ATOM   586 O  OP1   . DG C 3 4  ? 24.567  18.258  -1.539  1.00 183.73 ? 4   DG C OP1   1 
ATOM   587 O  OP2   . DG C 3 4  ? 23.306  17.791  0.659   1.00 174.78 ? 4   DG C OP2   1 
ATOM   588 O  "O5'" . DG C 3 4  ? 24.367  15.952  -0.663  1.00 161.70 ? 4   DG C "O5'" 1 
ATOM   589 C  "C5'" . DG C 3 4  ? 23.672  15.545  -1.830  1.00 153.51 ? 4   DG C "C5'" 1 
ATOM   590 C  "C4'" . DG C 3 4  ? 24.223  14.220  -2.284  1.00 152.66 ? 4   DG C "C4'" 1 
ATOM   591 O  "O4'" . DG C 3 4  ? 24.819  13.494  -1.175  1.00 150.35 ? 4   DG C "O4'" 1 
ATOM   592 C  "C3'" . DG C 3 4  ? 23.141  13.319  -2.849  1.00 134.74 ? 4   DG C "C3'" 1 
ATOM   593 O  "O3'" . DG C 3 4  ? 23.660  12.680  -4.005  1.00 133.87 ? 4   DG C "O3'" 1 
ATOM   594 C  "C2'" . DG C 3 4  ? 22.782  12.421  -1.678  1.00 133.29 ? 4   DG C "C2'" 1 
ATOM   595 C  "C1'" . DG C 3 4  ? 24.005  12.396  -0.777  1.00 128.42 ? 4   DG C "C1'" 1 
ATOM   596 N  N9    . DG C 3 4  ? 23.681  12.564  0.639   1.00 111.47 ? 4   DG C N9    1 
ATOM   597 C  C8    . DG C 3 4  ? 23.059  13.650  1.209   1.00 122.79 ? 4   DG C C8    1 
ATOM   598 N  N7    . DG C 3 4  ? 22.890  13.529  2.499   1.00 104.15 ? 4   DG C N7    1 
ATOM   599 C  C5    . DG C 3 4  ? 23.440  12.292  2.802   1.00 77.08  ? 4   DG C C5    1 
ATOM   600 C  C6    . DG C 3 4  ? 23.545  11.619  4.046   1.00 70.94  ? 4   DG C C6    1 
ATOM   601 O  O6    . DG C 3 4  ? 23.166  11.998  5.159   1.00 88.00  ? 4   DG C O6    1 
ATOM   602 N  N1    . DG C 3 4  ? 24.147  10.373  3.906   1.00 63.40  ? 4   DG C N1    1 
ATOM   603 C  C2    . DG C 3 4  ? 24.594  9.841   2.717   1.00 89.97  ? 4   DG C C2    1 
ATOM   604 N  N2    . DG C 3 4  ? 25.162  8.626   2.792   1.00 88.65  ? 4   DG C N2    1 
ATOM   605 N  N3    . DG C 3 4  ? 24.499  10.460  1.543   1.00 83.09  ? 4   DG C N3    1 
ATOM   606 C  C4    . DG C 3 4  ? 23.915  11.672  1.662   1.00 86.00  ? 4   DG C C4    1 
ATOM   607 P  P     . DA C 3 5  ? 22.782  11.620  -4.750  1.00 164.80 ? 5   DA C P     1 
ATOM   608 O  OP1   . DA C 3 5  ? 23.462  11.251  -6.020  1.00 170.22 ? 5   DA C OP1   1 
ATOM   609 O  OP2   . DA C 3 5  ? 21.383  12.126  -4.774  1.00 153.72 ? 5   DA C OP2   1 
ATOM   610 O  "O5'" . DA C 3 5  ? 22.897  10.378  -3.770  1.00 146.82 ? 5   DA C "O5'" 1 
ATOM   611 C  "C5'" . DA C 3 5  ? 24.161  9.764   -3.507  1.00 134.56 ? 5   DA C "C5'" 1 
ATOM   612 C  "C4'" . DA C 3 5  ? 23.933  8.289   -3.292  1.00 132.98 ? 5   DA C "C4'" 1 
ATOM   613 O  "O4'" . DA C 3 5  ? 23.574  8.067   -1.912  1.00 133.00 ? 5   DA C "O4'" 1 
ATOM   614 C  "C3'" . DA C 3 5  ? 22.783  7.707   -4.108  1.00 122.30 ? 5   DA C "C3'" 1 
ATOM   615 O  "O3'" . DA C 3 5  ? 23.111  6.339   -4.323  1.00 130.44 ? 5   DA C "O3'" 1 
ATOM   616 C  "C2'" . DA C 3 5  ? 21.578  7.919   -3.208  1.00 123.73 ? 5   DA C "C2'" 1 
ATOM   617 C  "C1'" . DA C 3 5  ? 22.174  7.838   -1.800  1.00 126.12 ? 5   DA C "C1'" 1 
ATOM   618 N  N9    . DA C 3 5  ? 21.648  8.771   -0.806  1.00 113.91 ? 5   DA C N9    1 
ATOM   619 C  C8    . DA C 3 5  ? 21.046  9.996   -0.963  1.00 119.82 ? 5   DA C C8    1 
ATOM   620 N  N7    . DA C 3 5  ? 20.702  10.566  0.168   1.00 109.35 ? 5   DA C N7    1 
ATOM   621 C  C5    . DA C 3 5  ? 21.086  9.645   1.133   1.00 94.04  ? 5   DA C C5    1 
ATOM   622 C  C6    . DA C 3 5  ? 20.961  9.634   2.532   1.00 93.45  ? 5   DA C C6    1 
ATOM   623 N  N6    . DA C 3 5  ? 20.416  10.631  3.232   1.00 110.06 ? 5   DA C N6    1 
ATOM   624 N  N1    . DA C 3 5  ? 21.415  8.545   3.197   1.00 78.81  ? 5   DA C N1    1 
ATOM   625 C  C2    . DA C 3 5  ? 21.952  7.541   2.489   1.00 87.19  ? 5   DA C C2    1 
ATOM   626 N  N3    . DA C 3 5  ? 22.130  7.439   1.173   1.00 95.78  ? 5   DA C N3    1 
ATOM   627 C  C4    . DA C 3 5  ? 21.663  8.533   0.546   1.00 101.85 ? 5   DA C C4    1 
ATOM   628 P  P     . DG C 3 6  ? 22.178  5.408   -5.196  1.00 148.35 ? 6   DG C P     1 
ATOM   629 O  OP1   . DG C 3 6  ? 23.042  4.589   -6.087  1.00 140.25 ? 6   DG C OP1   1 
ATOM   630 O  OP2   . DG C 3 6  ? 21.073  6.246   -5.753  1.00 130.56 ? 6   DG C OP2   1 
ATOM   631 O  "O5'" . DG C 3 6  ? 21.671  4.336   -4.138  1.00 144.56 ? 6   DG C "O5'" 1 
ATOM   632 C  "C5'" . DG C 3 6  ? 22.064  4.452   -2.767  1.00 130.80 ? 6   DG C "C5'" 1 
ATOM   633 C  "C4'" . DG C 3 6  ? 21.632  3.248   -1.971  1.00 123.97 ? 6   DG C "C4'" 1 
ATOM   634 O  "O4'" . DG C 3 6  ? 21.167  3.754   -0.697  1.00 116.56 ? 6   DG C "O4'" 1 
ATOM   635 C  "C3'" . DG C 3 6  ? 20.445  2.479   -2.551  1.00 104.83 ? 6   DG C "C3'" 1 
ATOM   636 O  "O3'" . DG C 3 6  ? 20.536  1.093   -2.147  1.00 95.18  ? 6   DG C "O3'" 1 
ATOM   637 C  "C2'" . DG C 3 6  ? 19.281  3.335   -2.074  1.00 97.23  ? 6   DG C "C2'" 1 
ATOM   638 C  "C1'" . DG C 3 6  ? 19.746  3.776   -0.681  1.00 92.94  ? 6   DG C "C1'" 1 
ATOM   639 N  N9    . DG C 3 6  ? 19.315  5.097   -0.230  1.00 74.44  ? 6   DG C N9    1 
ATOM   640 C  C8    . DG C 3 6  ? 19.044  6.202   -1.000  1.00 76.94  ? 6   DG C C8    1 
ATOM   641 N  N7    . DG C 3 6  ? 18.638  7.228   -0.298  1.00 61.79  ? 6   DG C N7    1 
ATOM   642 C  C5    . DG C 3 6  ? 18.670  6.782   1.013   1.00 54.40  ? 6   DG C C5    1 
ATOM   643 C  C6    . DG C 3 6  ? 18.311  7.444   2.217   1.00 64.05  ? 6   DG C C6    1 
ATOM   644 O  O6    . DG C 3 6  ? 17.920  8.609   2.374   1.00 66.50  ? 6   DG C O6    1 
ATOM   645 N  N1    . DG C 3 6  ? 18.445  6.608   3.319   1.00 60.77  ? 6   DG C N1    1 
ATOM   646 C  C2    . DG C 3 6  ? 18.881  5.311   3.273   1.00 68.19  ? 6   DG C C2    1 
ATOM   647 N  N2    . DG C 3 6  ? 18.943  4.672   4.448   1.00 70.56  ? 6   DG C N2    1 
ATOM   648 N  N3    . DG C 3 6  ? 19.231  4.684   2.160   1.00 68.87  ? 6   DG C N3    1 
ATOM   649 C  C4    . DG C 3 6  ? 19.080  5.467   1.073   1.00 64.29  ? 6   DG C C4    1 
ATOM   650 P  P     . DT C 3 7  ? 19.232  0.181   -2.164  1.00 105.79 ? 7   DT C P     1 
ATOM   651 O  OP1   . DT C 3 7  ? 19.595  -1.291  -2.063  1.00 74.45  ? 7   DT C OP1   1 
ATOM   652 O  OP2   . DT C 3 7  ? 18.395  0.655   -3.300  1.00 87.80  ? 7   DT C OP2   1 
ATOM   653 O  "O5'" . DT C 3 7  ? 18.612  0.575   -0.758  1.00 88.63  ? 7   DT C "O5'" 1 
ATOM   654 C  "C5'" . DT C 3 7  ? 19.265  0.146   0.438   1.00 87.60  ? 7   DT C "C5'" 1 
ATOM   655 C  "C4'" . DT C 3 7  ? 18.244  0.060   1.545   1.00 87.70  ? 7   DT C "C4'" 1 
ATOM   656 O  "O4'" . DT C 3 7  ? 17.761  1.392   1.841   1.00 81.48  ? 7   DT C "O4'" 1 
ATOM   657 C  "C3'" . DT C 3 7  ? 17.000  -0.736  1.176   1.00 76.45  ? 7   DT C "C3'" 1 
ATOM   658 O  "O3'" . DT C 3 7  ? 16.486  -1.259  2.386   1.00 76.42  ? 7   DT C "O3'" 1 
ATOM   659 C  "C2'" . DT C 3 7  ? 16.052  0.349   0.698   1.00 82.26  ? 7   DT C "C2'" 1 
ATOM   660 C  "C1'" . DT C 3 7  ? 16.350  1.397   1.734   1.00 74.84  ? 7   DT C "C1'" 1 
ATOM   661 N  N1    . DT C 3 7  ? 15.937  2.785   1.534   1.00 68.67  ? 7   DT C N1    1 
ATOM   662 C  C2    . DT C 3 7  ? 15.672  3.521   2.672   1.00 79.55  ? 7   DT C C2    1 
ATOM   663 O  O2    . DT C 3 7  ? 15.642  3.034   3.791   1.00 88.13  ? 7   DT C O2    1 
ATOM   664 N  N3    . DT C 3 7  ? 15.417  4.848   2.450   1.00 70.62  ? 7   DT C N3    1 
ATOM   665 C  C4    . DT C 3 7  ? 15.406  5.498   1.234   1.00 72.64  ? 7   DT C C4    1 
ATOM   666 O  O4    . DT C 3 7  ? 15.145  6.696   1.185   1.00 75.08  ? 7   DT C O4    1 
ATOM   667 C  C5    . DT C 3 7  ? 15.696  4.669   0.087   1.00 73.74  ? 7   DT C C5    1 
ATOM   668 C  C7    . DT C 3 7  ? 15.705  5.295   -1.271  1.00 82.88  ? 7   DT C C7    1 
ATOM   669 C  C6    . DT C 3 7  ? 15.954  3.370   0.292   1.00 61.44  ? 7   DT C C6    1 
ATOM   670 P  P     . DG C 3 8  ? 16.216  -2.790  2.547   1.00 99.39  ? 8   DG C P     1 
ATOM   671 O  OP1   . DG C 3 8  ? 17.536  -3.452  2.699   1.00 86.14  ? 8   DG C OP1   1 
ATOM   672 O  OP2   . DG C 3 8  ? 15.232  -3.221  1.483   1.00 93.29  ? 8   DG C OP2   1 
ATOM   673 O  "O5'" . DG C 3 8  ? 15.592  -2.837  4.005   1.00 78.72  ? 8   DG C "O5'" 1 
ATOM   674 C  "C5'" . DG C 3 8  ? 16.446  -2.537  5.119   1.00 70.60  ? 8   DG C "C5'" 1 
ATOM   675 C  "C4'" . DG C 3 8  ? 15.638  -1.963  6.253   1.00 60.13  ? 8   DG C "C4'" 1 
ATOM   676 O  "O4'" . DG C 3 8  ? 14.987  -0.747  5.836   1.00 70.14  ? 8   DG C "O4'" 1 
ATOM   677 C  "C3'" . DG C 3 8  ? 14.524  -2.856  6.739   1.00 55.26  ? 8   DG C "C3'" 1 
ATOM   678 O  "O3'" . DG C 3 8  ? 14.311  -2.536  8.072   1.00 56.81  ? 8   DG C "O3'" 1 
ATOM   679 C  "C2'" . DG C 3 8  ? 13.296  -2.347  6.022   1.00 58.58  ? 8   DG C "C2'" 1 
ATOM   680 C  "C1'" . DG C 3 8  ? 13.570  -0.874  5.823   1.00 65.36  ? 8   DG C "C1'" 1 
ATOM   681 N  N9    . DG C 3 8  ? 13.120  -0.299  4.557   1.00 62.89  ? 8   DG C N9    1 
ATOM   682 C  C8    . DG C 3 8  ? 13.244  -0.875  3.319   1.00 60.86  ? 8   DG C C8    1 
ATOM   683 N  N7    . DG C 3 8  ? 12.871  -0.085  2.349   1.00 66.95  ? 8   DG C N7    1 
ATOM   684 C  C5    . DG C 3 8  ? 12.533  1.098   2.981   1.00 55.89  ? 8   DG C C5    1 
ATOM   685 C  C6    . DG C 3 8  ? 12.126  2.325   2.439   1.00 64.09  ? 8   DG C C6    1 
ATOM   686 O  O6    . DG C 3 8  ? 11.894  2.601   1.263   1.00 85.07  ? 8   DG C O6    1 
ATOM   687 N  N1    . DG C 3 8  ? 11.926  3.276   3.425   1.00 66.66  ? 8   DG C N1    1 
ATOM   688 C  C2    . DG C 3 8  ? 12.138  3.079   4.758   1.00 67.67  ? 8   DG C C2    1 
ATOM   689 N  N2    . DG C 3 8  ? 11.899  4.126   5.545   1.00 78.09  ? 8   DG C N2    1 
ATOM   690 N  N3    . DG C 3 8  ? 12.538  1.935   5.281   1.00 57.74  ? 8   DG C N3    1 
ATOM   691 C  C4    . DG C 3 8  ? 12.701  0.992   4.342   1.00 54.21  ? 8   DG C C4    1 
ATOM   692 P  P     . DG C 3 9  ? 13.480  -3.528  8.856   1.00 71.88  ? 9   DG C P     1 
ATOM   693 O  OP1   . DG C 3 9  ? 13.815  -3.406  10.290  1.00 79.77  ? 9   DG C OP1   1 
ATOM   694 O  OP2   . DG C 3 9  ? 13.648  -4.801  8.197   1.00 60.70  ? 9   DG C OP2   1 
ATOM   695 O  "O5'" . DG C 3 9  ? 12.011  -2.993  8.619   1.00 64.00  ? 9   DG C "O5'" 1 
ATOM   696 C  "C5'" . DG C 3 9  ? 11.588  -1.821  9.313   1.00 67.86  ? 9   DG C "C5'" 1 
ATOM   697 C  "C4'" . DG C 3 9  ? 10.327  -1.276  8.691   1.00 64.69  ? 9   DG C "C4'" 1 
ATOM   698 O  "O4'" . DG C 3 9  ? 10.555  -1.003  7.295   1.00 67.95  ? 9   DG C "O4'" 1 
ATOM   699 C  "C3'" . DG C 3 9  ? 9.162   -2.253  8.677   1.00 58.18  ? 9   DG C "C3'" 1 
ATOM   700 O  "O3'" . DG C 3 9  ? 8.190   -1.898  9.631   1.00 59.87  ? 9   DG C "O3'" 1 
ATOM   701 C  "C2'" . DG C 3 9  ? 8.539   -2.044  7.313   1.00 59.18  ? 9   DG C "C2'" 1 
ATOM   702 C  "C1'" . DG C 3 9  ? 9.269   -0.865  6.776   1.00 46.60  ? 9   DG C "C1'" 1 
ATOM   703 N  N9    . DG C 3 9  ? 9.364   -0.797  5.333   1.00 49.34  ? 9   DG C N9    1 
ATOM   704 C  C8    . DG C 3 9  ? 9.761   -1.762  4.432   1.00 47.78  ? 9   DG C C8    1 
ATOM   705 N  N7    . DG C 3 9  ? 9.776   -1.330  3.197   1.00 47.43  ? 9   DG C N7    1 
ATOM   706 C  C5    . DG C 3 9  ? 9.326   -0.018  3.292   1.00 51.92  ? 9   DG C C5    1 
ATOM   707 C  C6    . DG C 3 9  ? 9.121   0.954   2.291   1.00 57.61  ? 9   DG C C6    1 
ATOM   708 O  O6    . DG C 3 9  ? 9.271   0.845   1.075   1.00 61.56  ? 9   DG C O6    1 
ATOM   709 N  N1    . DG C 3 9  ? 8.750   2.176   2.835   1.00 61.73  ? 9   DG C N1    1 
ATOM   710 C  C2    . DG C 3 9  ? 8.606   2.430   4.172   1.00 64.73  ? 9   DG C C2    1 
ATOM   711 N  N2    . DG C 3 9  ? 8.202   3.659   4.501   1.00 83.68  ? 9   DG C N2    1 
ATOM   712 N  N3    . DG C 3 9  ? 8.767   1.525   5.113   1.00 51.75  ? 9   DG C N3    1 
ATOM   713 C  C4    . DG C 3 9  ? 9.099   0.329   4.605   1.00 47.65  ? 9   DG C C4    1 
ATOM   714 P  P     . DT D 4 1  ? -12.118 1.736   -11.018 1.00 65.43  ? 10  DT D P     1 
ATOM   715 O  OP1   . DT D 4 1  ? -11.863 2.575   -12.237 1.00 55.02  ? 10  DT D OP1   1 
ATOM   716 O  OP2   . DT D 4 1  ? -11.947 2.351   -9.669  1.00 56.97  ? 10  DT D OP2   1 
ATOM   717 O  "O5'" . DT D 4 1  ? -11.126 0.507   -10.843 1.00 58.54  ? 10  DT D "O5'" 1 
ATOM   718 C  "C5'" . DT D 4 1  ? -9.980  0.369   -11.695 1.00 65.78  ? 10  DT D "C5'" 1 
ATOM   719 C  "C4'" . DT D 4 1  ? -9.260  -0.919  -11.378 1.00 63.21  ? 10  DT D "C4'" 1 
ATOM   720 O  "O4'" . DT D 4 1  ? -8.414  -0.765  -10.225 1.00 63.78  ? 10  DT D "O4'" 1 
ATOM   721 C  "C3'" . DT D 4 1  ? -10.188 -2.044  -10.986 1.00 61.62  ? 10  DT D "C3'" 1 
ATOM   722 O  "O3'" . DT D 4 1  ? -10.697 -2.568  -12.193 1.00 75.75  ? 10  DT D "O3'" 1 
ATOM   723 C  "C2'" . DT D 4 1  ? -9.252  -2.967  -10.251 1.00 60.06  ? 10  DT D "C2'" 1 
ATOM   724 C  "C1'" . DT D 4 1  ? -8.354  -1.997  -9.526  1.00 55.75  ? 10  DT D "C1'" 1 
ATOM   725 N  N1    . DT D 4 1  ? -8.773  -1.750  -8.158  1.00 51.07  ? 10  DT D N1    1 
ATOM   726 C  C2    . DT D 4 1  ? -8.535  -2.742  -7.250  1.00 59.37  ? 10  DT D C2    1 
ATOM   727 O  O2    . DT D 4 1  ? -7.992  -3.794  -7.543  1.00 74.13  ? 10  DT D O2    1 
ATOM   728 N  N3    . DT D 4 1  ? -8.944  -2.456  -5.973  1.00 63.82  ? 10  DT D N3    1 
ATOM   729 C  C4    . DT D 4 1  ? -9.565  -1.300  -5.539  1.00 61.37  ? 10  DT D C4    1 
ATOM   730 O  O4    . DT D 4 1  ? -9.890  -1.178  -4.363  1.00 62.48  ? 10  DT D O4    1 
ATOM   731 C  C5    . DT D 4 1  ? -9.783  -0.310  -6.543  1.00 52.75  ? 10  DT D C5    1 
ATOM   732 C  C7    . DT D 4 1  ? -10.503 0.942   -6.165  1.00 67.09  ? 10  DT D C7    1 
ATOM   733 C  C6    . DT D 4 1  ? -9.400  -0.584  -7.792  1.00 51.12  ? 10  DT D C6    1 
ATOM   734 P  P     . DG D 4 2  ? -12.119 -3.290  -12.222 1.00 83.77  ? 11  DG D P     1 
ATOM   735 O  OP1   . DG D 4 2  ? -12.281 -3.777  -13.622 1.00 78.49  ? 11  DG D OP1   1 
ATOM   736 O  OP2   . DG D 4 2  ? -13.136 -2.404  -11.562 1.00 67.51  ? 11  DG D OP2   1 
ATOM   737 O  "O5'" . DG D 4 2  ? -11.939 -4.502  -11.210 1.00 74.48  ? 11  DG D "O5'" 1 
ATOM   738 C  "C5'" . DG D 4 2  ? -11.122 -5.617  -11.595 1.00 80.02  ? 11  DG D "C5'" 1 
ATOM   739 C  "C4'" . DG D 4 2  ? -10.908 -6.459  -10.364 1.00 91.95  ? 11  DG D "C4'" 1 
ATOM   740 O  "O4'" . DG D 4 2  ? -10.698 -5.589  -9.235  1.00 80.65  ? 11  DG D "O4'" 1 
ATOM   741 C  "C3'" . DG D 4 2  ? -12.134 -7.272  -9.969  1.00 102.40 ? 11  DG D "C3'" 1 
ATOM   742 O  "O3'" . DG D 4 2  ? -12.195 -8.534  -10.647 1.00 108.87 ? 11  DG D "O3'" 1 
ATOM   743 C  "C2'" . DG D 4 2  ? -11.976 -7.412  -8.466  1.00 91.01  ? 11  DG D "C2'" 1 
ATOM   744 C  "C1'" . DG D 4 2  ? -10.944 -6.352  -8.081  1.00 77.64  ? 11  DG D "C1'" 1 
ATOM   745 N  N9    . DG D 4 2  ? -11.398 -5.452  -7.033  1.00 69.05  ? 11  DG D N9    1 
ATOM   746 C  C8    . DG D 4 2  ? -11.983 -4.212  -7.165  1.00 73.43  ? 11  DG D C8    1 
ATOM   747 N  N7    . DG D 4 2  ? -12.282 -3.660  -6.016  1.00 54.71  ? 11  DG D N7    1 
ATOM   748 C  C5    . DG D 4 2  ? -11.909 -4.611  -5.077  1.00 59.33  ? 11  DG D C5    1 
ATOM   749 C  C6    . DG D 4 2  ? -11.951 -4.558  -3.670  1.00 62.70  ? 11  DG D C6    1 
ATOM   750 O  O6    . DG D 4 2  ? -12.397 -3.658  -2.959  1.00 72.75  ? 11  DG D O6    1 
ATOM   751 N  N1    . DG D 4 2  ? -11.439 -5.720  -3.091  1.00 62.98  ? 11  DG D N1    1 
ATOM   752 C  C2    . DG D 4 2  ? -10.907 -6.780  -3.790  1.00 76.01  ? 11  DG D C2    1 
ATOM   753 N  N2    . DG D 4 2  ? -10.439 -7.803  -3.057  1.00 77.19  ? 11  DG D N2    1 
ATOM   754 N  N3    . DG D 4 2  ? -10.837 -6.831  -5.116  1.00 67.41  ? 11  DG D N3    1 
ATOM   755 C  C4    . DG D 4 2  ? -11.361 -5.722  -5.690  1.00 67.47  ? 11  DG D C4    1 
ATOM   756 P  P     . DT D 4 3  ? -13.522 -9.451  -10.573 1.00 120.12 ? 12  DT D P     1 
ATOM   757 O  OP1   . DT D 4 3  ? -13.386 -10.422 -11.679 1.00 93.90  ? 12  DT D OP1   1 
ATOM   758 O  OP2   . DT D 4 3  ? -14.743 -8.594  -10.424 1.00 97.66  ? 12  DT D OP2   1 
ATOM   759 O  "O5'" . DT D 4 3  ? -13.434 -10.166 -9.153  1.00 91.68  ? 12  DT D "O5'" 1 
ATOM   760 C  "C5'" . DT D 4 3  ? -12.651 -11.355 -9.055  1.00 90.56  ? 12  DT D "C5'" 1 
ATOM   761 C  "C4'" . DT D 4 3  ? -12.528 -11.730 -7.603  1.00 97.37  ? 12  DT D "C4'" 1 
ATOM   762 O  "O4'" . DT D 4 3  ? -12.481 -10.518 -6.830  1.00 94.93  ? 12  DT D "O4'" 1 
ATOM   763 C  "C3'" . DT D 4 3  ? -13.710 -12.532 -7.062  1.00 119.68 ? 12  DT D "C3'" 1 
ATOM   764 O  "O3'" . DT D 4 3  ? -13.243 -13.838 -6.716  1.00 121.44 ? 12  DT D "O3'" 1 
ATOM   765 C  "C2'" . DT D 4 3  ? -14.222 -11.718 -5.878  1.00 108.84 ? 12  DT D "C2'" 1 
ATOM   766 C  "C1'" . DT D 4 3  ? -13.117 -10.726 -5.588  1.00 85.64  ? 12  DT D "C1'" 1 
ATOM   767 N  N1    . DT D 4 3  ? -13.656 -9.447  -5.178  1.00 74.49  ? 12  DT D N1    1 
ATOM   768 C  C2    . DT D 4 3  ? -13.709 -9.073  -3.848  1.00 78.96  ? 12  DT D C2    1 
ATOM   769 O  O2    . DT D 4 3  ? -13.288 -9.765  -2.936  1.00 92.08  ? 12  DT D O2    1 
ATOM   770 N  N3    . DT D 4 3  ? -14.280 -7.844  -3.625  1.00 70.51  ? 12  DT D N3    1 
ATOM   771 C  C4    . DT D 4 3  ? -14.756 -6.962  -4.585  1.00 75.39  ? 12  DT D C4    1 
ATOM   772 O  O4    . DT D 4 3  ? -15.236 -5.887  -4.247  1.00 76.96  ? 12  DT D O4    1 
ATOM   773 C  C5    . DT D 4 3  ? -14.680 -7.428  -5.946  1.00 74.00  ? 12  DT D C5    1 
ATOM   774 C  C7    . DT D 4 3  ? -15.190 -6.545  -7.038  1.00 81.76  ? 12  DT D C7    1 
ATOM   775 C  C6    . DT D 4 3  ? -14.160 -8.638  -6.173  1.00 76.20  ? 12  DT D C6    1 
ATOM   776 P  P     . DC D 4 4  ? -14.265 -14.957 -6.291  1.00 126.06 ? 13  DC D P     1 
ATOM   777 O  OP1   . DC D 4 4  ? -13.474 -16.180 -6.024  1.00 120.76 ? 13  DC D OP1   1 
ATOM   778 O  OP2   . DC D 4 4  ? -15.396 -14.940 -7.267  1.00 116.27 ? 13  DC D OP2   1 
ATOM   779 O  "O5'" . DC D 4 4  ? -14.772 -14.484 -4.865  1.00 96.00  ? 13  DC D "O5'" 1 
ATOM   780 C  "C5'" . DC D 4 4  ? -13.934 -14.766 -3.752  1.00 110.87 ? 13  DC D "C5'" 1 
ATOM   781 C  "C4'" . DC D 4 4  ? -14.630 -14.256 -2.522  1.00 121.37 ? 13  DC D "C4'" 1 
ATOM   782 O  "O4'" . DC D 4 4  ? -14.916 -12.854 -2.693  1.00 108.61 ? 13  DC D "O4'" 1 
ATOM   783 C  "C3'" . DC D 4 4  ? -15.980 -14.930 -2.284  1.00 138.86 ? 13  DC D "C3'" 1 
ATOM   784 O  "O3'" . DC D 4 4  ? -15.853 -15.760 -1.122  1.00 157.92 ? 13  DC D "O3'" 1 
ATOM   785 C  "C2'" . DC D 4 4  ? -16.964 -13.767 -2.179  1.00 135.31 ? 13  DC D "C2'" 1 
ATOM   786 C  "C1'" . DC D 4 4  ? -16.057 -12.575 -1.930  1.00 106.40 ? 13  DC D "C1'" 1 
ATOM   787 N  N1    . DC D 4 4  ? -16.600 -11.286 -2.383  1.00 90.73  ? 13  DC D N1    1 
ATOM   788 C  C2    . DC D 4 4  ? -17.052 -10.343 -1.435  1.00 92.67  ? 13  DC D C2    1 
ATOM   789 O  O2    . DC D 4 4  ? -16.950 -10.602 -0.224  1.00 93.93  ? 13  DC D O2    1 
ATOM   790 N  N3    . DC D 4 4  ? -17.562 -9.165  -1.865  1.00 75.65  ? 13  DC D N3    1 
ATOM   791 C  C4    . DC D 4 4  ? -17.645 -8.914  -3.175  1.00 86.89  ? 13  DC D C4    1 
ATOM   792 N  N4    . DC D 4 4  ? -18.156 -7.742  -3.553  1.00 88.25  ? 13  DC D N4    1 
ATOM   793 C  C5    . DC D 4 4  ? -17.203 -9.857  -4.160  1.00 80.76  ? 13  DC D C5    1 
ATOM   794 C  C6    . DC D 4 4  ? -16.691 -11.016 -3.722  1.00 88.59  ? 13  DC D C6    1 
ATOM   795 P  P     . DT D 4 5  ? -17.062 -16.685 -0.657  1.00 162.79 ? 14  DT D P     1 
ATOM   796 O  OP1   . DT D 4 5  ? -16.513 -17.729 0.244   1.00 171.15 ? 14  DT D OP1   1 
ATOM   797 O  OP2   . DT D 4 5  ? -17.821 -17.085 -1.868  1.00 156.28 ? 14  DT D OP2   1 
ATOM   798 O  "O5'" . DT D 4 5  ? -17.937 -15.694 0.227   1.00 130.69 ? 14  DT D "O5'" 1 
ATOM   799 C  "C5'" . DT D 4 5  ? -17.331 -15.029 1.343   1.00 127.44 ? 14  DT D "C5'" 1 
ATOM   800 C  "C4'" . DT D 4 5  ? -18.329 -14.079 1.952   1.00 141.83 ? 14  DT D "C4'" 1 
ATOM   801 O  "O4'" . DT D 4 5  ? -18.536 -12.961 1.056   1.00 140.20 ? 14  DT D "O4'" 1 
ATOM   802 C  "C3'" . DT D 4 5  ? -19.719 -14.686 2.198   1.00 151.50 ? 14  DT D "C3'" 1 
ATOM   803 O  "O3'" . DT D 4 5  ? -20.109 -14.536 3.571   1.00 176.63 ? 14  DT D "O3'" 1 
ATOM   804 C  "C2'" . DT D 4 5  ? -20.630 -13.860 1.310   1.00 144.04 ? 14  DT D "C2'" 1 
ATOM   805 C  "C1'" . DT D 4 5  ? -19.867 -12.555 1.241   1.00 124.43 ? 14  DT D "C1'" 1 
ATOM   806 N  N1    . DT D 4 5  ? -20.258 -11.662 0.126   1.00 107.96 ? 14  DT D N1    1 
ATOM   807 C  C2    . DT D 4 5  ? -20.819 -10.439 0.435   1.00 111.81 ? 14  DT D C2    1 
ATOM   808 O  O2    . DT D 4 5  ? -20.941 -10.028 1.579   1.00 116.45 ? 14  DT D O2    1 
ATOM   809 N  N3    . DT D 4 5  ? -21.220 -9.700  -0.655  1.00 107.15 ? 14  DT D N3    1 
ATOM   810 C  C4    . DT D 4 5  ? -21.122 -10.056 -1.988  1.00 106.52 ? 14  DT D C4    1 
ATOM   811 O  O4    . DT D 4 5  ? -21.509 -9.276  -2.859  1.00 92.74  ? 14  DT D O4    1 
ATOM   812 C  C5    . DT D 4 5  ? -20.537 -11.360 -2.238  1.00 99.90  ? 14  DT D C5    1 
ATOM   813 C  C7    . DT D 4 5  ? -20.362 -11.820 -3.653  1.00 86.01  ? 14  DT D C7    1 
ATOM   814 C  C6    . DT D 4 5  ? -20.146 -12.090 -1.182  1.00 106.33 ? 14  DT D C6    1 
ATOM   815 P  P     . DG D 4 6  ? -21.130 -15.573 4.264   1.00 172.84 ? 15  DG D P     1 
ATOM   816 O  OP1   . DG D 4 6  ? -21.259 -15.189 5.701   1.00 154.11 ? 15  DG D OP1   1 
ATOM   817 O  OP2   . DG D 4 6  ? -20.697 -16.952 3.906   1.00 158.93 ? 15  DG D OP2   1 
ATOM   818 O  "O5'" . DG D 4 6  ? -22.508 -15.288 3.513   1.00 169.85 ? 15  DG D "O5'" 1 
ATOM   819 C  "C5'" . DG D 4 6  ? -23.719 -14.984 4.238   1.00 168.58 ? 15  DG D "C5'" 1 
ATOM   820 C  "C4'" . DG D 4 6  ? -23.673 -13.570 4.771   1.00 160.46 ? 15  DG D "C4'" 1 
ATOM   821 O  "O4'" . DG D 4 6  ? -22.770 -12.790 3.959   1.00 135.64 ? 15  DG D "O4'" 1 
ATOM   822 C  "C3'" . DG D 4 6  ? -24.998 -12.800 4.747   1.00 174.30 ? 15  DG D "C3'" 1 
ATOM   823 O  "O3'" . DG D 4 6  ? -25.872 -13.047 5.867   1.00 181.08 ? 15  DG D "O3'" 1 
ATOM   824 C  "C2'" . DG D 4 6  ? -24.544 -11.365 4.551   1.00 160.99 ? 15  DG D "C2'" 1 
ATOM   825 C  "C1'" . DG D 4 6  ? -23.387 -11.557 3.598   1.00 153.91 ? 15  DG D "C1'" 1 
ATOM   826 N  N9    . DG D 4 6  ? -23.732 -11.615 2.178   1.00 143.15 ? 15  DG D N9    1 
ATOM   827 C  C8    . DG D 4 6  ? -23.754 -12.724 1.362   1.00 137.26 ? 15  DG D C8    1 
ATOM   828 N  N7    . DG D 4 6  ? -24.041 -12.440 0.121   1.00 134.04 ? 15  DG D N7    1 
ATOM   829 C  C5    . DG D 4 6  ? -24.218 -11.063 0.114   1.00 132.70 ? 15  DG D C5    1 
ATOM   830 C  C6    . DG D 4 6  ? -24.547 -10.182 -0.952  1.00 131.92 ? 15  DG D C6    1 
ATOM   831 O  O6    . DG D 4 6  ? -24.770 -10.456 -2.137  1.00 110.75 ? 15  DG D O6    1 
ATOM   832 N  N1    . DG D 4 6  ? -24.627 -8.862  -0.519  1.00 131.63 ? 15  DG D N1    1 
ATOM   833 C  C2    . DG D 4 6  ? -24.415 -8.441  0.773   1.00 126.00 ? 15  DG D C2    1 
ATOM   834 N  N2    . DG D 4 6  ? -24.540 -7.126  0.995   1.00 113.15 ? 15  DG D N2    1 
ATOM   835 N  N3    . DG D 4 6  ? -24.110 -9.252  1.774   1.00 130.26 ? 15  DG D N3    1 
ATOM   836 C  C4    . DG D 4 6  ? -24.033 -10.539 1.378   1.00 134.05 ? 15  DG D C4    1 
ATOM   837 P  P     . DC D 4 7  ? -25.498 -12.590 7.367   1.00 186.13 ? 16  DC D P     1 
ATOM   838 O  OP1   . DC D 4 7  ? -24.024 -12.699 7.556   1.00 173.19 ? 16  DC D OP1   1 
ATOM   839 O  OP2   . DC D 4 7  ? -26.411 -13.299 8.298   1.00 172.72 ? 16  DC D OP2   1 
ATOM   840 O  "O5'" . DC D 4 7  ? -25.923 -11.058 7.398   1.00 161.96 ? 16  DC D "O5'" 1 
ATOM   841 C  "C5'" . DC D 4 7  ? -27.297 -10.684 7.308   1.00 138.18 ? 16  DC D "C5'" 1 
ATOM   842 C  "C4'" . DC D 4 7  ? -27.416 -9.457  6.440   1.00 145.88 ? 16  DC D "C4'" 1 
ATOM   843 O  "O4'" . DC D 4 7  ? -26.971 -9.748  5.094   1.00 144.61 ? 16  DC D "O4'" 1 
ATOM   844 C  "C3'" . DC D 4 7  ? -28.843 -8.920  6.315   1.00 152.39 ? 16  DC D "C3'" 1 
ATOM   845 O  "O3'" . DC D 4 7  ? -28.913 -7.614  6.894   1.00 145.71 ? 16  DC D "O3'" 1 
ATOM   846 C  "C2'" . DC D 4 7  ? -29.128 -8.946  4.819   1.00 145.47 ? 16  DC D "C2'" 1 
ATOM   847 C  "C1'" . DC D 4 7  ? -27.743 -8.960  4.212   1.00 149.09 ? 16  DC D "C1'" 1 
ATOM   848 N  N1    . DC D 4 7  ? -27.655 -9.543  2.858   1.00 152.10 ? 16  DC D N1    1 
ATOM   849 C  C2    . DC D 4 7  ? -27.911 -8.715  1.754   1.00 159.42 ? 16  DC D C2    1 
ATOM   850 O  O2    . DC D 4 7  ? -28.194 -7.524  1.948   1.00 169.57 ? 16  DC D O2    1 
ATOM   851 N  N3    . DC D 4 7  ? -27.836 -9.234  0.506   1.00 150.08 ? 16  DC D N3    1 
ATOM   852 C  C4    . DC D 4 7  ? -27.542 -10.527 0.338   1.00 145.60 ? 16  DC D C4    1 
ATOM   853 N  N4    . DC D 4 7  ? -27.481 -10.997 -0.910  1.00 126.95 ? 16  DC D N4    1 
ATOM   854 C  C5    . DC D 4 7  ? -27.287 -11.393 1.444   1.00 144.67 ? 16  DC D C5    1 
ATOM   855 C  C6    . DC D 4 7  ? -27.359 -10.866 2.674   1.00 145.58 ? 16  DC D C6    1 
HETATM 856 MG MG    . MG E 5 .  ? 3.523   -4.253  2.080   1.00 68.63  ? 101 MG B MG    1 
HETATM 857 MG MG    . MG F 5 .  ? -14.238 -0.012  -4.527  1.00 79.86  ? 101 MG D MG    1 
# 
loop_
_pdbx_poly_seq_scheme.asym_id 
_pdbx_poly_seq_scheme.entity_id 
_pdbx_poly_seq_scheme.seq_id 
_pdbx_poly_seq_scheme.mon_id 
_pdbx_poly_seq_scheme.ndb_seq_num 
_pdbx_poly_seq_scheme.pdb_seq_num 
_pdbx_poly_seq_scheme.auth_seq_num 
_pdbx_poly_seq_scheme.pdb_mon_id 
_pdbx_poly_seq_scheme.auth_mon_id 
_pdbx_poly_seq_scheme.pdb_strand_id 
_pdbx_poly_seq_scheme.pdb_ins_code 
_pdbx_poly_seq_scheme.hetero 
A 1 1  DG 1  1  1  DG DG A . n 
A 1 2  DA 2  2  2  DA DA A . n 
A 1 3  DG 3  3  3  DG DG A . n 
A 1 4  DC 4  4  4  DC DC A . n 
A 1 5  DA 5  5  5  DA DA A . n 
A 1 6  DG 6  6  6  DG DG A . n 
A 1 7  DA 7  7  7  DA DA A . n 
A 1 8  DC 8  8  8  DC DC A . n 
A 1 9  DA 9  9  9  DA DA A . n 
A 1 10 DA 10 10 10 DA DA A . n 
A 1 11 DG 11 11 11 DG DG A . n 
A 1 12 DA 12 12 12 DA DA A . n 
A 1 13 DC 13 13 13 DC DC A . n 
A 1 14 DT 14 14 14 DT DT A . n 
A 1 15 DC 15 15 15 DC DC A . n 
A 1 16 DC 16 16 16 DC DC A . n 
A 1 17 DA 17 17 17 DA DA A . n 
A 1 18 DC 18 18 18 DC DC A . n 
A 1 19 DT 19 19 19 DT DT A . n 
A 1 20 DC 20 20 20 DC DC A . n 
A 1 21 DA 21 21 21 DA DA A . n 
B 2 1  DA 1  1  1  DA DA B . n 
B 2 2  DG 2  2  2  DG DG B . n 
B 2 3  DT 3  3  3  DT DT B . n 
B 2 4  DC 4  4  4  DC DC B . n 
B 2 5  DT 5  5  5  DT DT B . n 
C 3 1  DT 1  1  1  DT DT C . n 
C 3 2  DC 2  2  2  DC DC C . n 
C 3 3  DT 3  3  3  DT DT C . n 
C 3 4  DG 4  4  4  DG DG C . n 
C 3 5  DA 5  5  5  DA DA C . n 
C 3 6  DG 6  6  6  DG DG C . n 
C 3 7  DT 7  7  7  DT DT C . n 
C 3 8  DG 8  8  8  DG DG C . n 
C 3 9  DG 9  9  9  DG DG C . n 
D 4 1  DT 1  10 10 DT DT D . n 
D 4 2  DG 2  11 11 DG DG D . n 
D 4 3  DT 3  12 12 DT DT D . n 
D 4 4  DC 4  13 13 DC DC D . n 
D 4 5  DT 5  14 14 DT DT D . n 
D 4 6  DG 6  15 15 DG DG D . n 
D 4 7  DC 7  16 16 DC DC D . n 
# 
loop_
_pdbx_nonpoly_scheme.asym_id 
_pdbx_nonpoly_scheme.entity_id 
_pdbx_nonpoly_scheme.mon_id 
_pdbx_nonpoly_scheme.ndb_seq_num 
_pdbx_nonpoly_scheme.pdb_seq_num 
_pdbx_nonpoly_scheme.auth_seq_num 
_pdbx_nonpoly_scheme.pdb_mon_id 
_pdbx_nonpoly_scheme.auth_mon_id 
_pdbx_nonpoly_scheme.pdb_strand_id 
_pdbx_nonpoly_scheme.pdb_ins_code 
E 5 MG 1 101 2 MG MG B . 
F 5 MG 1 101 1 MG MG D . 
# 
_pdbx_struct_assembly.id                   1 
_pdbx_struct_assembly.details              author_defined_assembly 
_pdbx_struct_assembly.method_details       ? 
_pdbx_struct_assembly.oligomeric_details   tetrameric 
_pdbx_struct_assembly.oligomeric_count     4 
# 
_pdbx_struct_assembly_gen.assembly_id       1 
_pdbx_struct_assembly_gen.oper_expression   1 
_pdbx_struct_assembly_gen.asym_id_list      A,B,C,D,E,F 
# 
_pdbx_struct_oper_list.id                   1 
_pdbx_struct_oper_list.type                 'identity operation' 
_pdbx_struct_oper_list.name                 1_555 
_pdbx_struct_oper_list.symmetry_operation   x,y,z 
_pdbx_struct_oper_list.matrix[1][1]         1.0000000000 
_pdbx_struct_oper_list.matrix[1][2]         0.0000000000 
_pdbx_struct_oper_list.matrix[1][3]         0.0000000000 
_pdbx_struct_oper_list.vector[1]            0.0000000000 
_pdbx_struct_oper_list.matrix[2][1]         0.0000000000 
_pdbx_struct_oper_list.matrix[2][2]         1.0000000000 
_pdbx_struct_oper_list.matrix[2][3]         0.0000000000 
_pdbx_struct_oper_list.vector[2]            0.0000000000 
_pdbx_struct_oper_list.matrix[3][1]         0.0000000000 
_pdbx_struct_oper_list.matrix[3][2]         0.0000000000 
_pdbx_struct_oper_list.matrix[3][3]         1.0000000000 
_pdbx_struct_oper_list.vector[3]            0.0000000000 
# 
loop_
_pdbx_audit_revision_history.ordinal 
_pdbx_audit_revision_history.data_content_type 
_pdbx_audit_revision_history.major_revision 
_pdbx_audit_revision_history.minor_revision 
_pdbx_audit_revision_history.revision_date 
1 'Structure model' 1 0 2021-07-14 
2 'Structure model' 1 1 2022-07-06 
3 'Structure model' 1 2 2023-10-18 
# 
_pdbx_audit_revision_details.ordinal             1 
_pdbx_audit_revision_details.revision_ordinal    1 
_pdbx_audit_revision_details.data_content_type   'Structure model' 
_pdbx_audit_revision_details.provider            repository 
_pdbx_audit_revision_details.type                'Initial release' 
_pdbx_audit_revision_details.description         ? 
_pdbx_audit_revision_details.details             ? 
# 
loop_
_pdbx_audit_revision_group.ordinal 
_pdbx_audit_revision_group.revision_ordinal 
_pdbx_audit_revision_group.data_content_type 
_pdbx_audit_revision_group.group 
1 2 'Structure model' 'Database references'    
2 3 'Structure model' 'Data collection'        
3 3 'Structure model' 'Refinement description' 
# 
loop_
_pdbx_audit_revision_category.ordinal 
_pdbx_audit_revision_category.revision_ordinal 
_pdbx_audit_revision_category.data_content_type 
_pdbx_audit_revision_category.category 
1 2 'Structure model' citation                      
2 2 'Structure model' citation_author               
3 2 'Structure model' database_2                    
4 3 'Structure model' chem_comp_atom                
5 3 'Structure model' chem_comp_bond                
6 3 'Structure model' pdbx_initial_refinement_model 
# 
loop_
_pdbx_audit_revision_item.ordinal 
_pdbx_audit_revision_item.revision_ordinal 
_pdbx_audit_revision_item.data_content_type 
_pdbx_audit_revision_item.item 
1  2 'Structure model' '_citation.country'                   
2  2 'Structure model' '_citation.journal_abbrev'            
3  2 'Structure model' '_citation.journal_id_CSD'            
4  2 'Structure model' '_citation.journal_id_ISSN'           
5  2 'Structure model' '_citation.journal_volume'            
6  2 'Structure model' '_citation.page_first'                
7  2 'Structure model' '_citation.page_last'                 
8  2 'Structure model' '_citation.pdbx_database_id_DOI'      
9  2 'Structure model' '_citation.pdbx_database_id_PubMed'   
10 2 'Structure model' '_citation.title'                     
11 2 'Structure model' '_citation.year'                      
12 2 'Structure model' '_database_2.pdbx_DOI'                
13 2 'Structure model' '_database_2.pdbx_database_accession' 
# 
loop_
_software.citation_id 
_software.classification 
_software.compiler_name 
_software.compiler_version 
_software.contact_author 
_software.contact_author_email 
_software.date 
_software.description 
_software.dependencies 
_software.hardware 
_software.language 
_software.location 
_software.mods 
_software.name 
_software.os 
_software.os_version 
_software.type 
_software.version 
_software.pdbx_ordinal 
? 'data reduction'  ? ? ? ? ? ? ? ? ? ? ? HKL-2000    ? ? ? .           1 
? 'data scaling'    ? ? ? ? ? ? ? ? ? ? ? HKL-2000    ? ? ? .           2 
? refinement        ? ? ? ? ? ? ? ? ? ? ? PHENIX      ? ? ? 1.11.1_2575 3 
? 'data extraction' ? ? ? ? ? ? ? ? ? ? ? PDB_EXTRACT ? ? ? 3.25        4 
? phasing           ? ? ? ? ? ? ? ? ? ? ? PHASER      ? ? ? .           5 
# 
_pdbx_entry_details.entry_id                 6WRA 
_pdbx_entry_details.has_ligand_of_interest   N 
_pdbx_entry_details.compound_details         ? 
_pdbx_entry_details.source_details           ? 
_pdbx_entry_details.nonpolymer_details       ? 
_pdbx_entry_details.sequence_details         ? 
# 
loop_
_pdbx_validate_symm_contact.id 
_pdbx_validate_symm_contact.PDB_model_num 
_pdbx_validate_symm_contact.auth_atom_id_1 
_pdbx_validate_symm_contact.auth_asym_id_1 
_pdbx_validate_symm_contact.auth_comp_id_1 
_pdbx_validate_symm_contact.auth_seq_id_1 
_pdbx_validate_symm_contact.PDB_ins_code_1 
_pdbx_validate_symm_contact.label_alt_id_1 
_pdbx_validate_symm_contact.site_symmetry_1 
_pdbx_validate_symm_contact.auth_atom_id_2 
_pdbx_validate_symm_contact.auth_asym_id_2 
_pdbx_validate_symm_contact.auth_comp_id_2 
_pdbx_validate_symm_contact.auth_seq_id_2 
_pdbx_validate_symm_contact.PDB_ins_code_2 
_pdbx_validate_symm_contact.label_alt_id_2 
_pdbx_validate_symm_contact.site_symmetry_2 
_pdbx_validate_symm_contact.dist 
1 1 "O3'" C DG 9 ? ? 1_555 OP1   D DT 10 ? ? 3_555 1.76 
2 1 "O3'" C DG 9 ? ? 1_555 OP2   D DT 10 ? ? 3_555 1.91 
3 1 OP2   B DA 1 ? ? 1_555 "O3'" B DT 5  ? ? 3_555 1.91 
4 1 "O3'" C DG 9 ? ? 1_555 P     D DT 10 ? ? 3_555 1.98 
5 1 P     B DA 1 ? ? 1_555 "O3'" B DT 5  ? ? 3_555 2.01 
6 1 OP1   B DA 1 ? ? 1_555 "O3'" B DT 5  ? ? 3_555 2.05 
# 
loop_
_pdbx_validate_rmsd_bond.id 
_pdbx_validate_rmsd_bond.PDB_model_num 
_pdbx_validate_rmsd_bond.auth_atom_id_1 
_pdbx_validate_rmsd_bond.auth_asym_id_1 
_pdbx_validate_rmsd_bond.auth_comp_id_1 
_pdbx_validate_rmsd_bond.auth_seq_id_1 
_pdbx_validate_rmsd_bond.PDB_ins_code_1 
_pdbx_validate_rmsd_bond.label_alt_id_1 
_pdbx_validate_rmsd_bond.auth_atom_id_2 
_pdbx_validate_rmsd_bond.auth_asym_id_2 
_pdbx_validate_rmsd_bond.auth_comp_id_2 
_pdbx_validate_rmsd_bond.auth_seq_id_2 
_pdbx_validate_rmsd_bond.PDB_ins_code_2 
_pdbx_validate_rmsd_bond.label_alt_id_2 
_pdbx_validate_rmsd_bond.bond_value 
_pdbx_validate_rmsd_bond.bond_target_value 
_pdbx_validate_rmsd_bond.bond_deviation 
_pdbx_validate_rmsd_bond.bond_standard_deviation 
_pdbx_validate_rmsd_bond.linker_flag 
1 1 "O3'" A DC 16 ? ? P A DA 17 ? ? 1.514 1.607 -0.093 0.012 Y 
2 1 "O3'" B DC 4  ? ? P B DT 5  ? ? 1.508 1.607 -0.099 0.012 Y 
3 1 "O3'" C DG 8  ? ? P C DG 9  ? ? 1.513 1.607 -0.094 0.012 Y 
# 
loop_
_pdbx_validate_rmsd_angle.id 
_pdbx_validate_rmsd_angle.PDB_model_num 
_pdbx_validate_rmsd_angle.auth_atom_id_1 
_pdbx_validate_rmsd_angle.auth_asym_id_1 
_pdbx_validate_rmsd_angle.auth_comp_id_1 
_pdbx_validate_rmsd_angle.auth_seq_id_1 
_pdbx_validate_rmsd_angle.PDB_ins_code_1 
_pdbx_validate_rmsd_angle.label_alt_id_1 
_pdbx_validate_rmsd_angle.auth_atom_id_2 
_pdbx_validate_rmsd_angle.auth_asym_id_2 
_pdbx_validate_rmsd_angle.auth_comp_id_2 
_pdbx_validate_rmsd_angle.auth_seq_id_2 
_pdbx_validate_rmsd_angle.PDB_ins_code_2 
_pdbx_validate_rmsd_angle.label_alt_id_2 
_pdbx_validate_rmsd_angle.auth_atom_id_3 
_pdbx_validate_rmsd_angle.auth_asym_id_3 
_pdbx_validate_rmsd_angle.auth_comp_id_3 
_pdbx_validate_rmsd_angle.auth_seq_id_3 
_pdbx_validate_rmsd_angle.PDB_ins_code_3 
_pdbx_validate_rmsd_angle.label_alt_id_3 
_pdbx_validate_rmsd_angle.angle_value 
_pdbx_validate_rmsd_angle.angle_target_value 
_pdbx_validate_rmsd_angle.angle_deviation 
_pdbx_validate_rmsd_angle.angle_standard_deviation 
_pdbx_validate_rmsd_angle.linker_flag 
1 1 "C3'" A DC 16 ? ? "C2'" A DC 16 ? ? "C1'" A DC 16 ? ? 97.44  102.40 -4.96 0.80 N 
2 1 "O5'" A DC 18 ? ? "C5'" A DC 18 ? ? "C4'" A DC 18 ? ? 103.65 109.40 -5.75 0.80 N 
3 1 "C1'" A DC 18 ? ? "O4'" A DC 18 ? ? "C4'" A DC 18 ? ? 102.98 110.10 -7.12 1.00 N 
4 1 "O5'" B DA 1  ? ? P     B DA 1  ? ? OP1   B DA 1  ? ? 99.40  105.70 -6.30 0.90 N 
5 1 "C1'" C DG 9  ? ? "O4'" C DG 9  ? ? "C4'" C DG 9  ? ? 103.51 110.10 -6.59 1.00 N 
6 1 "O5'" D DT 10 ? ? P     D DT 10 ? ? OP2   D DT 10 ? ? 98.52  105.70 -7.18 0.90 N 
# 
loop_
_chem_comp_atom.comp_id 
_chem_comp_atom.atom_id 
_chem_comp_atom.type_symbol 
_chem_comp_atom.pdbx_aromatic_flag 
_chem_comp_atom.pdbx_stereo_config 
_chem_comp_atom.pdbx_ordinal 
DA OP3    O  N N 1   
DA P      P  N N 2   
DA OP1    O  N N 3   
DA OP2    O  N N 4   
DA "O5'"  O  N N 5   
DA "C5'"  C  N N 6   
DA "C4'"  C  N R 7   
DA "O4'"  O  N N 8   
DA "C3'"  C  N S 9   
DA "O3'"  O  N N 10  
DA "C2'"  C  N N 11  
DA "C1'"  C  N R 12  
DA N9     N  Y N 13  
DA C8     C  Y N 14  
DA N7     N  Y N 15  
DA C5     C  Y N 16  
DA C6     C  Y N 17  
DA N6     N  N N 18  
DA N1     N  Y N 19  
DA C2     C  Y N 20  
DA N3     N  Y N 21  
DA C4     C  Y N 22  
DA HOP3   H  N N 23  
DA HOP2   H  N N 24  
DA "H5'"  H  N N 25  
DA "H5''" H  N N 26  
DA "H4'"  H  N N 27  
DA "H3'"  H  N N 28  
DA "HO3'" H  N N 29  
DA "H2'"  H  N N 30  
DA "H2''" H  N N 31  
DA "H1'"  H  N N 32  
DA H8     H  N N 33  
DA H61    H  N N 34  
DA H62    H  N N 35  
DA H2     H  N N 36  
DC OP3    O  N N 37  
DC P      P  N N 38  
DC OP1    O  N N 39  
DC OP2    O  N N 40  
DC "O5'"  O  N N 41  
DC "C5'"  C  N N 42  
DC "C4'"  C  N R 43  
DC "O4'"  O  N N 44  
DC "C3'"  C  N S 45  
DC "O3'"  O  N N 46  
DC "C2'"  C  N N 47  
DC "C1'"  C  N R 48  
DC N1     N  N N 49  
DC C2     C  N N 50  
DC O2     O  N N 51  
DC N3     N  N N 52  
DC C4     C  N N 53  
DC N4     N  N N 54  
DC C5     C  N N 55  
DC C6     C  N N 56  
DC HOP3   H  N N 57  
DC HOP2   H  N N 58  
DC "H5'"  H  N N 59  
DC "H5''" H  N N 60  
DC "H4'"  H  N N 61  
DC "H3'"  H  N N 62  
DC "HO3'" H  N N 63  
DC "H2'"  H  N N 64  
DC "H2''" H  N N 65  
DC "H1'"  H  N N 66  
DC H41    H  N N 67  
DC H42    H  N N 68  
DC H5     H  N N 69  
DC H6     H  N N 70  
DG OP3    O  N N 71  
DG P      P  N N 72  
DG OP1    O  N N 73  
DG OP2    O  N N 74  
DG "O5'"  O  N N 75  
DG "C5'"  C  N N 76  
DG "C4'"  C  N R 77  
DG "O4'"  O  N N 78  
DG "C3'"  C  N S 79  
DG "O3'"  O  N N 80  
DG "C2'"  C  N N 81  
DG "C1'"  C  N R 82  
DG N9     N  Y N 83  
DG C8     C  Y N 84  
DG N7     N  Y N 85  
DG C5     C  Y N 86  
DG C6     C  N N 87  
DG O6     O  N N 88  
DG N1     N  N N 89  
DG C2     C  N N 90  
DG N2     N  N N 91  
DG N3     N  N N 92  
DG C4     C  Y N 93  
DG HOP3   H  N N 94  
DG HOP2   H  N N 95  
DG "H5'"  H  N N 96  
DG "H5''" H  N N 97  
DG "H4'"  H  N N 98  
DG "H3'"  H  N N 99  
DG "HO3'" H  N N 100 
DG "H2'"  H  N N 101 
DG "H2''" H  N N 102 
DG "H1'"  H  N N 103 
DG H8     H  N N 104 
DG H1     H  N N 105 
DG H21    H  N N 106 
DG H22    H  N N 107 
DT OP3    O  N N 108 
DT P      P  N N 109 
DT OP1    O  N N 110 
DT OP2    O  N N 111 
DT "O5'"  O  N N 112 
DT "C5'"  C  N N 113 
DT "C4'"  C  N R 114 
DT "O4'"  O  N N 115 
DT "C3'"  C  N S 116 
DT "O3'"  O  N N 117 
DT "C2'"  C  N N 118 
DT "C1'"  C  N R 119 
DT N1     N  N N 120 
DT C2     C  N N 121 
DT O2     O  N N 122 
DT N3     N  N N 123 
DT C4     C  N N 124 
DT O4     O  N N 125 
DT C5     C  N N 126 
DT C7     C  N N 127 
DT C6     C  N N 128 
DT HOP3   H  N N 129 
DT HOP2   H  N N 130 
DT "H5'"  H  N N 131 
DT "H5''" H  N N 132 
DT "H4'"  H  N N 133 
DT "H3'"  H  N N 134 
DT "HO3'" H  N N 135 
DT "H2'"  H  N N 136 
DT "H2''" H  N N 137 
DT "H1'"  H  N N 138 
DT H3     H  N N 139 
DT H71    H  N N 140 
DT H72    H  N N 141 
DT H73    H  N N 142 
DT H6     H  N N 143 
MG MG     MG N N 144 
# 
loop_
_chem_comp_bond.comp_id 
_chem_comp_bond.atom_id_1 
_chem_comp_bond.atom_id_2 
_chem_comp_bond.value_order 
_chem_comp_bond.pdbx_aromatic_flag 
_chem_comp_bond.pdbx_stereo_config 
_chem_comp_bond.pdbx_ordinal 
DA OP3   P      sing N N 1   
DA OP3   HOP3   sing N N 2   
DA P     OP1    doub N N 3   
DA P     OP2    sing N N 4   
DA P     "O5'"  sing N N 5   
DA OP2   HOP2   sing N N 6   
DA "O5'" "C5'"  sing N N 7   
DA "C5'" "C4'"  sing N N 8   
DA "C5'" "H5'"  sing N N 9   
DA "C5'" "H5''" sing N N 10  
DA "C4'" "O4'"  sing N N 11  
DA "C4'" "C3'"  sing N N 12  
DA "C4'" "H4'"  sing N N 13  
DA "O4'" "C1'"  sing N N 14  
DA "C3'" "O3'"  sing N N 15  
DA "C3'" "C2'"  sing N N 16  
DA "C3'" "H3'"  sing N N 17  
DA "O3'" "HO3'" sing N N 18  
DA "C2'" "C1'"  sing N N 19  
DA "C2'" "H2'"  sing N N 20  
DA "C2'" "H2''" sing N N 21  
DA "C1'" N9     sing N N 22  
DA "C1'" "H1'"  sing N N 23  
DA N9    C8     sing Y N 24  
DA N9    C4     sing Y N 25  
DA C8    N7     doub Y N 26  
DA C8    H8     sing N N 27  
DA N7    C5     sing Y N 28  
DA C5    C6     sing Y N 29  
DA C5    C4     doub Y N 30  
DA C6    N6     sing N N 31  
DA C6    N1     doub Y N 32  
DA N6    H61    sing N N 33  
DA N6    H62    sing N N 34  
DA N1    C2     sing Y N 35  
DA C2    N3     doub Y N 36  
DA C2    H2     sing N N 37  
DA N3    C4     sing Y N 38  
DC OP3   P      sing N N 39  
DC OP3   HOP3   sing N N 40  
DC P     OP1    doub N N 41  
DC P     OP2    sing N N 42  
DC P     "O5'"  sing N N 43  
DC OP2   HOP2   sing N N 44  
DC "O5'" "C5'"  sing N N 45  
DC "C5'" "C4'"  sing N N 46  
DC "C5'" "H5'"  sing N N 47  
DC "C5'" "H5''" sing N N 48  
DC "C4'" "O4'"  sing N N 49  
DC "C4'" "C3'"  sing N N 50  
DC "C4'" "H4'"  sing N N 51  
DC "O4'" "C1'"  sing N N 52  
DC "C3'" "O3'"  sing N N 53  
DC "C3'" "C2'"  sing N N 54  
DC "C3'" "H3'"  sing N N 55  
DC "O3'" "HO3'" sing N N 56  
DC "C2'" "C1'"  sing N N 57  
DC "C2'" "H2'"  sing N N 58  
DC "C2'" "H2''" sing N N 59  
DC "C1'" N1     sing N N 60  
DC "C1'" "H1'"  sing N N 61  
DC N1    C2     sing N N 62  
DC N1    C6     sing N N 63  
DC C2    O2     doub N N 64  
DC C2    N3     sing N N 65  
DC N3    C4     doub N N 66  
DC C4    N4     sing N N 67  
DC C4    C5     sing N N 68  
DC N4    H41    sing N N 69  
DC N4    H42    sing N N 70  
DC C5    C6     doub N N 71  
DC C5    H5     sing N N 72  
DC C6    H6     sing N N 73  
DG OP3   P      sing N N 74  
DG OP3   HOP3   sing N N 75  
DG P     OP1    doub N N 76  
DG P     OP2    sing N N 77  
DG P     "O5'"  sing N N 78  
DG OP2   HOP2   sing N N 79  
DG "O5'" "C5'"  sing N N 80  
DG "C5'" "C4'"  sing N N 81  
DG "C5'" "H5'"  sing N N 82  
DG "C5'" "H5''" sing N N 83  
DG "C4'" "O4'"  sing N N 84  
DG "C4'" "C3'"  sing N N 85  
DG "C4'" "H4'"  sing N N 86  
DG "O4'" "C1'"  sing N N 87  
DG "C3'" "O3'"  sing N N 88  
DG "C3'" "C2'"  sing N N 89  
DG "C3'" "H3'"  sing N N 90  
DG "O3'" "HO3'" sing N N 91  
DG "C2'" "C1'"  sing N N 92  
DG "C2'" "H2'"  sing N N 93  
DG "C2'" "H2''" sing N N 94  
DG "C1'" N9     sing N N 95  
DG "C1'" "H1'"  sing N N 96  
DG N9    C8     sing Y N 97  
DG N9    C4     sing Y N 98  
DG C8    N7     doub Y N 99  
DG C8    H8     sing N N 100 
DG N7    C5     sing Y N 101 
DG C5    C6     sing N N 102 
DG C5    C4     doub Y N 103 
DG C6    O6     doub N N 104 
DG C6    N1     sing N N 105 
DG N1    C2     sing N N 106 
DG N1    H1     sing N N 107 
DG C2    N2     sing N N 108 
DG C2    N3     doub N N 109 
DG N2    H21    sing N N 110 
DG N2    H22    sing N N 111 
DG N3    C4     sing N N 112 
DT OP3   P      sing N N 113 
DT OP3   HOP3   sing N N 114 
DT P     OP1    doub N N 115 
DT P     OP2    sing N N 116 
DT P     "O5'"  sing N N 117 
DT OP2   HOP2   sing N N 118 
DT "O5'" "C5'"  sing N N 119 
DT "C5'" "C4'"  sing N N 120 
DT "C5'" "H5'"  sing N N 121 
DT "C5'" "H5''" sing N N 122 
DT "C4'" "O4'"  sing N N 123 
DT "C4'" "C3'"  sing N N 124 
DT "C4'" "H4'"  sing N N 125 
DT "O4'" "C1'"  sing N N 126 
DT "C3'" "O3'"  sing N N 127 
DT "C3'" "C2'"  sing N N 128 
DT "C3'" "H3'"  sing N N 129 
DT "O3'" "HO3'" sing N N 130 
DT "C2'" "C1'"  sing N N 131 
DT "C2'" "H2'"  sing N N 132 
DT "C2'" "H2''" sing N N 133 
DT "C1'" N1     sing N N 134 
DT "C1'" "H1'"  sing N N 135 
DT N1    C2     sing N N 136 
DT N1    C6     sing N N 137 
DT C2    O2     doub N N 138 
DT C2    N3     sing N N 139 
DT N3    C4     sing N N 140 
DT N3    H3     sing N N 141 
DT C4    O4     doub N N 142 
DT C4    C5     sing N N 143 
DT C5    C7     sing N N 144 
DT C5    C6     doub N N 145 
DT C7    H71    sing N N 146 
DT C7    H72    sing N N 147 
DT C7    H73    sing N N 148 
DT C6    H6     sing N N 149 
# 
loop_
_ndb_struct_conf_na.entry_id 
_ndb_struct_conf_na.feature 
6WRA 'double helix'        
6WRA 'a-form double helix' 
6WRA 'b-form double helix' 
# 
loop_
_ndb_struct_na_base_pair.model_number 
_ndb_struct_na_base_pair.i_label_asym_id 
_ndb_struct_na_base_pair.i_label_comp_id 
_ndb_struct_na_base_pair.i_label_seq_id 
_ndb_struct_na_base_pair.i_symmetry 
_ndb_struct_na_base_pair.j_label_asym_id 
_ndb_struct_na_base_pair.j_label_comp_id 
_ndb_struct_na_base_pair.j_label_seq_id 
_ndb_struct_na_base_pair.j_symmetry 
_ndb_struct_na_base_pair.shear 
_ndb_struct_na_base_pair.stretch 
_ndb_struct_na_base_pair.stagger 
_ndb_struct_na_base_pair.buckle 
_ndb_struct_na_base_pair.propeller 
_ndb_struct_na_base_pair.opening 
_ndb_struct_na_base_pair.pair_number 
_ndb_struct_na_base_pair.pair_name 
_ndb_struct_na_base_pair.i_auth_asym_id 
_ndb_struct_na_base_pair.i_auth_seq_id 
_ndb_struct_na_base_pair.i_PDB_ins_code 
_ndb_struct_na_base_pair.j_auth_asym_id 
_ndb_struct_na_base_pair.j_auth_seq_id 
_ndb_struct_na_base_pair.j_PDB_ins_code 
_ndb_struct_na_base_pair.hbond_type_28 
_ndb_struct_na_base_pair.hbond_type_12 
1 A DG 3  1_555 D DC 7 1_555 0.587  0.554  0.481 3.737  -10.504 -13.043 1  A_DG3:DC16_D A 3  ? D 16 ? ?  1 
1 A DC 4  1_555 D DG 6 1_555 0.305  0.014  0.539 4.614  -18.965 2.935   2  A_DC4:DG15_D A 4  ? D 15 ? 19 1 
1 A DA 5  1_555 D DT 5 1_555 0.783  -0.362 1.154 10.339 -7.274  -5.747  3  A_DA5:DT14_D A 5  ? D 14 ? 20 1 
1 A DG 6  1_555 D DC 4 1_555 0.229  -0.313 0.562 10.823 -5.524  -7.226  4  A_DG6:DC13_D A 6  ? D 13 ? 19 1 
1 A DA 7  1_555 D DT 3 1_555 -0.137 -0.183 0.119 -0.423 -5.988  -7.762  5  A_DA7:DT12_D A 7  ? D 12 ? 20 1 
1 A DC 8  1_555 D DG 2 1_555 -0.026 -0.345 0.221 2.700  -2.751  -3.588  6  A_DC8:DG11_D A 8  ? D 11 ? 19 1 
1 A DA 9  1_555 D DT 1 1_555 -0.082 -0.070 0.182 7.750  -2.482  0.517   7  A_DA9:DT10_D A 9  ? D 10 ? 20 1 
1 A DA 10 1_555 B DT 5 1_555 0.267  -0.180 0.695 11.601 -4.330  -7.491  8  A_DA10:DT5_B A 10 ? B 5  ? 20 1 
1 A DG 11 1_555 B DC 4 1_555 0.091  -0.110 0.639 8.947  -7.738  3.053   9  A_DG11:DC4_B A 11 ? B 4  ? 19 1 
1 A DA 12 1_555 B DT 3 1_555 -0.085 -0.266 0.160 3.295  -12.036 -6.233  10 A_DA12:DT3_B A 12 ? B 3  ? 20 1 
1 A DC 13 1_555 B DG 2 1_555 -0.035 -0.212 0.412 -0.338 -15.586 3.223   11 A_DC13:DG2_B A 13 ? B 2  ? 19 1 
1 A DT 14 1_555 B DA 1 1_555 0.194  -0.257 0.620 3.209  -10.490 -6.350  12 A_DT14:DA1_B A 14 ? B 1  ? 20 1 
1 A DC 15 1_555 C DG 9 1_555 -0.075 -0.134 0.797 -6.665 -9.795  1.947   13 A_DC15:DG9_C A 15 ? C 9  ? 19 1 
1 A DC 16 1_555 C DG 8 1_555 -0.354 -0.057 0.866 -0.003 -12.168 -0.611  14 A_DC16:DG8_C A 16 ? C 8  ? 19 1 
1 A DA 17 1_555 C DT 7 1_555 0.381  -0.209 0.172 -3.093 -3.004  -6.333  15 A_DA17:DT7_C A 17 ? C 7  ? 20 1 
1 A DC 18 1_555 C DG 6 1_555 -0.061 -0.211 0.282 -5.366 -9.039  -3.216  16 A_DC18:DG6_C A 18 ? C 6  ? 19 1 
1 A DT 19 1_555 C DA 5 1_555 -1.548 -0.107 0.014 -4.184 -13.074 -2.761  17 A_DT19:DA5_C A 19 ? C 5  ? 20 1 
1 A DC 20 1_555 C DG 4 1_555 -1.034 0.439  0.221 0.121  -11.915 2.179   18 A_DC20:DG4_C A 20 ? C 4  ? 19 1 
1 A DA 21 1_555 C DT 3 1_555 1.455  0.678  0.138 -6.062 -18.400 -8.956  19 A_DA21:DT3_C A 21 ? C 3  ? 20 1 
# 
loop_
_ndb_struct_na_base_pair_step.model_number 
_ndb_struct_na_base_pair_step.i_label_asym_id_1 
_ndb_struct_na_base_pair_step.i_label_comp_id_1 
_ndb_struct_na_base_pair_step.i_label_seq_id_1 
_ndb_struct_na_base_pair_step.i_symmetry_1 
_ndb_struct_na_base_pair_step.j_label_asym_id_1 
_ndb_struct_na_base_pair_step.j_label_comp_id_1 
_ndb_struct_na_base_pair_step.j_label_seq_id_1 
_ndb_struct_na_base_pair_step.j_symmetry_1 
_ndb_struct_na_base_pair_step.i_label_asym_id_2 
_ndb_struct_na_base_pair_step.i_label_comp_id_2 
_ndb_struct_na_base_pair_step.i_label_seq_id_2 
_ndb_struct_na_base_pair_step.i_symmetry_2 
_ndb_struct_na_base_pair_step.j_label_asym_id_2 
_ndb_struct_na_base_pair_step.j_label_comp_id_2 
_ndb_struct_na_base_pair_step.j_label_seq_id_2 
_ndb_struct_na_base_pair_step.j_symmetry_2 
_ndb_struct_na_base_pair_step.shift 
_ndb_struct_na_base_pair_step.slide 
_ndb_struct_na_base_pair_step.rise 
_ndb_struct_na_base_pair_step.tilt 
_ndb_struct_na_base_pair_step.roll 
_ndb_struct_na_base_pair_step.twist 
_ndb_struct_na_base_pair_step.x_displacement 
_ndb_struct_na_base_pair_step.y_displacement 
_ndb_struct_na_base_pair_step.helical_rise 
_ndb_struct_na_base_pair_step.inclination 
_ndb_struct_na_base_pair_step.tip 
_ndb_struct_na_base_pair_step.helical_twist 
_ndb_struct_na_base_pair_step.step_number 
_ndb_struct_na_base_pair_step.step_name 
_ndb_struct_na_base_pair_step.i_auth_asym_id_1 
_ndb_struct_na_base_pair_step.i_auth_seq_id_1 
_ndb_struct_na_base_pair_step.i_PDB_ins_code_1 
_ndb_struct_na_base_pair_step.j_auth_asym_id_1 
_ndb_struct_na_base_pair_step.j_auth_seq_id_1 
_ndb_struct_na_base_pair_step.j_PDB_ins_code_1 
_ndb_struct_na_base_pair_step.i_auth_asym_id_2 
_ndb_struct_na_base_pair_step.i_auth_seq_id_2 
_ndb_struct_na_base_pair_step.i_PDB_ins_code_2 
_ndb_struct_na_base_pair_step.j_auth_asym_id_2 
_ndb_struct_na_base_pair_step.j_auth_seq_id_2 
_ndb_struct_na_base_pair_step.j_PDB_ins_code_2 
1 A DG 3  1_555 D DC 7 1_555 A DC 4  1_555 D DG 6 1_555 0.489  -1.090 3.123 1.662  7.413  32.580 -3.027 -0.596 2.834 12.994  
-2.913 33.431 1  AA_DG3DC4:DG15DC16_DD A 3  ? D 16 ? A 4  ? D 15 ? 
1 A DC 4  1_555 D DG 6 1_555 A DA 5  1_555 D DT 5 1_555 -0.638 0.376  3.153 -7.860 -5.005 35.993 1.244  -0.024 3.141 -7.937  
12.464 37.141 2  AA_DC4DA5:DT14DG15_DD A 4  ? D 15 ? A 5  ? D 14 ? 
1 A DA 5  1_555 D DT 5 1_555 A DG 6  1_555 D DC 4 1_555 -0.285 -0.817 3.369 1.309  -0.715 28.489 -1.491 0.885  3.372 -1.451  
-2.657 28.528 3  AA_DA5DG6:DC13DT14_DD A 5  ? D 14 ? A 6  ? D 13 ? 
1 A DG 6  1_555 D DC 4 1_555 A DA 7  1_555 D DT 3 1_555 -0.290 -0.908 3.597 0.240  6.128  32.023 -2.765 0.561  3.368 10.981  
-0.430 32.590 4  AA_DG6DA7:DT12DC13_DD A 6  ? D 13 ? A 7  ? D 12 ? 
1 A DA 7  1_555 D DT 3 1_555 A DC 8  1_555 D DG 2 1_555 0.407  -0.762 3.318 -4.184 1.040  36.915 -1.336 -1.199 3.232 1.636   6.579 
37.157 5  AA_DA7DC8:DG11DT12_DD A 7  ? D 12 ? A 8  ? D 11 ? 
1 A DC 8  1_555 D DG 2 1_555 A DA 9  1_555 D DT 1 1_555 -0.709 -1.589 3.123 -5.676 4.716  29.698 -3.888 0.290  2.924 9.027   
10.863 30.581 6  AA_DC8DA9:DT10DG11_DD A 8  ? D 11 ? A 9  ? D 10 ? 
1 A DA 9  1_555 D DT 1 1_555 A DA 10 1_555 B DT 5 1_555 -1.505 -0.792 3.107 -5.607 -6.620 31.707 -0.250 1.687  3.408 -11.841 
10.029 32.843 7  AA_DA9DA10:DT5DT10_BD A 9  ? D 10 ? A 10 ? B 5  ? 
1 A DA 10 1_555 B DT 5 1_555 A DG 11 1_555 B DC 4 1_555 0.543  -0.100 3.438 -0.392 3.634  31.293 -0.896 -1.077 3.398 6.708   0.724 
31.501 8  AA_DA10DG11:DC4DT5_BB A 10 ? B 5  ? A 11 ? B 4  ? 
1 A DG 11 1_555 B DC 4 1_555 A DA 12 1_555 B DT 3 1_555 -0.135 -0.615 3.333 1.592  4.662  34.399 -1.747 0.472  3.216 7.833   
-2.676 34.739 9  AA_DG11DA12:DT3DC4_BB A 11 ? B 4  ? A 12 ? B 3  ? 
1 A DA 12 1_555 B DT 3 1_555 A DC 13 1_555 B DG 2 1_555 0.947  -1.153 3.275 -1.927 -4.836 35.998 -1.162 -1.790 3.344 -7.774  3.098 
36.360 10 AA_DA12DC13:DG2DT3_BB A 12 ? B 3  ? A 13 ? B 2  ? 
1 A DC 13 1_555 B DG 2 1_555 A DT 14 1_555 B DA 1 1_555 -0.572 -1.499 3.183 -2.125 -0.042 36.451 -2.388 0.626  3.212 -0.067  3.394 
36.511 11 AA_DC13DT14:DA1DG2_BB A 13 ? B 2  ? A 14 ? B 1  ? 
1 A DT 14 1_555 B DA 1 1_555 A DC 15 1_555 C DG 9 1_555 -0.461 -0.913 3.370 -1.185 -0.183 29.662 -1.743 0.642  3.391 -0.358  2.313 
29.686 12 AA_DT14DC15:DG9DA1_CB A 14 ? B 1  ? A 15 ? C 9  ? 
1 A DC 15 1_555 C DG 9 1_555 A DC 16 1_555 C DG 8 1_555 -0.666 0.125  3.311 0.854  7.198  21.955 -2.237 1.966  3.162 18.271  
-2.168 23.107 13 AA_DC15DC16:DG8DG9_CC A 15 ? C 9  ? A 16 ? C 8  ? 
1 A DC 16 1_555 C DG 8 1_555 A DA 17 1_555 C DT 7 1_555 -0.110 2.066  3.565 3.687  -8.888 53.263 2.843  0.358  3.194 -9.824  
-4.075 54.062 14 AA_DC16DA17:DT7DG8_CC A 16 ? C 8  ? A 17 ? C 7  ? 
1 A DA 17 1_555 C DT 7 1_555 A DC 18 1_555 C DG 6 1_555 0.315  -0.638 3.341 -2.945 1.472  26.969 -1.734 -1.421 3.249 3.142   6.285 
27.166 15 AA_DA17DC18:DG6DT7_CC A 17 ? C 7  ? A 18 ? C 6  ? 
1 A DC 18 1_555 C DG 6 1_555 A DT 19 1_555 C DA 5 1_555 0.037  -0.423 3.194 4.124  4.530  28.274 -1.818 0.810  3.064 9.137   
-8.319 28.917 16 AA_DC18DT19:DA5DG6_CC A 18 ? C 6  ? A 19 ? C 5  ? 
1 A DT 19 1_555 C DA 5 1_555 A DC 20 1_555 C DG 4 1_555 0.801  0.390  3.333 1.503  1.453  34.209 0.427  -1.118 3.377 2.467   
-2.552 34.271 17 AA_DT19DC20:DG4DA5_CC A 19 ? C 5  ? A 20 ? C 4  ? 
1 A DC 20 1_555 C DG 4 1_555 A DA 21 1_555 C DT 3 1_555 -0.547 1.482  3.591 -0.282 -4.721 50.931 2.070  0.613  3.452 -5.476  0.327 
51.136 18 AA_DC20DA21:DT3DG4_CC A 20 ? C 4  ? A 21 ? C 3  ? 
# 
loop_
_pdbx_audit_support.funding_organization 
_pdbx_audit_support.country 
_pdbx_audit_support.grant_number 
_pdbx_audit_support.ordinal 
'National Science Foundation (NSF, United States)'                                         'United States' 1360635     1 
'National Institutes of Health/National Institute of General Medical Sciences (NIH/NIGMS)' 'United States' R01GM104960 2 
'National Science Foundation (NSF, United States)'                                         'United States' NSF2004250  3 
# 
_pdbx_entity_nonpoly.entity_id   5 
_pdbx_entity_nonpoly.name        'MAGNESIUM ION' 
_pdbx_entity_nonpoly.comp_id     MG 
# 
_pdbx_initial_refinement_model.id               1 
_pdbx_initial_refinement_model.entity_id_list   ? 
_pdbx_initial_refinement_model.type             'experimental model' 
_pdbx_initial_refinement_model.source_name      PDB 
_pdbx_initial_refinement_model.accession_code   5KEK 
_pdbx_initial_refinement_model.details          ? 
# 
_pdbx_struct_assembly_auth_evidence.id                     1 
_pdbx_struct_assembly_auth_evidence.assembly_id            1 
_pdbx_struct_assembly_auth_evidence.experimental_support   none 
_pdbx_struct_assembly_auth_evidence.details                ? 
# 
